data_9HMA
#
_entry.id   9HMA
#
_cell.length_a   1.00
_cell.length_b   1.00
_cell.length_c   1.00
_cell.angle_alpha   90.00
_cell.angle_beta   90.00
_cell.angle_gamma   90.00
#
_symmetry.space_group_name_H-M   'P 1'
#
loop_
_entity.id
_entity.type
_entity.pdbx_description
1 polymer Separin
2 non-polymer 'ZINC ION'
#
_entity_poly.entity_id   1
_entity_poly.type   'polypeptide(L)'
_entity_poly.pdbx_seq_one_letter_code
;MSGDYKDHDGDYKDHDIDYKDDDDKSGPGGSGGSGGGSGGGSGENLYFQGGGSGGSGMRSFKRVNFGTLLSSQKEAEELL
PDLKEFLSNPPAGFPSSRSDAERRQACDAILRACNQQLTAKLACPRHLGSLLELAELACDGYLVSTPQRPPLYLERILFV
LLRNAAAQGSPEVTLRLAQPLHACLVQCSREAAPQDYEAVARGSFSLLWKGAEALLERRAAFAARLKALSFLVLLEDEST
PCEVPHFASPTACRAVAAHQLFDASGHGLNEADADFLDDLLSRHVIRALVGERGSSSGLLSPQRALCLLELTLEHCRRFC
WSRHHDKAISAVEKAHSYLRNTNLAPSLQLCQLGVKLLQVGEEGPQAVAKLLIKASAVLSKSMEAPSPPLRALYESCQFF
LSGLERGTKRRYRLDAILSLFAFLGGYCSLLQQLRDDGVYGGSSKQQQSFLQMYFQGLHLYTVVVYDFAQGCQIVDLADL
TQLVDSCKSTVVWMLEALEGLSGQELTDHMGMTASYTSNLAYSFYSHKLYAEACAISEPLCQHLGLVKPGTYPEVPPEKL
HRCFRLQVESLKKLGKQAQGCKMVILWLAALQPCSPEHMAEPVTFWVRVKMDAARAGDKELQLKTLRDSLSGWDPETLAL
LLREELQAYKAVRADTGQERFNIICDLLELSPEETPAGAWARATHLVELAQVLCYHDFTQQTNCSALDAIREALQLLDSV
RPEAQARDQLLDDKAQALLWLYICTLEAKMQEGIERDRRAQAPGNLEEFEVNDLNYEDKLQEDRFLYSNIAFNLAADAAQ
SKCLDQALALWKELLTKGQAPAVRCLQQTAASLQILAALYQLVAKPMQALEVLLLLRIVSERLKDHSKAAGSSCHITQLL
LTLGCPSYAQLHLEEAASSLKHLDQTTDTYLLLSLTCDLLRSQLYWTHQKVTKGVSLLLSVLRDPALQKSSKAWYLLRVQ
VLQLVAAYLSLPSNNLSHSLWEQLCAQGWQTPEIALIDSHKLLRSIILLLMGSDILSTQKAAVETSFLDYGENLVQKWQV
LSEVLSCSEKLVCHLGRLGSVSEAKAFCLEALKLTTKLQIPRQCALFLVLKGELELARNDIDLCQSDLQQVLFLLESCTE
FGGVTQHLDSVKKVHLQKGKQQAQVPCPPQLPEEELFLRGPALELVATVAKEPGPIAPSTNSSPVLKTKPQPIPNFLSHS
PTCDCSLCASPVLTAVCLRWVLVTAGVRLAMGHQAQGLDLLQVVLKGCPEAAERLTQALQASLNHKTPPSLVPSLLDEIL
AQAYTLLALEGLNQPSNESLQKVLQSGLKFVAARIPHLEPWRASLLLIWALTKLGGLSCCTTQLFASSWGWQPPLIKSVP
GSEPSKTQGQKRSGRGRQKLASAPLSLNNTSQKGLEGRGLPCTPKPPDRIRQAGPHVPFTVFEEVCPTESKPEVPQAPRV
QQRVQTRLKVNFSDDSDLEDPVSAEAWLAEEPKRRGTASRGRGRARKGLSLKTDAVVAPGSAPGNPGLNGRSRRAKKVAS
RHCEERRPQRASDQARPGPEIMRTIPEEELTDNWRKMSFEILRGSDGEDSASGGKTPAPGPEAASGEWELLRLDSSKKKL
PSPCPDKESDKDLGPRLQLPSAPVATGLSTLDSICDSLSVAFRGISHCPPSGLYAHLCRFLALCLGHRDPYATAFLVTES
VSITCRHQLLTHLHRQLSKAQKHRGSLEIADQLQGLSLQEMPGDVPLARIQRLFSFRALESGHFPQPEKESFQERLALIP
SGVTVCVLALATLQPGTVGNTLLLTRLEKDSPPVSVQIPTGQNKLHLRSVLNEFDAIQKAQKENSSCTDKREWWTGRLAL
DHRMEVLIASLEKSVLGCWKGLLLPSSEEPGPAQEASRLQELLQDCGWKYPDRTLLKIMLSGAGALTPQDIQALAYGLCP
TQPERAQELLNEAVGRLQGLTVPSNSHLVLVLDKDLQKLPWESMPSLQALPVTRLPSFRFLLSYSIIKEYGASPVLSQGV
DPRSTFYVLNPHNNLSSTEEQFRANFSSEAGWRGVVGEVPRPEQVQEALTKHDLYIYAGHGAGARFLDGQAVLRLSCRAV
ALLFGCSSAALAVHGNLEGAGIVLKYIMAGCPLFLGNLWDVTDRDIDRYTEALLQGWLGAGPGAPLLYYVNQARQAPRLK
YLIGAAPIAYGLPVSLRSSLAEENLYFQSWSHPQFEKGGGSGGGSGGGSWSHPQFEK
;
_entity_poly.pdbx_strand_id   A
#
loop_
_chem_comp.id
_chem_comp.type
_chem_comp.name
_chem_comp.formula
ZN non-polymer 'ZINC ION' 'Zn 2'
#
# COMPACT_ATOMS: atom_id res chain seq x y z
N PRO A 386 22.96 -76.88 46.01
CA PRO A 386 24.27 -76.87 45.37
C PRO A 386 24.15 -77.12 43.87
N SER A 387 24.96 -78.05 43.36
CA SER A 387 24.91 -78.37 41.94
C SER A 387 23.56 -78.95 41.55
N PRO A 388 23.00 -79.82 42.40
CA PRO A 388 21.67 -80.36 42.13
C PRO A 388 20.63 -79.24 42.14
N PRO A 389 20.75 -78.31 43.09
CA PRO A 389 19.89 -77.13 43.08
C PRO A 389 20.14 -76.29 41.85
N LEU A 390 21.40 -76.15 41.44
CA LEU A 390 21.72 -75.46 40.21
C LEU A 390 21.11 -76.18 39.01
N ARG A 391 21.18 -77.51 39.00
CA ARG A 391 20.47 -78.28 37.99
C ARG A 391 18.97 -78.07 38.12
N ALA A 392 18.47 -78.06 39.36
CA ALA A 392 17.07 -77.71 39.59
C ALA A 392 16.80 -76.26 39.22
N LEU A 393 17.81 -75.40 39.36
CA LEU A 393 17.65 -74.02 38.94
C LEU A 393 17.41 -73.92 37.44
N TYR A 394 17.91 -74.89 36.67
CA TYR A 394 17.55 -74.97 35.26
C TYR A 394 16.09 -75.38 35.10
N GLU A 395 15.65 -76.37 35.88
CA GLU A 395 14.23 -76.72 35.89
C GLU A 395 13.38 -75.58 36.42
N SER A 396 13.88 -74.86 37.43
CA SER A 396 13.18 -73.69 37.92
C SER A 396 13.08 -72.61 36.86
N CYS A 397 14.13 -72.43 36.06
CA CYS A 397 14.09 -71.46 34.98
C CYS A 397 13.10 -71.87 33.90
N GLN A 398 13.04 -73.18 33.60
CA GLN A 398 12.05 -73.66 32.64
C GLN A 398 10.63 -73.42 33.16
N PHE A 399 10.40 -73.67 34.45
CA PHE A 399 9.09 -73.41 35.03
C PHE A 399 8.77 -71.92 35.01
N PHE A 400 9.78 -71.07 35.26
CA PHE A 400 9.57 -69.63 35.18
C PHE A 400 9.24 -69.20 33.76
N LEU A 401 9.87 -69.80 32.77
CA LEU A 401 9.54 -69.51 31.38
C LEU A 401 8.11 -69.93 31.06
N SER A 402 7.69 -71.09 31.56
CA SER A 402 6.31 -71.52 31.36
C SER A 402 5.33 -70.56 32.02
N GLY A 403 5.66 -70.09 33.23
CA GLY A 403 4.80 -69.13 33.91
C GLY A 403 4.74 -67.81 33.16
N LEU A 404 5.88 -67.35 32.63
CA LEU A 404 5.90 -66.12 31.83
C LEU A 404 5.08 -66.28 30.57
N GLU A 405 5.10 -67.47 29.97
CA GLU A 405 4.19 -67.76 28.86
C GLU A 405 2.75 -67.66 29.33
N ARG A 406 2.45 -68.17 30.52
CA ARG A 406 1.14 -67.96 31.12
C ARG A 406 0.94 -66.50 31.51
N GLY A 407 2.01 -65.81 31.86
CA GLY A 407 1.96 -64.40 32.22
C GLY A 407 2.18 -63.47 31.03
N THR A 408 2.33 -64.02 29.82
CA THR A 408 2.48 -63.20 28.63
C THR A 408 1.27 -62.31 28.43
N LYS A 409 1.51 -61.01 28.29
CA LYS A 409 0.50 -59.95 28.21
C LYS A 409 -0.35 -59.85 29.46
N ARG A 410 -0.04 -60.62 30.51
CA ARG A 410 -0.79 -60.57 31.77
C ARG A 410 -0.03 -59.68 32.74
N ARG A 411 -0.51 -58.45 32.87
CA ARG A 411 0.10 -57.50 33.80
C ARG A 411 -0.03 -58.00 35.23
N TYR A 412 1.10 -58.34 35.84
CA TYR A 412 1.11 -58.88 37.19
C TYR A 412 0.68 -57.86 38.24
N ARG A 413 0.69 -56.56 37.91
CA ARG A 413 0.30 -55.51 38.84
C ARG A 413 1.06 -55.63 40.16
N LEU A 414 0.33 -55.80 41.26
CA LEU A 414 0.98 -55.98 42.55
C LEU A 414 1.76 -57.28 42.63
N ASP A 415 1.33 -58.31 41.88
CA ASP A 415 2.06 -59.57 41.87
C ASP A 415 3.40 -59.44 41.17
N ALA A 416 3.65 -58.32 40.48
CA ALA A 416 4.98 -58.08 39.95
C ALA A 416 6.01 -57.99 41.08
N ILE A 417 5.58 -57.57 42.27
CA ILE A 417 6.49 -57.56 43.42
C ILE A 417 6.89 -58.97 43.80
N LEU A 418 5.94 -59.91 43.82
CA LEU A 418 6.28 -61.31 44.09
C LEU A 418 7.14 -61.89 42.98
N SER A 419 6.86 -61.53 41.74
CA SER A 419 7.69 -61.97 40.63
C SER A 419 9.12 -61.44 40.78
N LEU A 420 9.26 -60.19 41.24
CA LEU A 420 10.58 -59.63 41.47
C LEU A 420 11.28 -60.29 42.64
N PHE A 421 10.54 -60.70 43.66
CA PHE A 421 11.14 -61.44 44.76
C PHE A 421 11.66 -62.80 44.27
N ALA A 422 10.87 -63.48 43.44
CA ALA A 422 11.33 -64.74 42.85
C ALA A 422 12.55 -64.50 41.97
N PHE A 423 12.56 -63.40 41.22
CA PHE A 423 13.72 -63.07 40.40
C PHE A 423 14.93 -62.75 41.25
N LEU A 424 14.73 -62.20 42.44
CA LEU A 424 15.85 -61.92 43.34
C LEU A 424 16.41 -63.22 43.91
N GLY A 425 15.53 -64.17 44.24
CA GLY A 425 16.01 -65.49 44.62
C GLY A 425 16.79 -66.14 43.49
N GLY A 426 16.28 -66.00 42.25
CA GLY A 426 17.00 -66.52 41.09
C GLY A 426 18.32 -65.79 40.89
N TYR A 427 18.39 -64.52 41.26
CA TYR A 427 19.63 -63.76 41.12
C TYR A 427 20.66 -64.20 42.16
N CYS A 428 20.20 -64.52 43.37
CA CYS A 428 21.10 -65.12 44.35
C CYS A 428 21.61 -66.47 43.86
N SER A 429 20.72 -67.27 43.27
CA SER A 429 21.14 -68.54 42.68
C SER A 429 22.13 -68.31 41.53
N LEU A 430 21.93 -67.23 40.77
CA LEU A 430 22.83 -66.92 39.66
C LEU A 430 24.19 -66.48 40.16
N LEU A 431 24.23 -65.76 41.29
CA LEU A 431 25.50 -65.42 41.91
C LEU A 431 26.22 -66.68 42.39
N GLN A 432 25.46 -67.61 42.98
CA GLN A 432 26.06 -68.88 43.38
C GLN A 432 26.58 -69.66 42.18
N GLN A 433 25.85 -69.61 41.06
CA GLN A 433 26.29 -70.31 39.85
C GLN A 433 27.54 -69.64 39.26
N LEU A 434 27.58 -68.31 39.28
CA LEU A 434 28.77 -67.61 38.81
C LEU A 434 29.98 -67.94 39.66
N ARG A 435 29.78 -68.10 40.97
CA ARG A 435 30.83 -68.64 41.82
C ARG A 435 31.21 -70.04 41.38
N ASP A 436 30.20 -70.86 41.03
CA ASP A 436 30.48 -72.21 40.54
C ASP A 436 30.87 -72.20 39.07
N ASP A 437 30.62 -71.09 38.38
CA ASP A 437 30.99 -71.02 36.96
C ASP A 437 32.49 -71.13 36.77
N GLY A 438 33.27 -70.46 37.62
CA GLY A 438 34.72 -70.49 37.57
C GLY A 438 35.26 -70.10 36.20
N LYS A 445 32.39 -70.69 27.61
CA LYS A 445 31.24 -70.00 28.17
C LYS A 445 30.89 -70.54 29.56
N GLN A 446 31.91 -70.67 30.41
CA GLN A 446 31.70 -71.17 31.76
C GLN A 446 30.77 -70.26 32.55
N GLN A 447 31.03 -68.96 32.51
CA GLN A 447 30.15 -67.97 33.12
C GLN A 447 29.32 -67.22 32.10
N GLN A 448 29.68 -67.29 30.81
CA GLN A 448 28.95 -66.57 29.78
C GLN A 448 27.53 -67.13 29.63
N SER A 449 27.36 -68.43 29.80
CA SER A 449 26.03 -69.03 29.72
C SER A 449 25.12 -68.48 30.81
N PHE A 450 25.63 -68.43 32.06
CA PHE A 450 24.85 -67.87 33.15
C PHE A 450 24.58 -66.39 32.94
N LEU A 451 25.57 -65.67 32.41
CA LEU A 451 25.37 -64.24 32.13
C LEU A 451 24.29 -64.04 31.08
N GLN A 452 24.28 -64.88 30.04
CA GLN A 452 23.25 -64.77 29.01
C GLN A 452 21.87 -65.13 29.56
N MET A 453 21.80 -66.13 30.42
CA MET A 453 20.52 -66.48 31.04
C MET A 453 20.00 -65.33 31.90
N TYR A 454 20.90 -64.72 32.69
CA TYR A 454 20.49 -63.58 33.51
C TYR A 454 20.08 -62.40 32.64
N PHE A 455 20.77 -62.20 31.51
CA PHE A 455 20.40 -61.12 30.60
C PHE A 455 19.02 -61.36 29.98
N GLN A 456 18.73 -62.61 29.62
CA GLN A 456 17.42 -62.92 29.08
C GLN A 456 16.32 -62.72 30.13
N GLY A 457 16.59 -63.12 31.37
CA GLY A 457 15.63 -62.89 32.44
C GLY A 457 15.41 -61.40 32.68
N LEU A 458 16.49 -60.62 32.65
CA LEU A 458 16.36 -59.17 32.81
C LEU A 458 15.60 -58.55 31.66
N HIS A 459 15.80 -59.06 30.44
CA HIS A 459 15.06 -58.55 29.29
C HIS A 459 13.57 -58.85 29.43
N LEU A 460 13.23 -60.05 29.90
CA LEU A 460 11.82 -60.38 30.14
C LEU A 460 11.23 -59.48 31.22
N TYR A 461 11.97 -59.24 32.29
CA TYR A 461 11.49 -58.35 33.35
C TYR A 461 11.31 -56.94 32.82
N THR A 462 12.24 -56.48 31.97
CA THR A 462 12.13 -55.15 31.39
C THR A 462 10.91 -55.05 30.48
N VAL A 463 10.63 -56.10 29.69
CA VAL A 463 9.45 -56.09 28.85
C VAL A 463 8.18 -56.05 29.69
N VAL A 464 8.16 -56.81 30.80
CA VAL A 464 7.00 -56.78 31.68
C VAL A 464 6.81 -55.40 32.30
N VAL A 465 7.91 -54.78 32.74
CA VAL A 465 7.83 -53.44 33.30
C VAL A 465 7.39 -52.43 32.27
N TYR A 466 7.83 -52.60 31.01
CA TYR A 466 7.41 -51.70 29.94
C TYR A 466 5.91 -51.83 29.68
N ASP A 467 5.40 -53.06 29.70
CA ASP A 467 3.95 -53.25 29.56
C ASP A 467 3.21 -52.61 30.72
N PHE A 468 3.73 -52.78 31.94
CA PHE A 468 3.10 -52.19 33.12
C PHE A 468 3.07 -50.68 33.02
N ALA A 469 4.16 -50.07 32.54
CA ALA A 469 4.20 -48.62 32.36
C ALA A 469 3.30 -48.18 31.22
N GLN A 470 3.11 -49.02 30.21
CA GLN A 470 2.16 -48.72 29.16
C GLN A 470 0.74 -48.69 29.72
N GLY A 471 0.44 -49.57 30.67
CA GLY A 471 -0.83 -49.57 31.38
C GLY A 471 -0.67 -48.99 32.78
N CYS A 472 0.18 -47.98 32.93
CA CYS A 472 0.49 -47.46 34.26
C CYS A 472 -0.67 -46.66 34.85
N GLN A 473 -1.13 -45.64 34.13
CA GLN A 473 -2.11 -44.69 34.64
C GLN A 473 -1.59 -44.04 35.93
N ILE A 474 -2.51 -43.63 36.81
CA ILE A 474 -2.10 -42.93 38.02
C ILE A 474 -1.51 -43.89 39.05
N VAL A 475 -2.10 -45.08 39.18
CA VAL A 475 -1.78 -45.95 40.30
C VAL A 475 -0.51 -46.78 40.09
N ASP A 476 -0.35 -47.40 38.91
CA ASP A 476 0.76 -48.33 38.73
C ASP A 476 2.11 -47.61 38.73
N LEU A 477 2.08 -46.28 38.64
CA LEU A 477 3.30 -45.51 38.79
C LEU A 477 3.92 -45.72 40.16
N ALA A 478 3.09 -45.77 41.20
CA ALA A 478 3.58 -46.11 42.53
C ALA A 478 4.14 -47.52 42.56
N ASP A 479 3.46 -48.46 41.90
CA ASP A 479 4.00 -49.80 41.75
C ASP A 479 5.23 -49.79 40.85
N LEU A 480 5.24 -48.92 39.84
CA LEU A 480 6.41 -48.75 39.00
C LEU A 480 7.60 -48.27 39.81
N THR A 481 7.36 -47.60 40.94
CA THR A 481 8.47 -47.19 41.81
C THR A 481 9.19 -48.39 42.39
N GLN A 482 8.44 -49.35 42.94
CA GLN A 482 9.06 -50.56 43.45
C GLN A 482 9.67 -51.39 42.33
N LEU A 483 8.99 -51.45 41.19
CA LEU A 483 9.55 -52.15 40.03
C LEU A 483 10.87 -51.52 39.60
N VAL A 484 10.97 -50.19 39.67
CA VAL A 484 12.19 -49.50 39.27
C VAL A 484 13.28 -49.67 40.33
N ASP A 485 12.90 -49.79 41.60
CA ASP A 485 13.90 -50.10 42.63
C ASP A 485 14.50 -51.48 42.39
N SER A 486 13.66 -52.46 42.09
CA SER A 486 14.15 -53.80 41.76
C SER A 486 15.00 -53.76 40.50
N CYS A 487 14.57 -53.01 39.49
CA CYS A 487 15.32 -52.92 38.25
C CYS A 487 16.63 -52.18 38.45
N LYS A 488 16.69 -51.26 39.42
CA LYS A 488 17.93 -50.57 39.71
C LYS A 488 18.92 -51.48 40.42
N SER A 489 18.42 -52.32 41.33
CA SER A 489 19.28 -53.36 41.91
C SER A 489 19.80 -54.29 40.83
N THR A 490 18.92 -54.70 39.91
CA THR A 490 19.34 -55.57 38.82
C THR A 490 20.33 -54.88 37.89
N VAL A 491 20.17 -53.57 37.69
CA VAL A 491 21.07 -52.82 36.82
C VAL A 491 22.44 -52.67 37.47
N VAL A 492 22.47 -52.47 38.79
CA VAL A 492 23.75 -52.47 39.50
C VAL A 492 24.44 -53.82 39.39
N TRP A 493 23.66 -54.91 39.52
CA TRP A 493 24.23 -56.24 39.35
C TRP A 493 24.76 -56.43 37.92
N MET A 494 24.01 -55.95 36.93
CA MET A 494 24.45 -56.08 35.54
C MET A 494 25.71 -55.27 35.27
N LEU A 495 25.80 -54.07 35.85
CA LEU A 495 27.01 -53.26 35.71
C LEU A 495 28.21 -53.95 36.35
N GLU A 496 28.00 -54.55 37.53
CA GLU A 496 29.07 -55.32 38.16
C GLU A 496 29.48 -56.51 37.29
N ALA A 497 28.52 -57.20 36.69
CA ALA A 497 28.82 -58.35 35.85
C ALA A 497 29.56 -57.93 34.58
N LEU A 498 29.23 -56.75 34.04
CA LEU A 498 29.84 -56.26 32.81
C LEU A 498 31.31 -55.93 33.03
N GLU A 499 31.73 -55.83 34.29
CA GLU A 499 33.13 -55.60 34.58
C GLU A 499 33.96 -56.80 34.14
N GLY A 500 35.18 -56.51 33.67
CA GLY A 500 36.10 -57.54 33.19
C GLY A 500 35.48 -58.37 32.07
N LEU A 501 34.80 -57.69 31.15
CA LEU A 501 34.20 -58.34 30.00
C LEU A 501 35.18 -58.50 28.84
N SER A 502 36.46 -58.20 29.07
CA SER A 502 37.52 -58.34 28.07
C SER A 502 37.20 -57.59 26.78
N GLY A 503 36.92 -58.32 25.71
CA GLY A 503 36.60 -57.74 24.42
C GLY A 503 35.39 -58.45 23.85
N GLN A 504 34.82 -57.88 22.79
CA GLN A 504 33.63 -58.40 22.13
C GLN A 504 32.46 -58.42 23.12
N GLU A 505 32.56 -59.25 24.16
CA GLU A 505 31.58 -59.21 25.24
C GLU A 505 31.56 -57.85 25.91
N LEU A 506 32.71 -57.16 25.93
CA LEU A 506 32.74 -55.77 26.38
C LEU A 506 31.90 -54.87 25.49
N THR A 507 31.66 -55.27 24.25
CA THR A 507 30.69 -54.60 23.38
C THR A 507 29.46 -55.43 23.10
N ASP A 508 29.30 -56.57 23.78
CA ASP A 508 28.12 -57.42 23.65
C ASP A 508 27.36 -57.55 24.97
N HIS A 509 28.03 -57.97 26.04
CA HIS A 509 27.37 -58.01 27.35
C HIS A 509 27.08 -56.60 27.85
N MET A 510 28.04 -55.70 27.72
CA MET A 510 27.78 -54.30 28.03
C MET A 510 26.74 -53.72 27.09
N GLY A 511 26.69 -54.21 25.84
CA GLY A 511 25.64 -53.78 24.92
C GLY A 511 24.27 -54.21 25.40
N MET A 512 24.14 -55.44 25.89
CA MET A 512 22.86 -55.91 26.43
C MET A 512 22.47 -55.11 27.67
N THR A 513 23.45 -54.83 28.53
CA THR A 513 23.19 -53.99 29.71
C THR A 513 22.71 -52.61 29.29
N ALA A 514 23.35 -52.02 28.28
CA ALA A 514 22.97 -50.71 27.80
C ALA A 514 21.57 -50.72 27.18
N SER A 515 21.25 -51.78 26.44
CA SER A 515 19.92 -51.89 25.84
C SER A 515 18.85 -52.01 26.91
N TYR A 516 19.10 -52.83 27.94
CA TYR A 516 18.14 -52.94 29.04
C TYR A 516 17.98 -51.61 29.77
N THR A 517 19.10 -50.92 30.01
CA THR A 517 19.04 -49.62 30.67
C THR A 517 18.27 -48.62 29.82
N SER A 518 18.47 -48.65 28.50
CA SER A 518 17.77 -47.74 27.61
C SER A 518 16.27 -48.01 27.62
N ASN A 519 15.89 -49.29 27.60
CA ASN A 519 14.47 -49.64 27.65
C ASN A 519 13.85 -49.17 28.97
N LEU A 520 14.54 -49.42 30.07
CA LEU A 520 14.03 -49.00 31.38
C LEU A 520 13.92 -47.49 31.46
N ALA A 521 14.92 -46.77 30.94
CA ALA A 521 14.90 -45.31 30.97
C ALA A 521 13.77 -44.76 30.11
N TYR A 522 13.56 -45.36 28.94
CA TYR A 522 12.45 -44.93 28.09
C TYR A 522 11.11 -45.14 28.79
N SER A 523 10.94 -46.31 29.43
CA SER A 523 9.69 -46.59 30.14
C SER A 523 9.49 -45.61 31.30
N PHE A 524 10.55 -45.33 32.05
CA PHE A 524 10.42 -44.45 33.21
C PHE A 524 10.18 -43.01 32.81
N TYR A 525 10.96 -42.50 31.85
CA TYR A 525 10.82 -41.11 31.43
C TYR A 525 9.49 -40.88 30.72
N SER A 526 9.05 -41.85 29.92
CA SER A 526 7.74 -41.75 29.29
C SER A 526 6.62 -41.68 30.32
N HIS A 527 6.86 -42.18 31.53
CA HIS A 527 5.91 -42.09 32.64
C HIS A 527 6.14 -40.87 33.50
N LYS A 528 6.94 -39.90 33.04
CA LYS A 528 7.23 -38.66 33.75
C LYS A 528 7.91 -38.90 35.10
N LEU A 529 8.57 -40.04 35.25
CA LEU A 529 9.33 -40.34 36.47
C LEU A 529 10.78 -39.90 36.31
N TYR A 530 10.98 -38.58 36.33
CA TYR A 530 12.31 -38.02 36.11
C TYR A 530 13.28 -38.44 37.20
N ALA A 531 12.85 -38.37 38.46
CA ALA A 531 13.73 -38.76 39.56
C ALA A 531 14.08 -40.24 39.48
N GLU A 532 13.09 -41.08 39.19
CA GLU A 532 13.36 -42.52 39.09
C GLU A 532 14.28 -42.83 37.92
N ALA A 533 14.05 -42.19 36.78
CA ALA A 533 14.92 -42.39 35.62
C ALA A 533 16.34 -41.93 35.91
N CYS A 534 16.49 -40.77 36.58
CA CYS A 534 17.81 -40.28 36.93
C CYS A 534 18.51 -41.24 37.88
N ALA A 535 17.78 -41.77 38.86
CA ALA A 535 18.38 -42.73 39.80
C ALA A 535 18.79 -44.00 39.09
N ILE A 536 18.00 -44.46 38.11
CA ILE A 536 18.27 -45.71 37.43
C ILE A 536 19.37 -45.53 36.39
N SER A 537 19.64 -44.28 36.00
CA SER A 537 20.64 -44.03 34.97
C SER A 537 21.94 -43.49 35.53
N GLU A 538 21.95 -43.08 36.80
CA GLU A 538 23.15 -42.52 37.39
C GLU A 538 24.35 -43.46 37.35
N PRO A 539 24.22 -44.76 37.68
CA PRO A 539 25.41 -45.62 37.66
C PRO A 539 26.05 -45.74 36.29
N LEU A 540 25.25 -45.66 35.23
CA LEU A 540 25.78 -45.87 33.86
C LEU A 540 26.74 -44.72 33.47
N CYS A 541 26.20 -43.55 33.16
CA CYS A 541 27.04 -42.42 32.66
C CYS A 541 28.18 -42.12 33.65
N GLN A 542 27.93 -42.24 34.96
CA GLN A 542 28.97 -41.88 35.96
C GLN A 542 30.28 -42.60 35.59
N HIS A 543 30.24 -43.93 35.54
CA HIS A 543 31.45 -44.73 35.19
C HIS A 543 31.78 -44.54 33.71
N LEU A 544 30.75 -44.44 32.88
CA LEU A 544 30.97 -44.22 31.42
C LEU A 544 31.91 -43.02 31.26
N GLY A 545 31.50 -41.85 31.75
CA GLY A 545 32.33 -40.64 31.60
C GLY A 545 33.64 -40.77 32.33
N LEU A 546 33.62 -41.30 33.56
CA LEU A 546 34.86 -41.41 34.37
C LEU A 546 35.86 -42.32 33.65
N VAL A 547 35.39 -43.38 32.98
CA VAL A 547 36.31 -44.35 32.33
C VAL A 547 37.15 -43.63 31.26
N LYS A 548 38.35 -44.15 30.97
CA LYS A 548 39.23 -43.55 29.94
C LYS A 548 38.67 -43.84 28.54
N PRO A 549 39.20 -43.20 27.47
CA PRO A 549 38.63 -43.39 26.13
C PRO A 549 38.65 -44.83 25.66
N GLY A 550 39.64 -45.61 26.10
CA GLY A 550 39.74 -47.02 25.71
C GLY A 550 38.48 -47.77 26.08
N THR A 551 37.91 -47.45 27.26
CA THR A 551 36.67 -48.12 27.71
C THR A 551 35.51 -47.64 26.87
N TYR A 552 34.48 -48.47 26.70
CA TYR A 552 33.30 -48.11 25.87
C TYR A 552 33.79 -47.74 24.47
N PRO A 553 34.81 -48.45 23.93
CA PRO A 553 35.29 -48.15 22.59
C PRO A 553 34.29 -48.50 21.52
N GLU A 554 34.21 -47.68 20.47
CA GLU A 554 33.29 -47.94 19.36
C GLU A 554 31.90 -48.36 19.85
N VAL A 555 31.49 -47.84 21.01
CA VAL A 555 30.17 -48.13 21.57
C VAL A 555 29.12 -47.47 20.68
N PRO A 556 27.90 -47.96 20.65
CA PRO A 556 26.87 -47.34 19.81
C PRO A 556 26.62 -45.90 20.22
N PRO A 557 26.97 -44.95 19.36
CA PRO A 557 26.73 -43.54 19.72
C PRO A 557 25.27 -43.22 19.96
N GLU A 558 24.36 -43.82 19.19
CA GLU A 558 22.94 -43.58 19.40
C GLU A 558 22.48 -44.10 20.75
N LYS A 559 22.92 -45.31 21.12
CA LYS A 559 22.59 -45.85 22.44
C LYS A 559 23.20 -44.98 23.54
N LEU A 560 24.45 -44.56 23.34
CA LEU A 560 25.06 -43.63 24.29
C LEU A 560 24.31 -42.30 24.30
N HIS A 561 23.91 -41.82 23.12
CA HIS A 561 23.12 -40.60 23.04
C HIS A 561 21.77 -40.78 23.73
N ARG A 562 21.14 -41.94 23.53
CA ARG A 562 19.79 -42.16 24.05
C ARG A 562 19.76 -42.02 25.57
N CYS A 563 20.69 -42.67 26.27
CA CYS A 563 20.76 -42.53 27.72
C CYS A 563 21.17 -41.11 28.11
N PHE A 564 22.20 -40.58 27.44
CA PHE A 564 22.69 -39.25 27.78
C PHE A 564 21.64 -38.19 27.50
N ARG A 565 20.95 -38.28 26.35
CA ARG A 565 19.91 -37.31 26.03
C ARG A 565 18.78 -37.38 27.02
N LEU A 566 18.37 -38.59 27.41
CA LEU A 566 17.30 -38.75 28.39
C LEU A 566 17.68 -38.13 29.73
N GLN A 567 18.90 -38.41 30.20
CA GLN A 567 19.34 -37.86 31.47
C GLN A 567 19.43 -36.34 31.42
N VAL A 568 19.98 -35.79 30.33
CA VAL A 568 20.12 -34.34 30.20
C VAL A 568 18.75 -33.67 30.14
N GLU A 569 17.82 -34.28 29.40
CA GLU A 569 16.47 -33.73 29.32
C GLU A 569 15.77 -33.79 30.68
N SER A 570 15.97 -34.86 31.43
CA SER A 570 15.39 -34.96 32.76
C SER A 570 15.96 -33.89 33.68
N LEU A 571 17.29 -33.67 33.60
CA LEU A 571 17.91 -32.63 34.41
C LEU A 571 17.39 -31.25 34.03
N LYS A 572 17.23 -30.99 32.72
CA LYS A 572 16.73 -29.70 32.27
C LYS A 572 15.29 -29.47 32.72
N LYS A 573 14.44 -30.50 32.58
CA LYS A 573 13.06 -30.37 33.02
C LYS A 573 12.98 -30.14 34.52
N LEU A 574 13.79 -30.85 35.30
CA LEU A 574 13.90 -30.61 36.73
C LEU A 574 14.71 -29.35 37.05
N GLY A 575 15.34 -28.75 36.05
CA GLY A 575 16.16 -27.56 36.32
C GLY A 575 17.37 -27.85 37.18
N LYS A 576 18.06 -28.97 36.90
CA LYS A 576 19.24 -29.33 37.68
C LYS A 576 20.38 -28.34 37.51
N GLN A 577 20.35 -27.52 36.45
CA GLN A 577 21.36 -26.48 36.22
C GLN A 577 22.76 -27.07 36.17
N ALA A 578 23.49 -26.99 37.30
CA ALA A 578 24.88 -27.41 37.33
C ALA A 578 25.02 -28.89 37.00
N GLN A 579 24.12 -29.72 37.53
CA GLN A 579 24.20 -31.15 37.29
C GLN A 579 24.06 -31.45 35.80
N GLY A 580 23.16 -30.75 35.12
CA GLY A 580 23.01 -30.94 33.68
C GLY A 580 24.27 -30.56 32.93
N CYS A 581 24.90 -29.45 33.32
CA CYS A 581 26.13 -29.02 32.66
C CYS A 581 27.25 -30.04 32.85
N LYS A 582 27.40 -30.57 34.07
CA LYS A 582 28.44 -31.57 34.31
C LYS A 582 28.12 -32.87 33.58
N MET A 583 26.85 -33.23 33.48
CA MET A 583 26.49 -34.41 32.70
C MET A 583 26.79 -34.22 31.22
N VAL A 584 26.58 -33.00 30.72
CA VAL A 584 26.96 -32.70 29.34
C VAL A 584 28.47 -32.79 29.16
N ILE A 585 29.22 -32.34 30.16
CA ILE A 585 30.68 -32.46 30.11
C ILE A 585 31.09 -33.93 30.05
N LEU A 586 30.47 -34.76 30.88
CA LEU A 586 30.76 -36.19 30.85
C LEU A 586 30.37 -36.81 29.50
N TRP A 587 29.25 -36.37 28.95
CA TRP A 587 28.79 -36.81 27.64
C TRP A 587 29.83 -36.50 26.57
N LEU A 588 30.35 -35.28 26.58
CA LEU A 588 31.38 -34.90 25.62
C LEU A 588 32.66 -35.72 25.83
N ALA A 589 33.04 -35.93 27.09
CA ALA A 589 34.26 -36.68 27.38
C ALA A 589 34.17 -38.11 26.89
N ALA A 590 33.03 -38.76 27.12
CA ALA A 590 32.87 -40.16 26.73
C ALA A 590 32.92 -40.32 25.22
N LEU A 591 32.30 -39.40 24.49
CA LEU A 591 32.22 -39.50 23.03
C LEU A 591 33.43 -38.87 22.34
N GLN A 592 34.46 -38.48 23.10
CA GLN A 592 35.58 -37.67 22.62
C GLN A 592 36.23 -38.19 21.33
N PRO A 593 36.59 -39.49 21.22
CA PRO A 593 37.30 -39.93 20.03
C PRO A 593 36.39 -40.14 18.82
N CYS A 594 35.82 -39.06 18.30
CA CYS A 594 34.95 -39.15 17.13
C CYS A 594 34.84 -37.79 16.47
N SER A 595 34.10 -37.75 15.37
CA SER A 595 33.98 -36.55 14.56
C SER A 595 32.94 -35.61 15.17
N PRO A 596 33.07 -34.29 14.94
CA PRO A 596 32.25 -33.32 15.69
C PRO A 596 30.76 -33.38 15.46
N GLU A 597 30.29 -33.99 14.37
CA GLU A 597 28.84 -34.07 14.15
C GLU A 597 28.16 -34.88 15.26
N HIS A 598 28.92 -35.78 15.88
CA HIS A 598 28.35 -36.55 17.02
C HIS A 598 28.31 -35.63 18.24
N MET A 599 29.14 -34.58 18.24
CA MET A 599 29.20 -33.65 19.39
C MET A 599 28.14 -32.55 19.22
N ALA A 600 27.47 -32.50 18.08
CA ALA A 600 26.51 -31.40 17.82
C ALA A 600 25.41 -31.38 18.88
N GLU A 601 24.81 -32.53 19.18
CA GLU A 601 23.67 -32.57 20.14
C GLU A 601 24.12 -32.09 21.53
N PRO A 602 25.20 -32.61 22.14
CA PRO A 602 25.65 -32.10 23.42
C PRO A 602 25.79 -30.59 23.38
N VAL A 603 26.48 -30.08 22.36
CA VAL A 603 26.69 -28.61 22.23
C VAL A 603 25.32 -27.91 22.23
N THR A 604 24.40 -28.37 21.38
CA THR A 604 23.06 -27.77 21.37
C THR A 604 22.43 -27.80 22.75
N PHE A 605 22.59 -28.92 23.47
CA PHE A 605 22.05 -28.98 24.83
C PHE A 605 22.77 -28.01 25.76
N TRP A 606 24.08 -27.87 25.59
CA TRP A 606 24.84 -26.90 26.38
C TRP A 606 24.34 -25.49 26.14
N VAL A 607 24.13 -25.14 24.87
CA VAL A 607 23.63 -23.80 24.53
C VAL A 607 22.23 -23.60 25.12
N ARG A 608 21.40 -24.63 25.02
CA ARG A 608 20.06 -24.54 25.59
C ARG A 608 20.10 -24.28 27.09
N VAL A 609 20.90 -25.07 27.81
CA VAL A 609 20.97 -24.92 29.26
C VAL A 609 21.55 -23.56 29.63
N LYS A 610 22.56 -23.10 28.87
CA LYS A 610 23.14 -21.78 29.12
C LYS A 610 22.09 -20.70 28.93
N MET A 611 21.25 -20.81 27.91
CA MET A 611 20.30 -19.73 27.65
C MET A 611 19.14 -19.79 28.64
N ASP A 612 18.81 -20.99 29.15
CA ASP A 612 17.87 -21.07 30.25
C ASP A 612 18.44 -20.40 31.50
N ALA A 613 19.72 -20.61 31.77
CA ALA A 613 20.38 -19.87 32.84
C ALA A 613 20.33 -18.37 32.56
N ALA A 614 20.36 -17.99 31.28
CA ALA A 614 20.29 -16.58 30.92
C ALA A 614 18.92 -16.00 31.25
N ARG A 615 17.84 -16.68 30.85
CA ARG A 615 16.51 -16.19 31.26
C ARG A 615 16.37 -16.20 32.77
N ALA A 616 17.00 -17.16 33.45
CA ALA A 616 16.89 -17.27 34.90
C ALA A 616 17.75 -16.25 35.63
N GLY A 617 18.55 -15.46 34.91
CA GLY A 617 19.42 -14.48 35.52
C GLY A 617 20.77 -15.01 35.92
N ASP A 618 21.02 -16.31 35.77
CA ASP A 618 22.35 -16.85 36.08
C ASP A 618 23.37 -16.33 35.08
N LYS A 619 24.53 -15.95 35.59
CA LYS A 619 25.65 -15.53 34.76
C LYS A 619 26.92 -16.33 35.00
N GLU A 620 27.05 -16.98 36.16
CA GLU A 620 28.23 -17.77 36.44
C GLU A 620 28.38 -18.92 35.44
N LEU A 621 27.26 -19.53 35.06
CA LEU A 621 27.31 -20.55 34.01
C LEU A 621 27.81 -19.95 32.70
N GLN A 622 27.32 -18.77 32.34
CA GLN A 622 27.78 -18.11 31.12
C GLN A 622 29.26 -17.77 31.21
N LEU A 623 29.73 -17.43 32.42
CA LEU A 623 31.17 -17.29 32.62
C LEU A 623 31.88 -18.62 32.43
N LYS A 624 31.26 -19.72 32.88
CA LYS A 624 31.84 -21.05 32.81
C LYS A 624 31.64 -21.55 31.38
N THR A 625 32.51 -21.09 30.49
CA THR A 625 32.36 -21.35 29.06
C THR A 625 33.08 -22.65 28.69
N LEU A 626 33.15 -22.94 27.40
CA LEU A 626 33.75 -24.20 26.94
C LEU A 626 35.25 -24.21 27.19
N ARG A 627 35.92 -23.06 27.03
CA ARG A 627 37.37 -22.99 27.18
C ARG A 627 37.80 -23.46 28.56
N ASP A 628 37.23 -22.88 29.61
CA ASP A 628 37.61 -23.25 30.97
C ASP A 628 37.09 -24.64 31.32
N SER A 629 35.92 -25.00 30.79
CA SER A 629 35.32 -26.28 31.13
C SER A 629 36.16 -27.44 30.61
N LEU A 630 36.61 -27.35 29.36
CA LEU A 630 37.27 -28.50 28.73
C LEU A 630 38.68 -28.69 29.25
N SER A 631 39.35 -27.61 29.63
CA SER A 631 40.65 -27.63 30.32
C SER A 631 41.68 -28.29 29.41
N GLY A 632 42.35 -29.35 29.83
CA GLY A 632 43.43 -29.93 29.06
C GLY A 632 42.98 -30.79 27.90
N TRP A 633 42.32 -30.17 26.92
CA TRP A 633 41.91 -30.85 25.71
C TRP A 633 42.79 -30.43 24.54
N ASP A 634 42.67 -31.17 23.45
CA ASP A 634 43.40 -30.86 22.24
C ASP A 634 42.91 -29.53 21.67
N PRO A 635 43.80 -28.55 21.46
CA PRO A 635 43.35 -27.21 21.05
C PRO A 635 42.52 -27.18 19.78
N GLU A 636 42.83 -28.02 18.78
CA GLU A 636 42.07 -28.00 17.54
C GLU A 636 40.63 -28.45 17.78
N THR A 637 40.43 -29.51 18.58
CA THR A 637 39.09 -29.95 18.90
C THR A 637 38.34 -28.88 19.69
N LEU A 638 39.04 -28.19 20.59
CA LEU A 638 38.42 -27.11 21.35
C LEU A 638 37.98 -25.99 20.42
N ALA A 639 38.80 -25.63 19.44
CA ALA A 639 38.44 -24.60 18.48
C ALA A 639 37.23 -25.01 17.64
N LEU A 640 37.21 -26.27 17.20
CA LEU A 640 36.06 -26.75 16.44
C LEU A 640 34.79 -26.73 17.27
N LEU A 641 34.90 -27.13 18.54
CA LEU A 641 33.75 -27.11 19.44
C LEU A 641 33.26 -25.69 19.66
N LEU A 642 34.18 -24.74 19.81
CA LEU A 642 33.78 -23.35 19.97
C LEU A 642 33.10 -22.81 18.72
N ARG A 643 33.58 -23.20 17.54
CA ARG A 643 32.93 -22.79 16.30
C ARG A 643 31.50 -23.35 16.22
N GLU A 644 31.34 -24.61 16.59
CA GLU A 644 30.01 -25.22 16.59
C GLU A 644 29.10 -24.52 17.59
N GLU A 645 29.64 -24.16 18.76
CA GLU A 645 28.87 -23.42 19.75
C GLU A 645 28.47 -22.05 19.22
N LEU A 646 29.35 -21.41 18.46
CA LEU A 646 29.02 -20.13 17.86
C LEU A 646 27.87 -20.26 16.87
N GLN A 647 27.89 -21.30 16.04
CA GLN A 647 26.76 -21.50 15.13
C GLN A 647 25.47 -21.81 15.90
N ALA A 648 25.57 -22.60 16.98
CA ALA A 648 24.39 -22.88 17.79
C ALA A 648 23.81 -21.61 18.41
N TYR A 649 24.69 -20.72 18.89
CA TYR A 649 24.24 -19.43 19.40
C TYR A 649 23.63 -18.56 18.31
N LYS A 650 24.14 -18.65 17.09
CA LYS A 650 23.51 -17.95 15.98
C LYS A 650 22.10 -18.48 15.73
N ALA A 651 21.92 -19.79 15.92
CA ALA A 651 20.61 -20.39 15.65
C ALA A 651 19.54 -19.92 16.63
N VAL A 652 19.88 -19.79 17.92
CA VAL A 652 18.87 -19.61 18.95
C VAL A 652 18.20 -18.26 18.78
N ARG A 653 16.92 -18.19 19.14
CA ARG A 653 16.13 -16.97 19.02
C ARG A 653 16.16 -16.19 20.33
N ALA A 654 17.25 -15.48 20.53
CA ALA A 654 17.41 -14.56 21.66
C ALA A 654 18.52 -13.57 21.30
N ASP A 655 18.60 -12.48 22.06
CA ASP A 655 19.68 -11.52 21.87
C ASP A 655 20.96 -12.07 22.47
N THR A 656 21.95 -12.34 21.61
CA THR A 656 23.19 -12.99 22.03
C THR A 656 24.42 -12.21 21.60
N GLY A 657 24.40 -10.88 21.78
CA GLY A 657 25.54 -10.08 21.35
C GLY A 657 26.80 -10.34 22.16
N GLN A 658 26.66 -10.33 23.50
CA GLN A 658 27.85 -10.40 24.35
C GLN A 658 28.46 -11.79 24.33
N GLU A 659 27.63 -12.84 24.32
CA GLU A 659 28.15 -14.20 24.31
C GLU A 659 28.96 -14.47 23.06
N ARG A 660 28.46 -14.05 21.91
CA ARG A 660 29.21 -14.23 20.66
C ARG A 660 30.51 -13.44 20.70
N PHE A 661 30.49 -12.25 21.30
CA PHE A 661 31.71 -11.46 21.43
C PHE A 661 32.75 -12.19 22.26
N ASN A 662 32.33 -12.79 23.39
CA ASN A 662 33.26 -13.55 24.21
C ASN A 662 33.81 -14.75 23.44
N ILE A 663 32.95 -15.44 22.70
CA ILE A 663 33.41 -16.61 21.94
C ILE A 663 34.42 -16.21 20.89
N ILE A 664 34.17 -15.10 20.19
CA ILE A 664 35.08 -14.67 19.13
C ILE A 664 36.41 -14.21 19.71
N CYS A 665 36.36 -13.51 20.85
CA CYS A 665 37.61 -13.11 21.51
C CYS A 665 38.42 -14.33 21.95
N ASP A 666 37.75 -15.35 22.50
CA ASP A 666 38.45 -16.57 22.89
C ASP A 666 39.04 -17.27 21.68
N LEU A 667 38.32 -17.28 20.56
CA LEU A 667 38.86 -17.85 19.33
C LEU A 667 40.11 -17.10 18.88
N LEU A 668 40.08 -15.76 19.00
CA LEU A 668 41.23 -14.97 18.61
C LEU A 668 42.44 -15.26 19.51
N GLU A 669 42.21 -15.44 20.81
CA GLU A 669 43.32 -15.75 21.72
C GLU A 669 43.92 -17.11 21.41
N LEU A 670 43.06 -18.11 21.11
CA LEU A 670 43.58 -19.44 20.85
C LEU A 670 44.35 -19.51 19.53
N SER A 671 43.92 -18.76 18.53
CA SER A 671 44.55 -18.81 17.23
C SER A 671 45.97 -18.24 17.31
N PRO A 672 46.94 -18.82 16.61
CA PRO A 672 48.28 -18.24 16.55
C PRO A 672 48.45 -17.34 15.33
N GLU A 673 49.62 -16.69 15.26
CA GLU A 673 49.88 -15.74 14.19
C GLU A 673 51.29 -15.98 13.65
N GLU A 674 51.61 -17.24 13.40
CA GLU A 674 52.89 -17.58 12.80
C GLU A 674 52.76 -18.62 11.69
N THR A 675 51.56 -19.08 11.37
CA THR A 675 51.28 -20.15 10.42
C THR A 675 50.13 -19.70 9.52
N PRO A 676 50.21 -19.98 8.22
CA PRO A 676 49.11 -19.56 7.34
C PRO A 676 47.76 -20.15 7.72
N ALA A 677 47.73 -21.33 8.34
CA ALA A 677 46.49 -21.82 8.92
C ALA A 677 46.00 -20.90 10.02
N GLY A 678 46.93 -20.39 10.83
CA GLY A 678 46.56 -19.39 11.83
C GLY A 678 46.01 -18.13 11.20
N ALA A 679 46.58 -17.70 10.07
CA ALA A 679 46.05 -16.55 9.35
C ALA A 679 44.64 -16.81 8.85
N TRP A 680 44.39 -18.02 8.35
CA TRP A 680 43.05 -18.39 7.90
C TRP A 680 42.04 -18.33 9.05
N ALA A 681 42.39 -18.93 10.19
CA ALA A 681 41.51 -18.91 11.35
C ALA A 681 41.27 -17.49 11.83
N ARG A 682 42.32 -16.67 11.84
CA ARG A 682 42.18 -15.28 12.26
C ARG A 682 41.24 -14.52 11.33
N ALA A 683 41.35 -14.76 10.02
CA ALA A 683 40.48 -14.10 9.06
C ALA A 683 39.02 -14.48 9.28
N THR A 684 38.75 -15.78 9.48
CA THR A 684 37.37 -16.21 9.70
C THR A 684 36.82 -15.60 10.99
N HIS A 685 37.61 -15.62 12.07
CA HIS A 685 37.17 -15.01 13.31
C HIS A 685 36.95 -13.52 13.13
N LEU A 686 37.73 -12.87 12.27
CA LEU A 686 37.57 -11.43 12.05
C LEU A 686 36.28 -11.13 11.30
N VAL A 687 35.91 -11.96 10.31
CA VAL A 687 34.64 -11.72 9.64
C VAL A 687 33.47 -11.96 10.59
N GLU A 688 33.60 -12.94 11.49
CA GLU A 688 32.56 -13.13 12.49
C GLU A 688 32.47 -11.93 13.43
N LEU A 689 33.62 -11.39 13.85
CA LEU A 689 33.63 -10.21 14.70
C LEU A 689 33.02 -9.01 13.99
N ALA A 690 33.24 -8.91 12.68
CA ALA A 690 32.61 -7.85 11.91
C ALA A 690 31.09 -8.01 11.91
N GLN A 691 30.61 -9.23 11.74
CA GLN A 691 29.17 -9.47 11.83
C GLN A 691 28.63 -9.05 13.18
N VAL A 692 29.35 -9.36 14.25
CA VAL A 692 28.87 -9.00 15.60
C VAL A 692 28.86 -7.49 15.78
N LEU A 693 29.94 -6.81 15.40
CA LEU A 693 30.07 -5.37 15.64
C LEU A 693 29.25 -4.52 14.68
N CYS A 694 28.79 -5.07 13.55
CA CYS A 694 28.11 -4.24 12.56
C CYS A 694 26.73 -3.79 13.03
N TYR A 695 26.22 -4.37 14.13
CA TYR A 695 24.90 -4.02 14.63
C TYR A 695 24.87 -3.66 16.10
N HIS A 696 25.80 -4.16 16.90
CA HIS A 696 25.90 -3.81 18.30
C HIS A 696 27.08 -2.88 18.54
N ASP A 697 27.00 -2.10 19.61
CA ASP A 697 27.97 -1.05 19.90
C ASP A 697 28.86 -1.51 21.05
N PHE A 698 30.03 -2.06 20.71
CA PHE A 698 31.00 -2.54 21.69
C PHE A 698 32.36 -1.87 21.50
N THR A 699 32.36 -0.63 21.00
CA THR A 699 33.60 0.01 20.58
C THR A 699 34.56 0.20 21.75
N GLN A 700 34.03 0.59 22.92
CA GLN A 700 34.90 0.95 24.03
C GLN A 700 35.72 -0.24 24.51
N GLN A 701 35.12 -1.43 24.53
CA GLN A 701 35.81 -2.59 25.09
C GLN A 701 36.44 -3.46 24.01
N THR A 702 36.51 -2.95 22.78
CA THR A 702 37.20 -3.69 21.73
C THR A 702 38.26 -2.83 21.05
N ASN A 703 38.06 -1.51 21.10
CA ASN A 703 38.99 -0.54 20.49
C ASN A 703 39.25 -0.94 19.03
N CYS A 704 38.16 -1.10 18.28
CA CYS A 704 38.24 -1.50 16.88
C CYS A 704 36.92 -1.19 16.20
N SER A 705 37.00 -0.74 14.96
CA SER A 705 35.83 -0.48 14.14
C SER A 705 35.55 -1.67 13.23
N ALA A 706 34.31 -1.76 12.77
CA ALA A 706 33.93 -2.85 11.87
C ALA A 706 34.72 -2.79 10.57
N LEU A 707 34.86 -1.60 10.00
CA LEU A 707 35.57 -1.46 8.74
C LEU A 707 37.04 -1.85 8.87
N ASP A 708 37.69 -1.44 9.97
CA ASP A 708 39.09 -1.78 10.15
C ASP A 708 39.26 -3.30 10.31
N ALA A 709 38.39 -3.94 11.08
CA ALA A 709 38.47 -5.38 11.25
C ALA A 709 38.25 -6.10 9.93
N ILE A 710 37.26 -5.66 9.15
CA ILE A 710 36.98 -6.34 7.89
C ILE A 710 38.10 -6.10 6.88
N ARG A 711 38.75 -4.92 6.90
CA ARG A 711 39.87 -4.69 5.98
C ARG A 711 41.09 -5.52 6.39
N GLU A 712 41.33 -5.66 7.70
CA GLU A 712 42.37 -6.57 8.16
C GLU A 712 42.10 -7.99 7.70
N ALA A 713 40.83 -8.43 7.82
CA ALA A 713 40.47 -9.77 7.36
C ALA A 713 40.68 -9.91 5.85
N LEU A 714 40.33 -8.88 5.09
CA LEU A 714 40.51 -8.93 3.64
C LEU A 714 41.98 -9.06 3.27
N GLN A 715 42.84 -8.28 3.93
CA GLN A 715 44.28 -8.39 3.65
C GLN A 715 44.80 -9.77 4.02
N LEU A 716 44.39 -10.30 5.16
CA LEU A 716 44.82 -11.64 5.55
C LEU A 716 44.37 -12.68 4.54
N LEU A 717 43.12 -12.59 4.09
CA LEU A 717 42.60 -13.56 3.12
C LEU A 717 43.35 -13.46 1.80
N ASP A 718 43.63 -12.25 1.33
CA ASP A 718 44.38 -12.09 0.09
C ASP A 718 45.82 -12.58 0.21
N SER A 719 46.41 -12.52 1.41
CA SER A 719 47.77 -12.98 1.59
C SER A 719 47.90 -14.50 1.65
N VAL A 720 46.80 -15.21 1.96
CA VAL A 720 46.88 -16.65 2.19
C VAL A 720 47.12 -17.39 0.88
N ARG A 721 48.06 -18.35 0.92
CA ARG A 721 48.29 -19.25 -0.20
C ARG A 721 47.64 -20.59 0.11
N PRO A 722 46.59 -20.97 -0.61
CA PRO A 722 45.79 -22.12 -0.19
C PRO A 722 46.37 -23.45 -0.66
N GLU A 723 45.71 -24.52 -0.27
CA GLU A 723 46.01 -25.87 -0.70
C GLU A 723 44.85 -26.39 -1.53
N ALA A 724 45.17 -27.27 -2.49
CA ALA A 724 44.21 -27.64 -3.53
C ALA A 724 42.90 -28.17 -2.97
N GLN A 725 42.94 -28.89 -1.85
CA GLN A 725 41.73 -29.48 -1.33
C GLN A 725 40.86 -28.45 -0.59
N ALA A 726 41.46 -27.37 -0.10
CA ALA A 726 40.75 -26.40 0.73
C ALA A 726 40.50 -25.07 0.02
N ARG A 727 40.60 -25.06 -1.31
CA ARG A 727 40.29 -23.83 -2.04
C ARG A 727 38.82 -23.49 -2.00
N ASP A 728 37.95 -24.49 -1.82
CA ASP A 728 36.51 -24.23 -1.80
C ASP A 728 36.09 -23.50 -0.53
N GLN A 729 36.98 -23.40 0.45
CA GLN A 729 36.67 -22.64 1.64
C GLN A 729 37.17 -21.20 1.53
N LEU A 730 38.39 -21.02 1.00
CA LEU A 730 38.87 -19.68 0.67
C LEU A 730 37.89 -18.97 -0.25
N LEU A 731 37.42 -19.68 -1.28
CA LEU A 731 36.20 -19.26 -1.93
C LEU A 731 35.03 -19.40 -0.96
N ASP A 732 34.17 -18.39 -0.98
CA ASP A 732 33.04 -18.17 -0.06
C ASP A 732 33.49 -17.66 1.30
N ASP A 733 34.76 -17.81 1.68
CA ASP A 733 35.28 -16.99 2.76
C ASP A 733 35.49 -15.57 2.28
N LYS A 734 36.13 -15.43 1.12
CA LYS A 734 36.26 -14.12 0.50
C LYS A 734 34.90 -13.53 0.19
N ALA A 735 33.97 -14.36 -0.27
CA ALA A 735 32.63 -13.87 -0.63
C ALA A 735 31.90 -13.33 0.59
N GLN A 736 31.90 -14.09 1.70
CA GLN A 736 31.28 -13.59 2.93
C GLN A 736 31.93 -12.31 3.40
N ALA A 737 33.27 -12.24 3.34
CA ALA A 737 33.96 -11.04 3.79
C ALA A 737 33.56 -9.82 2.97
N LEU A 738 33.49 -9.97 1.64
CA LEU A 738 33.14 -8.84 0.79
C LEU A 738 31.68 -8.41 1.01
N LEU A 739 30.77 -9.39 1.14
CA LEU A 739 29.38 -9.05 1.37
C LEU A 739 29.20 -8.30 2.68
N TRP A 740 29.88 -8.73 3.73
CA TRP A 740 29.75 -8.04 5.01
C TRP A 740 30.45 -6.68 4.98
N LEU A 741 31.50 -6.54 4.18
CA LEU A 741 32.07 -5.21 3.94
C LEU A 741 31.03 -4.27 3.36
N TYR A 742 30.30 -4.74 2.34
CA TYR A 742 29.26 -3.91 1.74
C TYR A 742 28.18 -3.55 2.77
N ILE A 743 27.76 -4.54 3.56
CA ILE A 743 26.70 -4.30 4.55
C ILE A 743 27.15 -3.27 5.58
N CYS A 744 28.38 -3.40 6.08
CA CYS A 744 28.86 -2.48 7.11
C CYS A 744 29.05 -1.07 6.57
N THR A 745 29.54 -0.94 5.33
CA THR A 745 29.66 0.38 4.75
C THR A 745 28.28 1.01 4.55
N LEU A 746 27.29 0.22 4.14
CA LEU A 746 25.94 0.75 4.00
C LEU A 746 25.38 1.20 5.35
N GLU A 747 25.65 0.44 6.40
CA GLU A 747 25.18 0.84 7.73
C GLU A 747 25.83 2.14 8.18
N ALA A 748 27.13 2.28 7.94
CA ALA A 748 27.81 3.53 8.29
C ALA A 748 27.21 4.71 7.52
N LYS A 749 26.95 4.51 6.22
CA LYS A 749 26.34 5.57 5.43
C LYS A 749 24.97 5.94 5.99
N MET A 750 24.17 4.94 6.36
CA MET A 750 22.83 5.23 6.88
C MET A 750 22.90 6.01 8.19
N GLN A 751 23.78 5.60 9.11
CA GLN A 751 23.90 6.32 10.37
C GLN A 751 24.36 7.77 10.15
N GLU A 752 25.34 7.95 9.27
CA GLU A 752 25.83 9.30 8.97
C GLU A 752 24.73 10.16 8.36
N GLY A 753 23.96 9.60 7.42
CA GLY A 753 22.89 10.37 6.81
C GLY A 753 21.80 10.72 7.80
N ILE A 754 21.47 9.80 8.70
CA ILE A 754 20.46 10.08 9.71
C ILE A 754 20.91 11.23 10.60
N GLU A 755 22.16 11.17 11.07
CA GLU A 755 22.67 12.25 11.91
C GLU A 755 22.69 13.58 11.15
N ARG A 756 23.15 13.56 9.89
CA ARG A 756 23.21 14.76 9.08
C ARG A 756 21.83 15.38 8.92
N ASP A 757 20.83 14.56 8.62
CA ASP A 757 19.47 15.06 8.43
C ASP A 757 18.88 15.56 9.74
N ARG A 758 19.28 14.95 10.86
CA ARG A 758 18.70 15.29 12.16
C ARG A 758 19.22 16.64 12.67
N ARG A 759 20.53 16.80 12.74
CA ARG A 759 21.16 18.11 13.02
C ARG A 759 20.92 19.15 11.93
N ALA A 760 20.69 18.74 10.67
CA ALA A 760 20.57 19.72 9.59
C ALA A 760 19.33 20.58 9.77
N GLN A 761 18.32 20.06 10.45
CA GLN A 761 17.08 20.77 10.67
C GLN A 761 17.26 21.99 11.56
N PHE A 769 4.04 36.09 4.23
CA PHE A 769 2.65 36.33 4.57
C PHE A 769 1.85 36.81 3.35
N GLU A 770 1.66 35.90 2.39
CA GLU A 770 0.91 36.18 1.18
C GLU A 770 -0.55 36.43 1.52
N VAL A 771 -1.24 37.20 0.68
CA VAL A 771 -2.67 37.52 0.93
C VAL A 771 -3.49 36.22 0.88
N ASN A 772 -3.56 35.56 -0.28
CA ASN A 772 -4.42 34.35 -0.41
C ASN A 772 -3.64 33.12 0.07
N ASP A 773 -4.35 32.11 0.59
CA ASP A 773 -3.68 30.86 1.06
C ASP A 773 -4.01 29.74 0.08
N LEU A 774 -4.34 30.10 -1.17
CA LEU A 774 -4.74 29.08 -2.17
C LEU A 774 -3.60 28.07 -2.36
N ASN A 775 -2.34 28.53 -2.36
CA ASN A 775 -1.22 27.60 -2.63
C ASN A 775 -0.32 27.48 -1.38
N TYR A 776 -0.94 27.34 -0.21
CA TYR A 776 -0.17 27.18 1.01
C TYR A 776 0.31 25.75 1.21
N GLU A 777 -0.54 24.76 0.92
CA GLU A 777 -0.13 23.37 1.10
C GLU A 777 0.93 22.97 0.08
N ASP A 778 0.88 23.55 -1.12
CA ASP A 778 1.92 23.29 -2.10
C ASP A 778 3.28 23.80 -1.61
N LYS A 779 3.31 25.01 -1.08
CA LYS A 779 4.56 25.56 -0.57
C LYS A 779 5.04 24.79 0.65
N LEU A 780 4.12 24.37 1.53
CA LEU A 780 4.52 23.61 2.70
C LEU A 780 5.11 22.26 2.31
N GLN A 781 4.51 21.61 1.30
CA GLN A 781 5.02 20.31 0.87
C GLN A 781 6.43 20.42 0.32
N GLU A 782 6.70 21.45 -0.48
CA GLU A 782 8.00 21.60 -1.11
C GLU A 782 9.06 21.97 -0.09
N ASP A 783 10.25 21.40 -0.25
CA ASP A 783 11.39 21.68 0.61
C ASP A 783 12.65 21.72 -0.25
N ARG A 784 13.76 22.14 0.36
CA ARG A 784 15.03 22.29 -0.33
C ARG A 784 15.93 21.11 0.02
N PHE A 785 15.99 20.14 -0.87
CA PHE A 785 16.87 18.98 -0.68
C PHE A 785 17.54 18.60 -1.99
N LEU A 786 17.38 19.42 -3.02
CA LEU A 786 17.98 19.13 -4.31
C LEU A 786 19.50 19.22 -4.27
N TYR A 787 20.05 20.01 -3.34
CA TYR A 787 21.50 20.03 -3.17
C TYR A 787 22.01 18.74 -2.54
N SER A 788 21.20 18.12 -1.68
CA SER A 788 21.58 16.81 -1.15
C SER A 788 21.81 15.80 -2.26
N ASN A 789 21.04 15.91 -3.36
CA ASN A 789 21.27 15.03 -4.51
C ASN A 789 22.64 15.24 -5.11
N ILE A 790 23.10 16.49 -5.17
CA ILE A 790 24.47 16.75 -5.62
C ILE A 790 25.46 16.17 -4.62
N ALA A 791 25.14 16.22 -3.34
CA ALA A 791 25.94 15.59 -2.30
C ALA A 791 25.66 14.10 -2.16
N PHE A 792 25.08 13.48 -3.20
CA PHE A 792 24.54 12.13 -3.13
C PHE A 792 25.12 11.19 -4.16
N ASN A 793 25.51 11.69 -5.34
CA ASN A 793 25.91 10.85 -6.45
C ASN A 793 27.42 10.66 -6.55
N LEU A 794 28.10 10.59 -5.42
CA LEU A 794 29.55 10.42 -5.39
C LEU A 794 29.95 9.14 -6.11
N ALA A 795 31.10 9.18 -6.79
CA ALA A 795 31.54 8.06 -7.63
C ALA A 795 31.97 6.85 -6.81
N ALA A 796 31.84 6.94 -5.49
CA ALA A 796 32.15 5.79 -4.63
C ALA A 796 31.14 4.67 -4.79
N ASP A 797 30.01 4.92 -5.45
CA ASP A 797 28.98 3.91 -5.59
C ASP A 797 29.46 2.73 -6.43
N ALA A 798 30.26 3.01 -7.48
CA ALA A 798 30.81 1.92 -8.28
C ALA A 798 31.72 1.03 -7.46
N ALA A 799 32.59 1.64 -6.65
CA ALA A 799 33.45 0.86 -5.77
C ALA A 799 32.63 0.06 -4.77
N GLN A 800 31.53 0.63 -4.30
CA GLN A 800 30.69 -0.07 -3.34
C GLN A 800 30.00 -1.28 -3.96
N SER A 801 29.52 -1.14 -5.20
CA SER A 801 28.83 -2.25 -5.85
C SER A 801 29.81 -3.31 -6.37
N LYS A 802 31.08 -2.92 -6.55
CA LYS A 802 32.09 -3.86 -7.00
C LYS A 802 32.24 -5.03 -6.03
N CYS A 803 32.13 -4.76 -4.72
CA CYS A 803 32.24 -5.83 -3.73
C CYS A 803 31.15 -6.88 -3.92
N LEU A 804 29.91 -6.44 -4.10
CA LEU A 804 28.81 -7.37 -4.31
C LEU A 804 29.00 -8.15 -5.60
N ASP A 805 29.44 -7.47 -6.66
CA ASP A 805 29.63 -8.16 -7.93
C ASP A 805 30.70 -9.25 -7.80
N GLN A 806 31.82 -8.93 -7.14
CA GLN A 806 32.87 -9.93 -6.95
C GLN A 806 32.41 -11.10 -6.07
N ALA A 807 31.64 -10.81 -5.03
CA ALA A 807 31.11 -11.90 -4.19
C ALA A 807 30.20 -12.81 -5.00
N LEU A 808 29.34 -12.23 -5.83
CA LEU A 808 28.48 -13.04 -6.69
C LEU A 808 29.30 -13.90 -7.64
N ALA A 809 30.33 -13.31 -8.25
CA ALA A 809 31.17 -14.07 -9.17
C ALA A 809 31.86 -15.25 -8.47
N LEU A 810 32.39 -15.01 -7.28
CA LEU A 810 33.08 -16.09 -6.56
C LEU A 810 32.11 -17.19 -6.15
N TRP A 811 30.93 -16.83 -5.65
CA TRP A 811 29.96 -17.85 -5.29
C TRP A 811 29.49 -18.63 -6.52
N LYS A 812 29.33 -17.94 -7.65
CA LYS A 812 28.95 -18.63 -8.88
C LYS A 812 30.01 -19.65 -9.28
N GLU A 813 31.28 -19.25 -9.20
CA GLU A 813 32.36 -20.20 -9.52
C GLU A 813 32.36 -21.37 -8.56
N LEU A 814 32.05 -21.14 -7.28
CA LEU A 814 32.04 -22.23 -6.31
C LEU A 814 30.92 -23.22 -6.59
N LEU A 815 29.70 -22.72 -6.83
CA LEU A 815 28.53 -23.60 -6.85
C LEU A 815 28.19 -24.16 -8.22
N THR A 816 28.71 -23.58 -9.31
CA THR A 816 28.28 -23.98 -10.64
C THR A 816 28.67 -25.43 -10.95
N LYS A 817 29.87 -25.84 -10.53
CA LYS A 817 30.38 -27.15 -10.90
C LYS A 817 29.53 -28.27 -10.30
N GLY A 818 29.50 -29.40 -11.01
CA GLY A 818 28.63 -30.50 -10.62
C GLY A 818 29.01 -31.13 -9.29
N GLN A 819 30.31 -31.17 -8.99
CA GLN A 819 30.78 -31.81 -7.76
C GLN A 819 30.18 -31.16 -6.53
N ALA A 820 29.85 -31.99 -5.54
CA ALA A 820 29.25 -31.49 -4.32
C ALA A 820 30.23 -30.59 -3.58
N PRO A 821 29.79 -29.42 -3.12
CA PRO A 821 30.71 -28.51 -2.42
C PRO A 821 31.25 -29.13 -1.14
N ALA A 822 32.50 -28.80 -0.85
CA ALA A 822 33.19 -29.29 0.35
C ALA A 822 33.12 -28.31 1.50
N VAL A 823 32.33 -27.25 1.39
CA VAL A 823 32.22 -26.28 2.47
C VAL A 823 31.66 -26.95 3.72
N ARG A 824 32.16 -26.54 4.88
CA ARG A 824 31.76 -27.17 6.14
C ARG A 824 30.27 -26.98 6.39
N CYS A 825 29.75 -25.77 6.17
CA CYS A 825 28.37 -25.45 6.48
C CYS A 825 27.71 -24.84 5.24
N LEU A 826 26.87 -25.63 4.57
CA LEU A 826 26.11 -25.11 3.45
C LEU A 826 24.94 -24.24 3.89
N GLN A 827 24.49 -24.40 5.13
CA GLN A 827 23.37 -23.61 5.64
C GLN A 827 23.69 -22.12 5.60
N GLN A 828 24.88 -21.75 6.09
CA GLN A 828 25.27 -20.35 6.10
C GLN A 828 25.44 -19.82 4.68
N THR A 829 25.94 -20.64 3.77
CA THR A 829 26.03 -20.22 2.38
C THR A 829 24.65 -19.92 1.81
N ALA A 830 23.67 -20.79 2.09
CA ALA A 830 22.31 -20.55 1.60
C ALA A 830 21.73 -19.27 2.19
N ALA A 831 21.90 -19.06 3.50
CA ALA A 831 21.37 -17.85 4.13
C ALA A 831 22.01 -16.60 3.53
N SER A 832 23.33 -16.62 3.35
CA SER A 832 24.01 -15.47 2.78
C SER A 832 23.58 -15.23 1.34
N LEU A 833 23.31 -16.31 0.59
CA LEU A 833 22.80 -16.15 -0.76
C LEU A 833 21.44 -15.48 -0.76
N GLN A 834 20.57 -15.84 0.18
CA GLN A 834 19.28 -15.18 0.28
C GLN A 834 19.45 -13.69 0.58
N ILE A 835 20.35 -13.35 1.51
CA ILE A 835 20.56 -11.94 1.83
C ILE A 835 21.11 -11.18 0.62
N LEU A 836 22.00 -11.82 -0.13
CA LEU A 836 22.55 -11.19 -1.33
C LEU A 836 21.46 -10.93 -2.37
N ALA A 837 20.57 -11.90 -2.55
CA ALA A 837 19.46 -11.71 -3.49
C ALA A 837 18.56 -10.56 -3.05
N ALA A 838 18.26 -10.48 -1.76
CA ALA A 838 17.43 -9.39 -1.26
C ALA A 838 18.10 -8.04 -1.49
N LEU A 839 19.40 -7.96 -1.22
CA LEU A 839 20.13 -6.71 -1.43
C LEU A 839 20.14 -6.33 -2.90
N TYR A 840 20.34 -7.30 -3.79
CA TYR A 840 20.32 -7.01 -5.21
C TYR A 840 18.96 -6.50 -5.66
N GLN A 841 17.88 -7.04 -5.09
CA GLN A 841 16.55 -6.50 -5.39
C GLN A 841 16.42 -5.07 -4.88
N LEU A 842 16.96 -4.78 -3.69
CA LEU A 842 16.78 -3.46 -3.09
C LEU A 842 17.42 -2.36 -3.94
N VAL A 843 18.60 -2.64 -4.52
CA VAL A 843 19.30 -1.64 -5.32
C VAL A 843 18.81 -1.58 -6.76
N ALA A 844 17.64 -2.15 -7.02
CA ALA A 844 17.03 -2.07 -8.38
C ALA A 844 17.90 -2.78 -9.40
N LYS A 845 18.44 -3.95 -9.06
CA LYS A 845 19.19 -4.76 -10.05
C LYS A 845 18.48 -6.12 -10.12
N PRO A 846 17.30 -6.22 -10.78
CA PRO A 846 16.52 -7.45 -10.74
C PRO A 846 17.09 -8.70 -11.42
N MET A 847 17.67 -8.55 -12.62
CA MET A 847 18.14 -9.74 -13.36
C MET A 847 19.25 -10.45 -12.58
N GLN A 848 20.17 -9.67 -11.97
CA GLN A 848 21.28 -10.26 -11.18
C GLN A 848 20.70 -10.96 -9.94
N ALA A 849 19.63 -10.41 -9.36
CA ALA A 849 18.98 -11.06 -8.20
C ALA A 849 18.40 -12.42 -8.61
N LEU A 850 17.83 -12.50 -9.82
CA LEU A 850 17.27 -13.79 -10.31
C LEU A 850 18.41 -14.82 -10.42
N GLU A 851 19.57 -14.39 -10.91
CA GLU A 851 20.73 -15.31 -11.05
C GLU A 851 21.02 -15.95 -9.68
N VAL A 852 21.01 -15.13 -8.62
CA VAL A 852 21.29 -15.64 -7.25
C VAL A 852 20.22 -16.66 -6.84
N LEU A 853 18.95 -16.36 -7.12
CA LEU A 853 17.85 -17.25 -6.67
C LEU A 853 17.98 -18.64 -7.31
N LEU A 854 18.38 -18.69 -8.57
CA LEU A 854 18.59 -20.00 -9.26
C LEU A 854 19.64 -20.80 -8.47
N LEU A 855 20.73 -20.14 -8.06
CA LEU A 855 21.81 -20.82 -7.30
C LEU A 855 21.27 -21.32 -5.95
N LEU A 856 20.40 -20.53 -5.30
CA LEU A 856 19.84 -20.91 -3.98
C LEU A 856 19.07 -22.24 -4.10
N ARG A 857 18.31 -22.41 -5.19
CA ARG A 857 17.55 -23.67 -5.40
C ARG A 857 18.54 -24.83 -5.54
N ILE A 858 19.66 -24.61 -6.25
CA ILE A 858 20.69 -25.68 -6.39
C ILE A 858 21.08 -26.15 -4.99
N VAL A 859 21.35 -25.20 -4.07
CA VAL A 859 21.79 -25.55 -2.70
C VAL A 859 20.68 -26.36 -2.00
N SER A 860 19.42 -25.96 -2.19
CA SER A 860 18.30 -26.65 -1.49
C SER A 860 18.28 -28.14 -1.85
N GLU A 861 18.55 -28.47 -3.11
CA GLU A 861 18.58 -29.89 -3.54
C GLU A 861 19.75 -30.61 -2.86
N ARG A 862 20.93 -29.98 -2.82
CA ARG A 862 22.10 -30.59 -2.12
C ARG A 862 21.77 -30.75 -0.64
N LEU A 863 21.09 -29.77 -0.04
CA LEU A 863 20.78 -29.81 1.41
C LEU A 863 19.50 -30.65 1.64
N LYS A 864 18.86 -31.10 0.55
CA LYS A 864 17.61 -31.91 0.66
C LYS A 864 16.64 -31.27 1.67
N ASP A 865 16.47 -29.95 1.64
CA ASP A 865 15.50 -29.27 2.51
C ASP A 865 14.40 -28.73 1.60
N HIS A 866 13.21 -29.32 1.71
CA HIS A 866 12.17 -29.09 0.72
C HIS A 866 11.49 -27.75 0.88
N SER A 867 11.45 -27.20 2.10
CA SER A 867 10.75 -25.93 2.32
C SER A 867 11.43 -24.79 1.56
N LYS A 868 12.76 -24.75 1.61
CA LYS A 868 13.47 -23.67 0.95
C LYS A 868 13.38 -23.75 -0.56
N ALA A 869 13.29 -24.96 -1.13
CA ALA A 869 13.09 -25.07 -2.57
C ALA A 869 11.78 -24.42 -3.00
N ALA A 870 10.70 -24.71 -2.25
CA ALA A 870 9.41 -24.10 -2.55
C ALA A 870 9.45 -22.59 -2.36
N GLY A 871 10.07 -22.13 -1.28
CA GLY A 871 10.17 -20.69 -1.07
C GLY A 871 10.93 -19.97 -2.16
N SER A 872 12.07 -20.54 -2.56
CA SER A 872 12.87 -19.94 -3.62
C SER A 872 12.12 -19.95 -4.95
N SER A 873 11.43 -21.06 -5.25
CA SER A 873 10.67 -21.10 -6.49
C SER A 873 9.53 -20.09 -6.50
N CYS A 874 8.86 -19.90 -5.36
CA CYS A 874 7.82 -18.89 -5.27
C CYS A 874 8.39 -17.49 -5.49
N HIS A 875 9.55 -17.20 -4.89
CA HIS A 875 10.17 -15.90 -5.10
C HIS A 875 10.55 -15.71 -6.57
N ILE A 876 11.08 -16.76 -7.21
CA ILE A 876 11.44 -16.68 -8.61
C ILE A 876 10.23 -16.38 -9.47
N THR A 877 9.12 -17.08 -9.21
CA THR A 877 7.90 -16.84 -9.97
C THR A 877 7.38 -15.42 -9.77
N GLN A 878 7.40 -14.93 -8.53
CA GLN A 878 6.94 -13.58 -8.26
C GLN A 878 7.79 -12.55 -9.01
N LEU A 879 9.11 -12.71 -8.96
CA LEU A 879 9.99 -11.78 -9.64
C LEU A 879 9.79 -11.85 -11.15
N LEU A 880 9.62 -13.05 -11.70
CA LEU A 880 9.42 -13.20 -13.14
C LEU A 880 8.12 -12.55 -13.59
N LEU A 881 7.05 -12.71 -12.80
CA LEU A 881 5.78 -12.09 -13.15
C LEU A 881 5.84 -10.57 -13.02
N THR A 882 6.58 -10.06 -12.02
CA THR A 882 6.71 -8.61 -11.88
C THR A 882 7.40 -8.00 -13.09
N LEU A 883 8.41 -8.68 -13.63
CA LEU A 883 9.07 -8.19 -14.84
C LEU A 883 8.10 -8.17 -16.02
N GLY A 884 7.25 -9.18 -16.13
CA GLY A 884 6.25 -9.20 -17.18
C GLY A 884 6.40 -10.34 -18.16
N CYS A 885 6.93 -11.46 -17.70
CA CYS A 885 7.08 -12.66 -18.52
C CYS A 885 6.11 -13.72 -18.03
N PRO A 886 4.96 -13.89 -18.69
CA PRO A 886 3.95 -14.81 -18.12
C PRO A 886 4.32 -16.27 -18.24
N SER A 887 4.87 -16.68 -19.38
CA SER A 887 5.10 -18.10 -19.63
C SER A 887 6.17 -18.68 -18.72
N TYR A 888 7.28 -17.95 -18.52
CA TYR A 888 8.37 -18.47 -17.70
C TYR A 888 8.01 -18.54 -16.23
N ALA A 889 6.90 -17.94 -15.81
CA ALA A 889 6.47 -18.08 -14.42
C ALA A 889 5.89 -19.46 -14.17
N GLN A 890 5.28 -20.07 -15.20
CA GLN A 890 4.51 -21.28 -14.97
C GLN A 890 5.38 -22.48 -14.65
N LEU A 891 6.53 -22.61 -15.33
CA LEU A 891 7.41 -23.75 -15.07
C LEU A 891 7.93 -23.72 -13.63
N HIS A 892 8.36 -22.55 -13.16
CA HIS A 892 8.84 -22.46 -11.80
C HIS A 892 7.71 -22.60 -10.80
N LEU A 893 6.51 -22.12 -11.14
CA LEU A 893 5.35 -22.34 -10.28
C LEU A 893 5.06 -23.83 -10.13
N GLU A 894 5.16 -24.58 -11.23
CA GLU A 894 4.94 -26.02 -11.17
C GLU A 894 6.04 -26.72 -10.41
N GLU A 895 7.28 -26.25 -10.51
CA GLU A 895 8.35 -26.82 -9.68
C GLU A 895 8.08 -26.59 -8.20
N ALA A 896 7.62 -25.39 -7.85
CA ALA A 896 7.23 -25.12 -6.47
C ALA A 896 6.09 -26.04 -6.03
N ALA A 897 5.10 -26.24 -6.89
CA ALA A 897 3.97 -27.10 -6.55
C ALA A 897 4.43 -28.54 -6.34
N SER A 898 5.33 -29.01 -7.19
CA SER A 898 5.85 -30.37 -7.03
C SER A 898 6.64 -30.52 -5.74
N SER A 899 7.50 -29.56 -5.44
CA SER A 899 8.30 -29.63 -4.22
C SER A 899 7.48 -29.42 -2.95
N LEU A 900 6.29 -28.82 -3.06
CA LEU A 900 5.47 -28.57 -1.88
C LEU A 900 5.00 -29.86 -1.23
N LYS A 901 4.89 -30.95 -1.99
CA LYS A 901 4.25 -32.15 -1.48
C LYS A 901 5.06 -32.80 -0.36
N HIS A 902 6.39 -32.73 -0.44
CA HIS A 902 7.24 -33.45 0.51
C HIS A 902 7.34 -32.74 1.85
N LEU A 903 6.20 -32.44 2.48
CA LEU A 903 6.18 -31.84 3.80
C LEU A 903 4.99 -32.36 4.58
N ASP A 904 5.09 -32.28 5.90
CA ASP A 904 3.96 -32.61 6.76
C ASP A 904 2.84 -31.59 6.55
N GLN A 905 1.61 -32.08 6.54
CA GLN A 905 0.44 -31.26 6.22
C GLN A 905 -0.16 -30.59 7.46
N THR A 906 0.62 -30.45 8.52
CA THR A 906 0.17 -29.71 9.70
C THR A 906 1.03 -28.51 10.04
N THR A 907 2.25 -28.40 9.51
CA THR A 907 3.11 -27.27 9.84
C THR A 907 2.58 -25.99 9.23
N ASP A 908 2.92 -24.87 9.86
CA ASP A 908 2.58 -23.56 9.30
C ASP A 908 3.21 -23.36 7.94
N THR A 909 4.39 -23.97 7.72
CA THR A 909 5.07 -23.83 6.45
C THR A 909 4.23 -24.38 5.31
N TYR A 910 3.62 -25.56 5.51
CA TYR A 910 2.79 -26.15 4.47
C TYR A 910 1.62 -25.26 4.10
N LEU A 911 0.91 -24.76 5.12
CA LEU A 911 -0.25 -23.91 4.86
C LEU A 911 0.17 -22.63 4.15
N LEU A 912 1.26 -22.00 4.61
CA LEU A 912 1.71 -20.75 4.02
C LEU A 912 2.12 -20.95 2.57
N LEU A 913 2.85 -22.03 2.29
CA LEU A 913 3.30 -22.30 0.92
C LEU A 913 2.11 -22.62 0.02
N SER A 914 1.14 -23.39 0.51
CA SER A 914 -0.04 -23.69 -0.30
C SER A 914 -0.83 -22.42 -0.61
N LEU A 915 -1.00 -21.55 0.40
CA LEU A 915 -1.71 -20.30 0.17
C LEU A 915 -0.96 -19.42 -0.84
N THR A 916 0.36 -19.35 -0.71
CA THR A 916 1.14 -18.55 -1.66
C THR A 916 1.03 -19.11 -3.07
N CYS A 917 1.09 -20.43 -3.21
CA CYS A 917 0.97 -21.03 -4.54
C CYS A 917 -0.42 -20.79 -5.14
N ASP A 918 -1.47 -20.88 -4.33
CA ASP A 918 -2.80 -20.60 -4.83
C ASP A 918 -2.95 -19.14 -5.23
N LEU A 919 -2.37 -18.23 -4.46
CA LEU A 919 -2.40 -16.81 -4.82
C LEU A 919 -1.66 -16.56 -6.13
N LEU A 920 -0.51 -17.22 -6.31
CA LEU A 920 0.23 -17.09 -7.56
C LEU A 920 -0.56 -17.66 -8.73
N ARG A 921 -1.28 -18.76 -8.51
CA ARG A 921 -2.13 -19.31 -9.55
C ARG A 921 -3.24 -18.33 -9.93
N SER A 922 -3.85 -17.71 -8.91
CA SER A 922 -4.87 -16.70 -9.18
C SER A 922 -4.31 -15.54 -9.98
N GLN A 923 -3.10 -15.10 -9.63
CA GLN A 923 -2.46 -14.01 -10.38
C GLN A 923 -2.21 -14.45 -11.82
N LEU A 924 -1.70 -15.67 -12.01
CA LEU A 924 -1.41 -16.16 -13.36
C LEU A 924 -2.67 -16.27 -14.21
N TYR A 925 -3.80 -16.59 -13.60
CA TYR A 925 -5.06 -16.60 -14.35
C TYR A 925 -5.43 -15.20 -14.81
N TRP A 926 -5.11 -14.18 -14.00
CA TRP A 926 -5.45 -12.81 -14.35
C TRP A 926 -4.72 -12.37 -15.62
N THR A 927 -3.46 -12.78 -15.76
CA THR A 927 -2.67 -12.42 -16.93
C THR A 927 -2.98 -13.26 -18.16
N HIS A 928 -3.74 -14.35 -18.01
CA HIS A 928 -4.00 -15.26 -19.12
C HIS A 928 -5.50 -15.38 -19.43
N GLN A 929 -6.29 -14.40 -19.01
CA GLN A 929 -7.72 -14.33 -19.33
C GLN A 929 -8.48 -15.56 -18.83
N LYS A 930 -8.37 -15.82 -17.54
CA LYS A 930 -9.15 -16.83 -16.85
C LYS A 930 -9.75 -16.25 -15.58
N VAL A 931 -10.37 -15.08 -15.70
CA VAL A 931 -10.80 -14.33 -14.53
C VAL A 931 -11.88 -15.06 -13.74
N THR A 932 -12.69 -15.88 -14.42
CA THR A 932 -13.83 -16.50 -13.75
C THR A 932 -13.40 -17.41 -12.61
N LYS A 933 -12.38 -18.24 -12.83
CA LYS A 933 -11.87 -19.09 -11.76
C LYS A 933 -10.83 -18.38 -10.91
N GLY A 934 -10.19 -17.33 -11.45
CA GLY A 934 -9.31 -16.52 -10.63
C GLY A 934 -10.03 -15.88 -9.46
N VAL A 935 -11.26 -15.41 -9.72
CA VAL A 935 -12.07 -14.86 -8.64
C VAL A 935 -12.37 -15.91 -7.60
N SER A 936 -12.68 -17.14 -8.04
CA SER A 936 -12.97 -18.21 -7.09
C SER A 936 -11.77 -18.52 -6.22
N LEU A 937 -10.58 -18.62 -6.83
CA LEU A 937 -9.38 -18.88 -6.07
C LEU A 937 -9.08 -17.75 -5.09
N LEU A 938 -9.25 -16.50 -5.54
CA LEU A 938 -9.00 -15.36 -4.67
C LEU A 938 -9.98 -15.35 -3.51
N LEU A 939 -11.24 -15.70 -3.76
CA LEU A 939 -12.23 -15.75 -2.69
C LEU A 939 -11.89 -16.83 -1.68
N SER A 940 -11.47 -18.00 -2.16
CA SER A 940 -11.11 -19.08 -1.26
C SER A 940 -9.89 -18.71 -0.42
N VAL A 941 -8.93 -18.01 -1.02
CA VAL A 941 -7.77 -17.55 -0.25
C VAL A 941 -8.20 -16.51 0.79
N LEU A 942 -9.08 -15.58 0.40
CA LEU A 942 -9.48 -14.52 1.30
C LEU A 942 -10.29 -15.04 2.48
N ARG A 943 -11.15 -16.03 2.26
CA ARG A 943 -12.00 -16.53 3.33
C ARG A 943 -11.26 -17.46 4.27
N ASP A 944 -10.05 -17.87 3.92
CA ASP A 944 -9.30 -18.82 4.73
C ASP A 944 -8.93 -18.13 6.03
N PRO A 945 -9.27 -18.72 7.18
CA PRO A 945 -9.01 -18.06 8.47
C PRO A 945 -7.54 -18.05 8.87
N ALA A 946 -6.69 -18.86 8.26
CA ALA A 946 -5.28 -18.89 8.63
C ALA A 946 -4.50 -17.71 8.10
N LEU A 947 -5.09 -16.93 7.19
CA LEU A 947 -4.43 -15.72 6.69
C LEU A 947 -4.27 -14.66 7.76
N GLN A 948 -5.06 -14.72 8.83
CA GLN A 948 -5.06 -13.69 9.86
C GLN A 948 -4.13 -13.98 11.02
N LYS A 949 -3.39 -15.08 10.98
CA LYS A 949 -2.51 -15.44 12.10
C LYS A 949 -1.42 -14.40 12.28
N SER A 950 -1.14 -14.06 13.53
CA SER A 950 -0.19 -13.00 13.83
C SER A 950 1.24 -13.48 13.63
N SER A 951 1.82 -13.12 12.48
CA SER A 951 3.22 -13.45 12.18
C SER A 951 3.72 -12.58 11.04
N LYS A 952 5.03 -12.31 11.01
CA LYS A 952 5.58 -11.41 10.00
C LYS A 952 5.55 -12.05 8.61
N ALA A 953 5.65 -13.39 8.54
CA ALA A 953 5.58 -14.06 7.24
C ALA A 953 4.19 -13.91 6.62
N TRP A 954 3.14 -13.97 7.44
CA TRP A 954 1.78 -13.84 6.91
C TRP A 954 1.47 -12.41 6.50
N TYR A 955 2.15 -11.43 7.09
CA TYR A 955 1.90 -10.03 6.73
C TYR A 955 2.28 -9.75 5.28
N LEU A 956 3.41 -10.29 4.83
CA LEU A 956 3.82 -10.09 3.43
C LEU A 956 2.84 -10.77 2.48
N LEU A 957 2.33 -11.95 2.87
CA LEU A 957 1.30 -12.60 2.07
C LEU A 957 0.04 -11.75 2.00
N ARG A 958 -0.32 -11.12 3.12
CA ARG A 958 -1.46 -10.20 3.11
C ARG A 958 -1.22 -9.03 2.17
N VAL A 959 0.01 -8.50 2.16
CA VAL A 959 0.34 -7.38 1.26
C VAL A 959 0.17 -7.80 -0.19
N GLN A 960 0.69 -8.96 -0.55
CA GLN A 960 0.55 -9.44 -1.93
C GLN A 960 -0.90 -9.72 -2.28
N VAL A 961 -1.68 -10.25 -1.33
CA VAL A 961 -3.10 -10.48 -1.56
C VAL A 961 -3.81 -9.16 -1.82
N LEU A 962 -3.49 -8.12 -1.05
CA LEU A 962 -4.09 -6.82 -1.26
C LEU A 962 -3.74 -6.26 -2.64
N GLN A 963 -2.50 -6.43 -3.06
CA GLN A 963 -2.11 -5.96 -4.39
C GLN A 963 -2.87 -6.71 -5.48
N LEU A 964 -3.07 -8.02 -5.30
CA LEU A 964 -3.86 -8.78 -6.28
C LEU A 964 -5.33 -8.34 -6.27
N VAL A 965 -5.86 -8.00 -5.10
CA VAL A 965 -7.21 -7.47 -5.01
C VAL A 965 -7.31 -6.17 -5.79
N ALA A 966 -6.31 -5.31 -5.66
CA ALA A 966 -6.30 -4.08 -6.44
C ALA A 966 -6.23 -4.36 -7.93
N ALA A 967 -5.45 -5.37 -8.33
CA ALA A 967 -5.39 -5.75 -9.74
C ALA A 967 -6.74 -6.23 -10.25
N TYR A 968 -7.46 -7.01 -9.46
CA TYR A 968 -8.80 -7.45 -9.85
C TYR A 968 -9.83 -6.33 -9.86
N LEU A 969 -9.70 -5.34 -8.98
CA LEU A 969 -10.67 -4.25 -8.93
C LEU A 969 -10.52 -3.26 -10.08
N SER A 970 -9.61 -3.50 -11.02
CA SER A 970 -9.38 -2.63 -12.16
C SER A 970 -9.86 -3.25 -13.47
N LEU A 971 -10.94 -4.01 -13.42
CA LEU A 971 -11.41 -4.72 -14.60
C LEU A 971 -12.78 -4.23 -15.02
N PRO A 972 -13.04 -4.12 -16.32
CA PRO A 972 -14.37 -3.67 -16.77
C PRO A 972 -15.45 -4.67 -16.40
N SER A 973 -16.68 -4.17 -16.29
CA SER A 973 -17.82 -4.96 -15.84
C SER A 973 -18.24 -6.03 -16.84
N ASN A 974 -17.72 -6.05 -18.07
CA ASN A 974 -18.11 -7.10 -19.01
C ASN A 974 -17.63 -8.46 -18.53
N ASN A 975 -16.45 -8.53 -17.93
CA ASN A 975 -15.94 -9.77 -17.39
C ASN A 975 -16.75 -10.15 -16.15
N LEU A 976 -16.43 -11.30 -15.57
CA LEU A 976 -17.12 -11.81 -14.39
C LEU A 976 -18.63 -11.84 -14.58
N SER A 977 -19.36 -11.33 -13.59
CA SER A 977 -20.81 -11.27 -13.61
C SER A 977 -21.28 -10.48 -12.40
N HIS A 978 -22.59 -10.25 -12.29
CA HIS A 978 -23.11 -9.52 -11.14
C HIS A 978 -22.90 -10.29 -9.84
N SER A 979 -23.05 -11.62 -9.89
CA SER A 979 -23.01 -12.42 -8.67
C SER A 979 -21.65 -12.31 -7.98
N LEU A 980 -20.56 -12.36 -8.76
CA LEU A 980 -19.24 -12.35 -8.17
C LEU A 980 -18.84 -10.95 -7.71
N TRP A 981 -19.46 -9.92 -8.29
CA TRP A 981 -18.99 -8.55 -8.02
C TRP A 981 -19.27 -8.13 -6.59
N GLU A 982 -20.50 -8.36 -6.09
CA GLU A 982 -20.77 -7.97 -4.71
C GLU A 982 -20.11 -8.93 -3.73
N GLN A 983 -19.82 -10.16 -4.16
CA GLN A 983 -19.01 -11.05 -3.34
C GLN A 983 -17.60 -10.48 -3.15
N LEU A 984 -17.01 -9.96 -4.23
CA LEU A 984 -15.69 -9.36 -4.12
C LEU A 984 -15.72 -8.07 -3.33
N CYS A 985 -16.75 -7.25 -3.54
CA CYS A 985 -16.84 -5.96 -2.84
C CYS A 985 -17.26 -6.15 -1.39
N ALA A 986 -17.79 -7.32 -1.04
CA ALA A 986 -18.24 -7.55 0.32
C ALA A 986 -17.08 -7.65 1.30
N GLN A 987 -15.87 -7.87 0.79
CA GLN A 987 -14.71 -7.95 1.66
C GLN A 987 -14.38 -6.59 2.27
N GLY A 988 -14.61 -5.52 1.53
CA GLY A 988 -14.44 -4.19 2.07
C GLY A 988 -13.49 -3.29 1.30
N TRP A 989 -13.30 -3.55 0.01
CA TRP A 989 -12.46 -2.71 -0.84
C TRP A 989 -13.21 -2.45 -2.14
N GLN A 990 -13.48 -1.18 -2.43
CA GLN A 990 -14.33 -0.81 -3.56
C GLN A 990 -13.57 -0.22 -4.73
N THR A 991 -12.33 0.23 -4.53
CA THR A 991 -11.56 0.83 -5.61
C THR A 991 -10.10 0.42 -5.44
N PRO A 992 -9.33 0.36 -6.53
CA PRO A 992 -7.93 -0.06 -6.39
C PRO A 992 -7.09 0.80 -5.46
N GLU A 993 -7.34 2.12 -5.44
CA GLU A 993 -6.50 2.99 -4.62
C GLU A 993 -6.66 2.69 -3.14
N ILE A 994 -7.86 2.27 -2.73
CA ILE A 994 -8.07 1.88 -1.33
C ILE A 994 -7.20 0.68 -0.97
N ALA A 995 -7.18 -0.33 -1.84
CA ALA A 995 -6.34 -1.50 -1.59
C ALA A 995 -4.87 -1.13 -1.56
N LEU A 996 -4.44 -0.25 -2.47
CA LEU A 996 -3.04 0.16 -2.49
C LEU A 996 -2.66 0.92 -1.23
N ILE A 997 -3.54 1.81 -0.76
CA ILE A 997 -3.26 2.54 0.48
C ILE A 997 -3.19 1.60 1.66
N ASP A 998 -4.09 0.61 1.73
CA ASP A 998 -4.01 -0.37 2.81
C ASP A 998 -2.72 -1.17 2.75
N SER A 999 -2.27 -1.54 1.56
CA SER A 999 -1.01 -2.25 1.41
C SER A 999 0.15 -1.40 1.92
N HIS A 1000 0.15 -0.12 1.56
CA HIS A 1000 1.22 0.78 2.00
C HIS A 1000 1.22 0.93 3.53
N LYS A 1001 0.03 1.06 4.13
CA LYS A 1001 -0.05 1.16 5.58
C LYS A 1001 0.45 -0.11 6.25
N LEU A 1002 0.11 -1.27 5.69
CA LEU A 1002 0.60 -2.53 6.25
C LEU A 1002 2.12 -2.61 6.16
N LEU A 1003 2.69 -2.17 5.04
CA LEU A 1003 4.15 -2.16 4.91
C LEU A 1003 4.80 -1.25 5.95
N ARG A 1004 4.23 -0.06 6.16
CA ARG A 1004 4.78 0.83 7.18
C ARG A 1004 4.68 0.22 8.57
N SER A 1005 3.56 -0.44 8.88
CA SER A 1005 3.43 -1.10 10.17
C SER A 1005 4.47 -2.21 10.33
N ILE A 1006 4.74 -2.96 9.25
CA ILE A 1006 5.76 -3.99 9.30
C ILE A 1006 7.13 -3.39 9.57
N ILE A 1007 7.48 -2.32 8.84
CA ILE A 1007 8.81 -1.73 9.01
C ILE A 1007 8.94 -1.09 10.39
N LEU A 1008 7.83 -0.70 11.00
CA LEU A 1008 7.90 -0.10 12.34
C LEU A 1008 8.34 -1.13 13.38
N LEU A 1009 7.98 -2.39 13.20
CA LEU A 1009 8.30 -3.43 14.18
C LEU A 1009 9.72 -3.94 14.07
N LEU A 1010 10.42 -3.66 12.97
CA LEU A 1010 11.71 -4.28 12.71
C LEU A 1010 12.90 -3.38 13.00
N MET A 1011 12.85 -2.12 12.60
CA MET A 1011 14.01 -1.23 12.77
C MET A 1011 13.63 0.11 13.37
N GLY A 1012 12.66 0.14 14.27
CA GLY A 1012 12.26 1.43 14.79
C GLY A 1012 11.56 2.27 13.73
N SER A 1013 11.71 3.58 13.85
CA SER A 1013 11.05 4.51 12.94
C SER A 1013 11.94 5.64 12.45
N ASP A 1014 13.21 5.70 12.86
CA ASP A 1014 14.08 6.79 12.42
C ASP A 1014 14.37 6.75 10.92
N ILE A 1015 14.29 5.57 10.30
CA ILE A 1015 14.58 5.47 8.87
C ILE A 1015 13.49 6.15 8.05
N LEU A 1016 12.23 5.93 8.42
CA LEU A 1016 11.12 6.46 7.63
C LEU A 1016 10.99 7.96 7.77
N SER A 1017 11.06 8.46 9.00
CA SER A 1017 10.96 9.90 9.25
C SER A 1017 11.82 10.24 10.45
N THR A 1018 12.16 11.53 10.55
CA THR A 1018 13.02 12.03 11.61
C THR A 1018 12.17 12.44 12.81
N GLN A 1019 12.59 12.01 13.99
CA GLN A 1019 11.91 12.38 15.23
C GLN A 1019 12.91 12.63 16.34
N THR A 1025 15.41 1.42 20.44
CA THR A 1025 15.11 0.13 19.84
C THR A 1025 16.37 -0.54 19.32
N SER A 1026 16.21 -1.74 18.76
CA SER A 1026 17.34 -2.48 18.22
C SER A 1026 16.85 -3.34 17.07
N PHE A 1027 17.78 -3.72 16.19
CA PHE A 1027 17.43 -4.55 15.05
C PHE A 1027 17.14 -5.99 15.48
N LEU A 1028 17.95 -6.53 16.38
CA LEU A 1028 17.85 -7.93 16.80
C LEU A 1028 17.98 -8.85 15.58
N ASP A 1029 19.17 -8.87 14.97
CA ASP A 1029 19.45 -9.76 13.85
C ASP A 1029 19.17 -11.18 14.29
N TYR A 1030 18.27 -11.88 13.60
CA TYR A 1030 17.73 -13.12 14.11
C TYR A 1030 17.82 -14.26 13.10
N GLY A 1031 18.52 -14.05 11.99
CA GLY A 1031 18.39 -14.94 10.86
C GLY A 1031 17.55 -14.34 9.77
N GLU A 1032 16.27 -14.74 9.69
CA GLU A 1032 15.39 -14.27 8.63
C GLU A 1032 15.10 -12.78 8.72
N ASN A 1033 15.35 -12.14 9.87
CA ASN A 1033 15.12 -10.71 9.99
C ASN A 1033 15.99 -9.91 9.03
N LEU A 1034 17.24 -10.35 8.84
CA LEU A 1034 18.13 -9.66 7.92
C LEU A 1034 17.57 -9.63 6.51
N VAL A 1035 17.06 -10.76 6.03
CA VAL A 1035 16.47 -10.83 4.70
C VAL A 1035 15.18 -10.00 4.66
N GLN A 1036 14.37 -10.10 5.71
CA GLN A 1036 13.07 -9.44 5.71
C GLN A 1036 13.19 -7.93 5.69
N LYS A 1037 14.25 -7.38 6.31
CA LYS A 1037 14.42 -5.93 6.29
C LYS A 1037 14.55 -5.40 4.87
N TRP A 1038 15.47 -5.97 4.09
CA TRP A 1038 15.66 -5.54 2.71
C TRP A 1038 14.43 -5.83 1.87
N GLN A 1039 13.78 -6.99 2.11
CA GLN A 1039 12.56 -7.29 1.37
C GLN A 1039 11.49 -6.25 1.61
N VAL A 1040 11.30 -5.83 2.87
CA VAL A 1040 10.28 -4.84 3.19
C VAL A 1040 10.61 -3.51 2.55
N LEU A 1041 11.89 -3.11 2.58
CA LEU A 1041 12.24 -1.84 1.95
C LEU A 1041 11.95 -1.85 0.45
N SER A 1042 12.32 -2.94 -0.24
CA SER A 1042 12.06 -3.03 -1.68
C SER A 1042 10.56 -3.01 -1.96
N GLU A 1043 9.78 -3.74 -1.15
CA GLU A 1043 8.33 -3.75 -1.35
C GLU A 1043 7.73 -2.36 -1.13
N VAL A 1044 8.23 -1.62 -0.14
CA VAL A 1044 7.74 -0.26 0.08
C VAL A 1044 7.99 0.60 -1.15
N LEU A 1045 9.21 0.50 -1.70
CA LEU A 1045 9.52 1.30 -2.89
C LEU A 1045 8.61 0.94 -4.07
N SER A 1046 8.40 -0.36 -4.30
CA SER A 1046 7.56 -0.78 -5.42
C SER A 1046 6.11 -0.33 -5.24
N CYS A 1047 5.59 -0.47 -4.02
CA CYS A 1047 4.22 -0.03 -3.74
C CYS A 1047 4.08 1.47 -3.94
N SER A 1048 5.08 2.24 -3.52
CA SER A 1048 5.02 3.68 -3.74
C SER A 1048 5.02 4.01 -5.22
N GLU A 1049 5.82 3.31 -6.02
CA GLU A 1049 5.81 3.56 -7.47
C GLU A 1049 4.44 3.29 -8.07
N LYS A 1050 3.84 2.15 -7.71
CA LYS A 1050 2.51 1.82 -8.22
C LYS A 1050 1.49 2.89 -7.82
N LEU A 1051 1.51 3.28 -6.55
CA LEU A 1051 0.54 4.25 -6.05
C LEU A 1051 0.70 5.59 -6.76
N VAL A 1052 1.94 6.02 -6.96
CA VAL A 1052 2.19 7.31 -7.61
C VAL A 1052 1.66 7.27 -9.05
N CYS A 1053 1.98 6.19 -9.78
CA CYS A 1053 1.52 6.10 -11.16
C CYS A 1053 -0.01 6.11 -11.25
N HIS A 1054 -0.67 5.31 -10.40
CA HIS A 1054 -2.12 5.22 -10.48
C HIS A 1054 -2.78 6.54 -10.09
N LEU A 1055 -2.33 7.16 -9.01
CA LEU A 1055 -2.93 8.43 -8.58
C LEU A 1055 -2.67 9.55 -9.59
N GLY A 1056 -1.49 9.56 -10.21
CA GLY A 1056 -1.25 10.52 -11.26
C GLY A 1056 -2.17 10.33 -12.44
N ARG A 1057 -2.41 9.07 -12.83
CA ARG A 1057 -3.33 8.80 -13.92
C ARG A 1057 -4.75 9.23 -13.57
N LEU A 1058 -5.18 8.97 -12.34
CA LEU A 1058 -6.57 9.28 -11.96
C LEU A 1058 -6.85 10.78 -12.04
N GLY A 1059 -5.94 11.60 -11.54
CA GLY A 1059 -6.15 13.04 -11.59
C GLY A 1059 -5.88 13.75 -10.28
N SER A 1060 -5.45 12.99 -9.26
CA SER A 1060 -5.10 13.56 -7.97
C SER A 1060 -3.58 13.73 -7.94
N VAL A 1061 -3.12 14.98 -7.82
CA VAL A 1061 -1.71 15.29 -7.97
C VAL A 1061 -1.08 15.61 -6.62
N SER A 1062 -1.86 16.15 -5.69
CA SER A 1062 -1.31 16.49 -4.38
C SER A 1062 -0.86 15.25 -3.61
N GLU A 1063 -1.73 14.23 -3.56
CA GLU A 1063 -1.37 12.98 -2.87
C GLU A 1063 -0.20 12.31 -3.55
N ALA A 1064 -0.19 12.30 -4.89
CA ALA A 1064 0.91 11.70 -5.62
C ALA A 1064 2.23 12.39 -5.31
N LYS A 1065 2.21 13.73 -5.25
CA LYS A 1065 3.41 14.47 -4.89
C LYS A 1065 3.86 14.15 -3.48
N ALA A 1066 2.93 14.01 -2.55
CA ALA A 1066 3.29 13.66 -1.18
C ALA A 1066 4.00 12.32 -1.14
N PHE A 1067 3.44 11.31 -1.79
CA PHE A 1067 4.07 9.99 -1.81
C PHE A 1067 5.44 10.05 -2.50
N CYS A 1068 5.54 10.82 -3.59
CA CYS A 1068 6.80 10.93 -4.30
C CYS A 1068 7.89 11.57 -3.43
N LEU A 1069 7.54 12.63 -2.70
CA LEU A 1069 8.51 13.26 -1.82
C LEU A 1069 8.95 12.33 -0.70
N GLU A 1070 8.01 11.58 -0.13
CA GLU A 1070 8.38 10.61 0.90
C GLU A 1070 9.36 9.58 0.36
N ALA A 1071 9.08 9.04 -0.84
CA ALA A 1071 9.97 8.07 -1.43
C ALA A 1071 11.33 8.68 -1.75
N LEU A 1072 11.35 9.94 -2.20
CA LEU A 1072 12.61 10.62 -2.48
C LEU A 1072 13.46 10.76 -1.22
N LYS A 1073 12.83 11.12 -0.10
CA LYS A 1073 13.56 11.18 1.16
C LYS A 1073 14.15 9.83 1.53
N LEU A 1074 13.35 8.77 1.39
CA LEU A 1074 13.84 7.44 1.75
C LEU A 1074 15.03 7.05 0.87
N THR A 1075 14.95 7.32 -0.43
CA THR A 1075 16.05 6.96 -1.32
C THR A 1075 17.27 7.83 -1.07
N THR A 1076 17.08 9.07 -0.62
CA THR A 1076 18.21 9.92 -0.26
C THR A 1076 18.95 9.36 0.95
N LYS A 1077 18.21 8.85 1.93
CA LYS A 1077 18.87 8.29 3.11
C LYS A 1077 19.74 7.08 2.76
N LEU A 1078 19.23 6.18 1.93
CA LEU A 1078 19.95 4.95 1.62
C LEU A 1078 21.10 5.17 0.64
N GLN A 1079 21.12 6.30 -0.06
CA GLN A 1079 22.15 6.61 -1.06
C GLN A 1079 22.15 5.60 -2.20
N ILE A 1080 21.02 5.53 -2.91
CA ILE A 1080 20.85 4.72 -4.10
C ILE A 1080 20.40 5.64 -5.23
N PRO A 1081 21.26 5.97 -6.20
CA PRO A 1081 20.84 6.91 -7.26
C PRO A 1081 19.81 6.33 -8.21
N ARG A 1082 19.78 5.01 -8.39
CA ARG A 1082 18.95 4.40 -9.42
C ARG A 1082 17.47 4.60 -9.14
N GLN A 1083 17.06 4.45 -7.88
CA GLN A 1083 15.66 4.70 -7.53
C GLN A 1083 15.37 6.19 -7.50
N CYS A 1084 16.36 6.99 -7.10
CA CYS A 1084 16.19 8.44 -7.05
C CYS A 1084 15.86 9.01 -8.43
N ALA A 1085 16.52 8.50 -9.47
CA ALA A 1085 16.25 9.00 -10.82
C ALA A 1085 14.80 8.73 -11.23
N LEU A 1086 14.31 7.52 -10.96
CA LEU A 1086 12.95 7.17 -11.33
C LEU A 1086 11.94 8.05 -10.59
N PHE A 1087 12.15 8.25 -9.28
CA PHE A 1087 11.21 9.07 -8.54
C PHE A 1087 11.29 10.54 -8.93
N LEU A 1088 12.48 11.02 -9.30
CA LEU A 1088 12.60 12.40 -9.79
C LEU A 1088 11.86 12.57 -11.10
N VAL A 1089 11.95 11.60 -12.00
CA VAL A 1089 11.22 11.70 -13.26
C VAL A 1089 9.72 11.68 -13.03
N LEU A 1090 9.26 10.83 -12.11
CA LEU A 1090 7.84 10.82 -11.77
C LEU A 1090 7.40 12.17 -11.20
N LYS A 1091 8.24 12.78 -10.35
CA LYS A 1091 7.91 14.10 -9.81
C LYS A 1091 7.84 15.14 -10.92
N GLY A 1092 8.74 15.08 -11.90
CA GLY A 1092 8.66 16.00 -13.02
C GLY A 1092 7.38 15.83 -13.81
N GLU A 1093 6.98 14.58 -14.05
CA GLU A 1093 5.71 14.34 -14.74
C GLU A 1093 4.54 14.92 -13.95
N LEU A 1094 4.56 14.74 -12.63
CA LEU A 1094 3.49 15.30 -11.80
C LEU A 1094 3.48 16.82 -11.88
N GLU A 1095 4.66 17.44 -11.87
CA GLU A 1095 4.73 18.90 -11.91
C GLU A 1095 4.27 19.45 -13.25
N LEU A 1096 4.44 18.68 -14.33
CA LEU A 1096 3.97 19.15 -15.64
C LEU A 1096 2.46 19.34 -15.65
N ALA A 1097 1.72 18.44 -15.00
CA ALA A 1097 0.26 18.53 -15.01
C ALA A 1097 -0.24 19.76 -14.26
N ARG A 1098 0.59 20.34 -13.39
CA ARG A 1098 0.21 21.56 -12.68
C ARG A 1098 0.66 22.82 -13.39
N ASN A 1099 1.29 22.70 -14.56
CA ASN A 1099 1.81 23.83 -15.34
C ASN A 1099 2.85 24.63 -14.56
N ASP A 1100 3.93 23.98 -14.16
CA ASP A 1100 5.06 24.64 -13.51
C ASP A 1100 6.33 24.23 -14.27
N ILE A 1101 6.63 25.00 -15.32
CA ILE A 1101 7.62 24.56 -16.32
C ILE A 1101 9.02 24.56 -15.74
N ASP A 1102 9.39 25.63 -15.03
CA ASP A 1102 10.77 25.78 -14.58
C ASP A 1102 11.15 24.72 -13.56
N LEU A 1103 10.23 24.37 -12.65
CA LEU A 1103 10.52 23.34 -11.66
C LEU A 1103 10.73 21.99 -12.34
N CYS A 1104 9.90 21.67 -13.34
CA CYS A 1104 10.07 20.44 -14.09
C CYS A 1104 11.40 20.42 -14.83
N GLN A 1105 11.80 21.56 -15.40
CA GLN A 1105 13.09 21.62 -16.09
C GLN A 1105 14.24 21.41 -15.12
N SER A 1106 14.15 21.99 -13.92
CA SER A 1106 15.18 21.77 -12.91
C SER A 1106 15.27 20.30 -12.52
N ASP A 1107 14.13 19.65 -12.36
CA ASP A 1107 14.14 18.23 -12.02
C ASP A 1107 14.72 17.39 -13.14
N LEU A 1108 14.43 17.74 -14.40
CA LEU A 1108 15.00 17.02 -15.53
C LEU A 1108 16.52 17.20 -15.58
N GLN A 1109 17.00 18.41 -15.29
CA GLN A 1109 18.43 18.64 -15.23
C GLN A 1109 19.08 17.78 -14.14
N GLN A 1110 18.43 17.68 -12.97
CA GLN A 1110 18.93 16.81 -11.92
C GLN A 1110 18.98 15.34 -12.38
N VAL A 1111 17.95 14.91 -13.10
CA VAL A 1111 17.93 13.54 -13.61
C VAL A 1111 19.11 13.31 -14.54
N LEU A 1112 19.37 14.27 -15.43
CA LEU A 1112 20.52 14.14 -16.33
C LEU A 1112 21.83 14.06 -15.55
N PHE A 1113 21.98 14.88 -14.52
CA PHE A 1113 23.21 14.84 -13.72
C PHE A 1113 23.40 13.49 -13.05
N LEU A 1114 22.32 12.95 -12.47
CA LEU A 1114 22.41 11.63 -11.85
C LEU A 1114 22.72 10.55 -12.88
N LEU A 1115 22.09 10.61 -14.05
CA LEU A 1115 22.33 9.60 -15.07
C LEU A 1115 23.78 9.64 -15.56
N GLU A 1116 24.33 10.83 -15.74
CA GLU A 1116 25.75 10.96 -16.07
C GLU A 1116 26.64 10.52 -14.91
N SER A 1117 26.16 10.61 -13.67
CA SER A 1117 26.93 10.12 -12.53
C SER A 1117 27.12 8.61 -12.54
N CYS A 1118 26.07 7.85 -12.86
CA CYS A 1118 26.12 6.40 -12.79
C CYS A 1118 26.46 5.74 -14.13
N THR A 1119 26.74 6.52 -15.17
CA THR A 1119 27.06 5.94 -16.47
C THR A 1119 28.49 5.44 -16.57
N GLU A 1120 29.18 5.26 -15.45
CA GLU A 1120 30.55 4.78 -15.42
C GLU A 1120 30.72 3.49 -16.21
N ILE A 1193 21.90 18.12 -25.18
CA ILE A 1193 21.36 16.82 -25.55
C ILE A 1193 22.17 15.70 -24.93
N PRO A 1194 21.54 14.88 -24.10
CA PRO A 1194 22.25 13.76 -23.48
C PRO A 1194 22.65 12.72 -24.52
N ASN A 1195 23.65 11.92 -24.16
CA ASN A 1195 24.30 11.04 -25.13
C ASN A 1195 23.60 9.70 -25.31
N PHE A 1196 22.69 9.32 -24.41
CA PHE A 1196 22.15 7.96 -24.47
C PHE A 1196 21.15 7.78 -25.61
N LEU A 1197 20.75 8.87 -26.27
CA LEU A 1197 19.88 8.73 -27.43
C LEU A 1197 20.59 8.05 -28.60
N SER A 1198 21.91 8.23 -28.69
CA SER A 1198 22.66 7.73 -29.84
C SER A 1198 23.09 6.27 -29.68
N HIS A 1199 22.67 5.59 -28.62
CA HIS A 1199 23.05 4.21 -28.42
C HIS A 1199 22.43 3.32 -29.49
N SER A 1200 23.17 2.28 -29.88
CA SER A 1200 22.70 1.36 -30.90
C SER A 1200 21.55 0.52 -30.34
N PRO A 1201 20.75 -0.10 -31.23
CA PRO A 1201 19.65 -0.95 -30.73
C PRO A 1201 20.11 -2.05 -29.79
N THR A 1202 21.28 -2.63 -30.04
CA THR A 1202 21.89 -3.58 -29.12
C THR A 1202 23.09 -2.94 -28.44
N CYS A 1203 23.16 -3.07 -27.11
CA CYS A 1203 24.22 -2.45 -26.34
C CYS A 1203 24.40 -3.22 -25.04
N ASP A 1204 25.46 -2.88 -24.32
CA ASP A 1204 25.75 -3.49 -23.04
C ASP A 1204 26.05 -2.48 -21.94
N CYS A 1205 25.91 -1.19 -22.21
CA CYS A 1205 26.20 -0.18 -21.21
C CYS A 1205 25.23 -0.29 -20.04
N SER A 1206 25.59 0.35 -18.92
CA SER A 1206 24.79 0.24 -17.70
C SER A 1206 23.36 0.72 -17.94
N LEU A 1207 23.20 1.79 -18.74
CA LEU A 1207 21.86 2.26 -19.07
C LEU A 1207 21.09 1.22 -19.87
N CYS A 1208 21.75 0.59 -20.85
CA CYS A 1208 21.06 -0.36 -21.71
C CYS A 1208 20.97 -1.75 -21.09
N ALA A 1209 21.90 -2.10 -20.20
CA ALA A 1209 21.89 -3.44 -19.64
C ALA A 1209 20.76 -3.62 -18.63
N SER A 1210 20.25 -2.54 -18.05
CA SER A 1210 19.26 -2.70 -17.01
C SER A 1210 17.90 -2.16 -17.45
N PRO A 1211 16.80 -2.81 -17.08
CA PRO A 1211 15.49 -2.34 -17.53
C PRO A 1211 14.98 -1.12 -16.76
N VAL A 1212 15.29 -1.00 -15.47
CA VAL A 1212 14.82 0.15 -14.70
C VAL A 1212 15.43 1.44 -15.25
N LEU A 1213 16.74 1.43 -15.50
CA LEU A 1213 17.39 2.61 -16.06
C LEU A 1213 16.84 2.94 -17.44
N THR A 1214 16.55 1.91 -18.24
CA THR A 1214 15.98 2.15 -19.56
C THR A 1214 14.61 2.79 -19.45
N ALA A 1215 13.80 2.35 -18.48
CA ALA A 1215 12.49 2.96 -18.26
C ALA A 1215 12.64 4.42 -17.86
N VAL A 1216 13.59 4.72 -16.97
CA VAL A 1216 13.81 6.11 -16.57
C VAL A 1216 14.23 6.97 -17.77
N CYS A 1217 15.15 6.45 -18.58
CA CYS A 1217 15.61 7.19 -19.76
C CYS A 1217 14.46 7.43 -20.72
N LEU A 1218 13.60 6.42 -20.92
CA LEU A 1218 12.48 6.58 -21.84
C LEU A 1218 11.47 7.60 -21.31
N ARG A 1219 11.25 7.61 -20.00
CA ARG A 1219 10.36 8.61 -19.42
C ARG A 1219 10.93 10.02 -19.57
N TRP A 1220 12.26 10.15 -19.52
CA TRP A 1220 12.89 11.46 -19.63
C TRP A 1220 12.50 12.15 -20.94
N VAL A 1221 12.54 11.40 -22.05
CA VAL A 1221 12.24 12.00 -23.35
C VAL A 1221 10.77 12.39 -23.42
N LEU A 1222 9.89 11.57 -22.83
CA LEU A 1222 8.47 11.92 -22.80
C LEU A 1222 8.22 13.23 -22.06
N VAL A 1223 8.83 13.39 -20.88
CA VAL A 1223 8.60 14.61 -20.13
C VAL A 1223 9.23 15.81 -20.83
N THR A 1224 10.40 15.63 -21.45
CA THR A 1224 11.01 16.71 -22.21
C THR A 1224 10.11 17.14 -23.37
N ALA A 1225 9.54 16.16 -24.08
CA ALA A 1225 8.63 16.48 -25.18
C ALA A 1225 7.39 17.21 -24.68
N GLY A 1226 6.86 16.79 -23.53
CA GLY A 1226 5.73 17.49 -22.95
C GLY A 1226 6.05 18.94 -22.64
N VAL A 1227 7.21 19.18 -22.04
CA VAL A 1227 7.61 20.55 -21.73
C VAL A 1227 7.78 21.38 -23.00
N ARG A 1228 8.40 20.79 -24.03
CA ARG A 1228 8.62 21.52 -25.27
C ARG A 1228 7.30 21.86 -25.95
N LEU A 1229 6.35 20.92 -25.94
CA LEU A 1229 5.03 21.20 -26.51
C LEU A 1229 4.31 22.28 -25.70
N ALA A 1230 4.46 22.26 -24.37
CA ALA A 1230 3.84 23.30 -23.55
C ALA A 1230 4.41 24.67 -23.85
N MET A 1231 5.73 24.76 -24.06
CA MET A 1231 6.38 26.03 -24.35
C MET A 1231 6.08 26.54 -25.75
N GLY A 1232 5.40 25.76 -26.59
CA GLY A 1232 5.14 26.17 -27.95
C GLY A 1232 6.18 25.73 -28.96
N HIS A 1233 7.26 25.08 -28.52
CA HIS A 1233 8.29 24.58 -29.44
C HIS A 1233 7.82 23.26 -30.04
N GLN A 1234 6.94 23.37 -31.01
CA GLN A 1234 6.46 22.21 -31.74
C GLN A 1234 7.52 21.80 -32.76
N ALA A 1235 7.35 20.61 -33.36
CA ALA A 1235 8.26 20.03 -34.34
C ALA A 1235 9.55 19.55 -33.69
N GLN A 1236 9.71 19.84 -32.38
CA GLN A 1236 10.77 19.20 -31.62
C GLN A 1236 10.20 18.13 -30.70
N GLY A 1237 9.02 18.40 -30.11
CA GLY A 1237 8.35 17.39 -29.32
C GLY A 1237 7.94 16.18 -30.14
N LEU A 1238 7.49 16.41 -31.38
CA LEU A 1238 7.20 15.30 -32.27
C LEU A 1238 8.46 14.50 -32.56
N ASP A 1239 9.58 15.19 -32.77
CA ASP A 1239 10.85 14.50 -33.02
C ASP A 1239 11.24 13.62 -31.84
N LEU A 1240 11.06 14.12 -30.62
CA LEU A 1240 11.40 13.33 -29.43
C LEU A 1240 10.45 12.16 -29.25
N LEU A 1241 9.16 12.39 -29.49
CA LEU A 1241 8.18 11.32 -29.31
C LEU A 1241 8.36 10.22 -30.33
N GLN A 1242 8.81 10.56 -31.54
CA GLN A 1242 9.19 9.51 -32.49
C GLN A 1242 10.31 8.65 -31.93
N VAL A 1243 11.27 9.28 -31.23
CA VAL A 1243 12.36 8.53 -30.62
C VAL A 1243 11.83 7.56 -29.57
N VAL A 1244 10.90 8.04 -28.73
CA VAL A 1244 10.34 7.18 -27.69
C VAL A 1244 9.61 5.99 -28.32
N LEU A 1245 8.77 6.28 -29.32
CA LEU A 1245 7.99 5.24 -29.98
C LEU A 1245 8.90 4.19 -30.64
N LYS A 1246 9.96 4.65 -31.30
CA LYS A 1246 10.92 3.73 -31.89
C LYS A 1246 11.64 2.92 -30.82
N GLY A 1247 11.98 3.57 -29.69
CA GLY A 1247 12.85 2.93 -28.72
C GLY A 1247 12.20 1.81 -27.93
N CYS A 1248 10.92 1.97 -27.56
CA CYS A 1248 10.32 1.03 -26.62
C CYS A 1248 10.39 -0.44 -27.06
N PRO A 1249 9.96 -0.84 -28.27
CA PRO A 1249 10.03 -2.27 -28.62
C PRO A 1249 11.44 -2.83 -28.66
N GLU A 1250 12.42 -2.02 -29.07
CA GLU A 1250 13.80 -2.49 -29.08
C GLU A 1250 14.30 -2.76 -27.67
N ALA A 1251 13.91 -1.92 -26.71
CA ALA A 1251 14.23 -2.20 -25.32
C ALA A 1251 13.58 -3.49 -24.84
N ALA A 1252 12.33 -3.70 -25.23
CA ALA A 1252 11.64 -4.93 -24.84
C ALA A 1252 12.35 -6.16 -25.37
N GLU A 1253 12.81 -6.11 -26.63
CA GLU A 1253 13.49 -7.26 -27.22
C GLU A 1253 14.82 -7.54 -26.52
N ARG A 1254 15.55 -6.49 -26.15
CA ARG A 1254 16.80 -6.68 -25.41
C ARG A 1254 16.54 -7.30 -24.06
N LEU A 1255 15.48 -6.87 -23.37
CA LEU A 1255 15.13 -7.51 -22.10
C LEU A 1255 14.76 -8.98 -22.29
N THR A 1256 14.06 -9.29 -23.38
CA THR A 1256 13.73 -10.69 -23.67
C THR A 1256 14.99 -11.52 -23.87
N GLN A 1257 15.95 -11.01 -24.64
CA GLN A 1257 17.21 -11.73 -24.83
C GLN A 1257 17.95 -11.91 -23.52
N ALA A 1258 17.98 -10.87 -22.69
CA ALA A 1258 18.67 -10.95 -21.40
C ALA A 1258 18.04 -12.01 -20.51
N LEU A 1259 16.72 -12.04 -20.43
CA LEU A 1259 16.05 -13.06 -19.63
C LEU A 1259 16.27 -14.45 -20.19
N GLN A 1260 16.35 -14.58 -21.53
CA GLN A 1260 16.60 -15.87 -22.13
C GLN A 1260 17.98 -16.39 -21.76
N ALA A 1261 18.98 -15.50 -21.75
CA ALA A 1261 20.34 -15.93 -21.41
C ALA A 1261 20.44 -16.42 -19.98
N SER A 1262 19.77 -15.73 -19.05
CA SER A 1262 19.93 -16.05 -17.63
C SER A 1262 19.27 -17.38 -17.26
N LEU A 1263 18.02 -17.59 -17.71
CA LEU A 1263 17.27 -18.74 -17.23
C LEU A 1263 17.54 -19.99 -18.06
N ASN A 1264 17.98 -19.81 -19.31
CA ASN A 1264 18.47 -20.90 -20.15
C ASN A 1264 17.40 -21.92 -20.52
N HIS A 1265 16.16 -21.48 -20.72
CA HIS A 1265 15.16 -22.36 -21.30
C HIS A 1265 15.30 -22.46 -22.82
N LYS A 1266 16.04 -21.53 -23.42
CA LYS A 1266 16.37 -21.55 -24.84
C LYS A 1266 15.13 -21.53 -25.73
N THR A 1267 14.15 -20.70 -25.38
CA THR A 1267 12.98 -20.50 -26.23
C THR A 1267 12.39 -19.12 -25.96
N PRO A 1268 12.54 -18.17 -26.88
CA PRO A 1268 11.99 -16.82 -26.68
C PRO A 1268 10.53 -16.87 -26.28
N PRO A 1269 10.22 -16.47 -25.05
CA PRO A 1269 8.88 -16.76 -24.50
C PRO A 1269 7.80 -15.78 -24.94
N SER A 1270 6.91 -16.23 -25.82
CA SER A 1270 5.67 -15.53 -26.16
C SER A 1270 5.84 -14.02 -26.27
N LEU A 1271 5.13 -13.28 -25.44
CA LEU A 1271 5.24 -11.83 -25.34
C LEU A 1271 5.84 -11.45 -24.00
N VAL A 1272 6.27 -10.19 -23.91
CA VAL A 1272 6.81 -9.67 -22.65
C VAL A 1272 6.18 -8.30 -22.38
N PRO A 1273 4.90 -8.24 -22.02
CA PRO A 1273 4.29 -6.97 -21.64
C PRO A 1273 4.87 -6.46 -20.33
N SER A 1274 4.92 -5.15 -20.20
CA SER A 1274 5.50 -4.52 -19.03
C SER A 1274 5.06 -3.07 -18.90
N LEU A 1275 5.74 -2.30 -18.05
CA LEU A 1275 5.48 -0.87 -17.96
C LEU A 1275 5.80 -0.18 -19.28
N LEU A 1276 6.60 -0.81 -20.15
CA LEU A 1276 6.90 -0.25 -21.45
C LEU A 1276 5.62 -0.04 -22.26
N ASP A 1277 4.61 -0.88 -22.05
CA ASP A 1277 3.35 -0.74 -22.77
C ASP A 1277 2.64 0.56 -22.40
N GLU A 1278 2.62 0.90 -21.10
CA GLU A 1278 1.96 2.13 -20.67
C GLU A 1278 2.64 3.36 -21.26
N ILE A 1279 3.97 3.35 -21.29
CA ILE A 1279 4.72 4.46 -21.87
C ILE A 1279 4.32 4.65 -23.33
N LEU A 1280 4.28 3.55 -24.08
CA LEU A 1280 3.90 3.63 -25.49
C LEU A 1280 2.46 4.11 -25.65
N ALA A 1281 1.56 3.65 -24.78
CA ALA A 1281 0.17 4.08 -24.87
C ALA A 1281 0.04 5.59 -24.66
N GLN A 1282 0.73 6.12 -23.64
CA GLN A 1282 0.63 7.56 -23.38
C GLN A 1282 1.31 8.36 -24.49
N ALA A 1283 2.41 7.85 -25.04
CA ALA A 1283 3.04 8.52 -26.18
C ALA A 1283 2.10 8.59 -27.38
N TYR A 1284 1.43 7.46 -27.67
CA TYR A 1284 0.45 7.45 -28.76
C TYR A 1284 -0.67 8.44 -28.48
N THR A 1285 -1.15 8.49 -27.24
CA THR A 1285 -2.21 9.41 -26.86
C THR A 1285 -1.80 10.85 -27.13
N LEU A 1286 -0.59 11.24 -26.68
CA LEU A 1286 -0.17 12.63 -26.85
C LEU A 1286 0.06 12.96 -28.32
N LEU A 1287 0.61 12.02 -29.09
CA LEU A 1287 0.80 12.26 -30.52
C LEU A 1287 -0.54 12.49 -31.22
N ALA A 1288 -1.52 11.62 -30.94
CA ALA A 1288 -2.84 11.79 -31.54
C ALA A 1288 -3.51 13.08 -31.08
N LEU A 1289 -3.35 13.46 -29.81
CA LEU A 1289 -3.94 14.69 -29.32
C LEU A 1289 -3.34 15.90 -30.02
N GLU A 1290 -2.02 15.92 -30.19
CA GLU A 1290 -1.39 17.00 -30.94
C GLU A 1290 -1.85 16.98 -32.39
N GLY A 1291 -2.26 15.81 -32.88
CA GLY A 1291 -2.77 15.72 -34.24
C GLY A 1291 -4.02 16.53 -34.49
N LEU A 1292 -4.82 16.78 -33.45
CA LEU A 1292 -6.06 17.53 -33.64
C LEU A 1292 -5.77 18.99 -33.97
N ASN A 1293 -4.84 19.61 -33.26
CA ASN A 1293 -4.61 21.05 -33.42
C ASN A 1293 -3.96 21.39 -34.75
N GLN A 1294 -3.26 20.45 -35.39
CA GLN A 1294 -2.76 20.62 -36.75
C GLN A 1294 -3.43 19.54 -37.60
N PRO A 1295 -4.49 19.90 -38.32
CA PRO A 1295 -5.25 18.89 -39.07
C PRO A 1295 -4.67 18.58 -40.43
N SER A 1296 -3.68 19.33 -40.90
CA SER A 1296 -3.21 19.23 -42.28
C SER A 1296 -2.07 18.25 -42.47
N ASN A 1297 -1.47 17.73 -41.41
CA ASN A 1297 -0.28 16.88 -41.54
C ASN A 1297 -0.79 15.44 -41.61
N GLU A 1298 -0.75 14.88 -42.81
CA GLU A 1298 -1.25 13.53 -43.04
C GLU A 1298 -0.35 12.48 -42.40
N SER A 1299 0.94 12.80 -42.22
CA SER A 1299 1.91 11.81 -41.76
C SER A 1299 1.52 11.22 -40.41
N LEU A 1300 0.86 12.00 -39.57
CA LEU A 1300 0.40 11.53 -38.27
C LEU A 1300 -1.11 11.28 -38.22
N GLN A 1301 -1.80 11.32 -39.35
CA GLN A 1301 -3.23 11.05 -39.39
C GLN A 1301 -3.51 9.55 -39.45
N LYS A 1302 -2.47 8.73 -39.48
CA LYS A 1302 -2.59 7.28 -39.34
C LYS A 1302 -2.17 6.80 -37.97
N VAL A 1303 -1.64 7.69 -37.12
CA VAL A 1303 -1.26 7.33 -35.77
C VAL A 1303 -2.48 6.91 -34.97
N LEU A 1304 -3.63 7.52 -35.23
CA LEU A 1304 -4.86 7.10 -34.56
C LEU A 1304 -5.16 5.64 -34.83
N GLN A 1305 -5.11 5.23 -36.10
CA GLN A 1305 -5.37 3.83 -36.44
C GLN A 1305 -4.31 2.91 -35.84
N SER A 1306 -3.04 3.32 -35.93
CA SER A 1306 -1.97 2.47 -35.39
C SER A 1306 -2.13 2.26 -33.89
N GLY A 1307 -2.39 3.34 -33.16
CA GLY A 1307 -2.60 3.22 -31.73
C GLY A 1307 -3.83 2.41 -31.39
N LEU A 1308 -4.89 2.55 -32.20
CA LEU A 1308 -6.10 1.78 -31.95
C LEU A 1308 -5.85 0.29 -32.10
N LYS A 1309 -5.12 -0.12 -33.15
CA LYS A 1309 -4.77 -1.53 -33.26
C LYS A 1309 -3.90 -1.98 -32.10
N PHE A 1310 -2.88 -1.18 -31.74
CA PHE A 1310 -1.96 -1.59 -30.69
C PHE A 1310 -2.69 -1.78 -29.37
N VAL A 1311 -3.62 -0.89 -29.06
CA VAL A 1311 -4.38 -1.00 -27.81
C VAL A 1311 -5.36 -2.17 -27.90
N ALA A 1312 -6.07 -2.29 -29.03
CA ALA A 1312 -7.10 -3.35 -29.15
C ALA A 1312 -6.51 -4.72 -28.80
N ALA A 1313 -5.22 -4.91 -29.06
CA ALA A 1313 -4.58 -6.22 -28.81
C ALA A 1313 -4.72 -6.58 -27.33
N ARG A 1314 -4.34 -5.67 -26.43
CA ARG A 1314 -4.50 -5.91 -24.98
C ARG A 1314 -5.80 -5.22 -24.51
N ILE A 1315 -6.93 -5.90 -24.64
CA ILE A 1315 -8.24 -5.26 -24.29
C ILE A 1315 -8.28 -4.93 -22.79
N PRO A 1316 -8.23 -5.90 -21.85
CA PRO A 1316 -8.39 -5.57 -20.44
C PRO A 1316 -7.09 -5.16 -19.76
N HIS A 1317 -6.32 -4.28 -20.40
CA HIS A 1317 -5.02 -3.85 -19.82
C HIS A 1317 -4.73 -2.39 -20.18
N LEU A 1318 -5.32 -1.89 -21.26
CA LEU A 1318 -5.05 -0.53 -21.73
C LEU A 1318 -6.38 0.15 -22.07
N GLU A 1319 -7.37 -0.05 -21.22
CA GLU A 1319 -8.73 0.45 -21.46
C GLU A 1319 -8.84 1.97 -21.41
N PRO A 1320 -8.28 2.67 -20.41
CA PRO A 1320 -8.36 4.14 -20.45
C PRO A 1320 -7.73 4.77 -21.67
N TRP A 1321 -6.60 4.23 -22.12
CA TRP A 1321 -5.97 4.73 -23.34
C TRP A 1321 -6.84 4.45 -24.56
N ARG A 1322 -7.50 3.29 -24.59
CA ARG A 1322 -8.47 3.01 -25.65
C ARG A 1322 -9.61 4.01 -25.63
N ALA A 1323 -10.09 4.37 -24.44
CA ALA A 1323 -11.17 5.33 -24.33
C ALA A 1323 -10.74 6.69 -24.88
N SER A 1324 -9.51 7.12 -24.54
CA SER A 1324 -9.01 8.39 -25.05
C SER A 1324 -8.90 8.36 -26.57
N LEU A 1325 -8.38 7.27 -27.12
CA LEU A 1325 -8.25 7.16 -28.57
C LEU A 1325 -9.61 7.14 -29.25
N LEU A 1326 -10.60 6.48 -28.65
CA LEU A 1326 -11.95 6.49 -29.21
C LEU A 1326 -12.56 7.87 -29.18
N LEU A 1327 -12.32 8.62 -28.10
CA LEU A 1327 -12.80 10.01 -28.05
C LEU A 1327 -12.16 10.86 -29.12
N ILE A 1328 -10.86 10.67 -29.36
CA ILE A 1328 -10.19 11.39 -30.44
C ILE A 1328 -10.80 11.00 -31.78
N TRP A 1329 -11.11 9.72 -31.97
CA TRP A 1329 -11.73 9.28 -33.22
C TRP A 1329 -13.10 9.93 -33.41
N ALA A 1330 -13.89 10.01 -32.33
CA ALA A 1330 -15.20 10.65 -32.42
C ALA A 1330 -15.07 12.12 -32.79
N LEU A 1331 -14.18 12.85 -32.11
CA LEU A 1331 -14.01 14.26 -32.44
C LEU A 1331 -13.41 14.47 -33.83
N THR A 1332 -12.62 13.53 -34.32
CA THR A 1332 -12.12 13.63 -35.70
C THR A 1332 -13.26 13.43 -36.69
N LYS A 1333 -14.15 12.47 -36.42
CA LYS A 1333 -15.30 12.27 -37.29
C LYS A 1333 -16.34 13.36 -37.14
N LEU A 1334 -16.24 14.18 -36.09
CA LEU A 1334 -17.16 15.32 -35.96
C LEU A 1334 -17.00 16.28 -37.13
N GLY A 1335 -15.77 16.55 -37.54
CA GLY A 1335 -15.51 17.42 -38.67
C GLY A 1335 -15.84 18.87 -38.40
N THR A 1342 -21.72 21.78 -33.95
CA THR A 1342 -22.35 22.57 -35.01
C THR A 1342 -23.82 22.22 -35.14
N GLN A 1343 -24.35 22.38 -36.36
CA GLN A 1343 -25.73 21.96 -36.62
C GLN A 1343 -25.86 20.44 -36.66
N LEU A 1344 -24.74 19.72 -36.62
CA LEU A 1344 -24.79 18.26 -36.69
C LEU A 1344 -25.50 17.68 -35.47
N PHE A 1345 -25.37 18.34 -34.31
CA PHE A 1345 -26.03 17.91 -33.08
C PHE A 1345 -27.34 18.66 -32.87
N ALA A 1346 -27.72 19.49 -33.82
CA ALA A 1346 -28.89 20.36 -33.68
C ALA A 1346 -30.21 19.69 -34.02
N SER A 1347 -30.18 18.48 -34.56
CA SER A 1347 -31.41 17.75 -34.83
C SER A 1347 -31.87 16.91 -33.65
N SER A 1348 -31.11 16.89 -32.56
CA SER A 1348 -31.48 16.15 -31.35
C SER A 1348 -32.17 17.00 -30.30
N TRP A 1349 -31.96 18.32 -30.32
CA TRP A 1349 -32.66 19.22 -29.42
C TRP A 1349 -33.78 19.93 -30.18
N GLY A 1350 -34.61 20.67 -29.43
CA GLY A 1350 -35.79 21.27 -30.01
C GLY A 1350 -35.73 22.76 -30.24
N TRP A 1351 -34.70 23.41 -29.66
CA TRP A 1351 -34.55 24.87 -29.81
C TRP A 1351 -33.33 25.18 -30.68
N GLN A 1352 -33.56 25.76 -31.86
CA GLN A 1352 -32.43 26.17 -32.73
C GLN A 1352 -32.27 27.68 -32.59
N PRO A 1353 -31.08 28.18 -32.18
CA PRO A 1353 -30.92 29.61 -31.94
C PRO A 1353 -31.42 30.45 -33.11
N PRO A 1354 -32.30 31.44 -32.86
CA PRO A 1354 -32.76 32.33 -33.94
C PRO A 1354 -31.60 32.75 -34.83
N SER A 1629 -25.96 6.64 -40.72
CA SER A 1629 -25.92 7.91 -40.02
C SER A 1629 -24.68 8.00 -39.15
N THR A 1630 -24.03 9.17 -39.16
CA THR A 1630 -22.83 9.36 -38.33
C THR A 1630 -23.18 9.34 -36.85
N LEU A 1631 -24.36 9.86 -36.48
CA LEU A 1631 -24.75 9.90 -35.07
C LEU A 1631 -24.77 8.49 -34.48
N ASP A 1632 -25.26 7.51 -35.23
CA ASP A 1632 -25.30 6.14 -34.70
C ASP A 1632 -23.91 5.63 -34.38
N SER A 1633 -22.96 5.85 -35.30
CA SER A 1633 -21.59 5.39 -35.08
C SER A 1633 -20.97 6.08 -33.88
N ILE A 1634 -21.15 7.40 -33.77
CA ILE A 1634 -20.60 8.13 -32.63
C ILE A 1634 -21.21 7.62 -31.32
N CYS A 1635 -22.52 7.41 -31.32
CA CYS A 1635 -23.19 6.92 -30.11
C CYS A 1635 -22.65 5.56 -29.68
N ASP A 1636 -22.52 4.64 -30.64
CA ASP A 1636 -22.06 3.30 -30.30
C ASP A 1636 -20.62 3.31 -29.82
N SER A 1637 -19.75 4.05 -30.52
CA SER A 1637 -18.35 4.12 -30.12
C SER A 1637 -18.20 4.74 -28.74
N LEU A 1638 -18.91 5.85 -28.49
CA LEU A 1638 -18.84 6.48 -27.18
C LEU A 1638 -19.43 5.60 -26.09
N SER A 1639 -20.45 4.79 -26.42
CA SER A 1639 -21.00 3.88 -25.43
C SER A 1639 -19.98 2.83 -25.02
N VAL A 1640 -19.34 2.19 -26.01
CA VAL A 1640 -18.35 1.17 -25.67
C VAL A 1640 -17.14 1.78 -24.97
N ALA A 1641 -16.83 3.05 -25.26
CA ALA A 1641 -15.76 3.73 -24.51
C ALA A 1641 -16.20 4.04 -23.09
N PHE A 1642 -17.46 4.42 -22.90
CA PHE A 1642 -17.97 4.74 -21.58
C PHE A 1642 -17.95 3.51 -20.67
N ARG A 1643 -18.37 2.35 -21.20
CA ARG A 1643 -18.41 1.16 -20.36
C ARG A 1643 -17.02 0.70 -19.96
N GLY A 1644 -15.99 1.15 -20.70
CA GLY A 1644 -14.64 0.77 -20.36
C GLY A 1644 -14.15 1.38 -19.06
N ILE A 1645 -14.45 2.65 -18.83
CA ILE A 1645 -13.87 3.38 -17.70
C ILE A 1645 -14.87 3.75 -16.62
N SER A 1646 -16.12 3.28 -16.73
CA SER A 1646 -17.14 3.67 -15.75
C SER A 1646 -16.76 3.25 -14.33
N HIS A 1647 -16.12 2.08 -14.20
CA HIS A 1647 -15.83 1.54 -12.87
C HIS A 1647 -14.82 2.41 -12.12
N CYS A 1648 -13.88 3.02 -12.84
CA CYS A 1648 -12.88 3.89 -12.21
C CYS A 1648 -12.43 4.90 -13.24
N PRO A 1649 -13.17 6.00 -13.40
CA PRO A 1649 -12.89 6.93 -14.48
C PRO A 1649 -11.80 7.92 -14.09
N PRO A 1650 -10.94 8.29 -15.05
CA PRO A 1650 -10.06 9.44 -14.82
C PRO A 1650 -10.88 10.71 -14.72
N SER A 1651 -10.36 11.67 -13.96
CA SER A 1651 -11.14 12.85 -13.59
C SER A 1651 -11.31 13.84 -14.73
N GLY A 1652 -10.61 13.62 -15.85
CA GLY A 1652 -10.70 14.57 -16.95
C GLY A 1652 -11.33 14.02 -18.21
N LEU A 1653 -11.10 12.75 -18.51
CA LEU A 1653 -11.65 12.15 -19.72
C LEU A 1653 -13.13 11.86 -19.55
N TYR A 1654 -13.55 11.52 -18.32
CA TYR A 1654 -14.93 11.18 -18.05
C TYR A 1654 -15.87 12.33 -18.39
N ALA A 1655 -15.50 13.56 -18.02
CA ALA A 1655 -16.34 14.72 -18.30
C ALA A 1655 -16.50 14.92 -19.80
N HIS A 1656 -15.41 14.81 -20.56
CA HIS A 1656 -15.49 14.95 -22.01
C HIS A 1656 -16.44 13.92 -22.59
N LEU A 1657 -16.24 12.64 -22.23
CA LEU A 1657 -17.10 11.58 -22.77
C LEU A 1657 -18.56 11.84 -22.41
N CYS A 1658 -18.83 12.16 -21.15
CA CYS A 1658 -20.21 12.31 -20.70
C CYS A 1658 -20.90 13.45 -21.40
N ARG A 1659 -20.26 14.62 -21.46
CA ARG A 1659 -20.91 15.78 -22.06
C ARG A 1659 -21.03 15.64 -23.57
N PHE A 1660 -20.04 15.04 -24.22
CA PHE A 1660 -20.14 14.82 -25.66
C PHE A 1660 -21.29 13.86 -25.99
N LEU A 1661 -21.41 12.76 -25.23
CA LEU A 1661 -22.51 11.83 -25.45
C LEU A 1661 -23.84 12.49 -25.14
N ALA A 1662 -23.90 13.34 -24.11
CA ALA A 1662 -25.13 14.05 -23.79
C ALA A 1662 -25.54 14.97 -24.94
N LEU A 1663 -24.57 15.65 -25.54
CA LEU A 1663 -24.86 16.45 -26.72
C LEU A 1663 -25.41 15.59 -27.85
N CYS A 1664 -24.80 14.42 -28.06
CA CYS A 1664 -25.21 13.59 -29.18
C CYS A 1664 -26.63 13.04 -28.99
N LEU A 1665 -26.96 12.61 -27.77
CA LEU A 1665 -28.26 11.99 -27.53
C LEU A 1665 -29.40 12.98 -27.66
N GLY A 1666 -29.30 14.13 -26.98
CA GLY A 1666 -30.33 15.13 -27.08
C GLY A 1666 -31.64 14.74 -26.39
N HIS A 1667 -32.71 15.43 -26.78
CA HIS A 1667 -34.05 15.19 -26.24
C HIS A 1667 -34.64 13.86 -26.67
N ARG A 1668 -33.90 13.03 -27.39
CA ARG A 1668 -34.39 11.71 -27.76
C ARG A 1668 -34.60 10.84 -26.52
N ASP A 1669 -33.70 10.96 -25.54
CA ASP A 1669 -33.85 10.29 -24.25
C ASP A 1669 -33.55 11.30 -23.14
N PRO A 1670 -34.57 11.99 -22.62
CA PRO A 1670 -34.31 12.99 -21.57
C PRO A 1670 -33.67 12.42 -20.33
N TYR A 1671 -34.08 11.21 -19.92
CA TYR A 1671 -33.50 10.60 -18.72
C TYR A 1671 -32.02 10.31 -18.91
N ALA A 1672 -31.65 9.75 -20.06
CA ALA A 1672 -30.25 9.48 -20.35
C ALA A 1672 -29.44 10.76 -20.42
N THR A 1673 -30.00 11.81 -21.05
CA THR A 1673 -29.30 13.08 -21.14
C THR A 1673 -29.05 13.66 -19.74
N ALA A 1674 -30.08 13.63 -18.89
CA ALA A 1674 -29.92 14.17 -17.54
C ALA A 1674 -28.90 13.38 -16.74
N PHE A 1675 -28.95 12.05 -16.83
CA PHE A 1675 -27.97 11.23 -16.12
C PHE A 1675 -26.55 11.53 -16.60
N LEU A 1676 -26.37 11.63 -17.92
CA LEU A 1676 -25.02 11.89 -18.45
C LEU A 1676 -24.50 13.25 -18.02
N VAL A 1677 -25.37 14.27 -18.04
CA VAL A 1677 -24.93 15.59 -17.61
C VAL A 1677 -24.62 15.60 -16.12
N THR A 1678 -25.42 14.91 -15.31
CA THR A 1678 -25.14 14.88 -13.87
C THR A 1678 -23.86 14.11 -13.55
N GLU A 1679 -23.51 13.11 -14.37
CA GLU A 1679 -22.37 12.26 -14.10
C GLU A 1679 -21.06 12.83 -14.64
N SER A 1680 -20.97 14.16 -14.79
CA SER A 1680 -19.74 14.77 -15.30
C SER A 1680 -19.21 15.91 -14.45
N VAL A 1681 -19.65 16.06 -13.20
CA VAL A 1681 -19.21 17.15 -12.34
C VAL A 1681 -18.68 16.57 -11.03
N SER A 1682 -17.50 17.04 -10.61
CA SER A 1682 -16.92 16.73 -9.30
C SER A 1682 -16.69 15.23 -9.12
N ILE A 1683 -15.78 14.69 -9.94
CA ILE A 1683 -15.44 13.27 -9.85
C ILE A 1683 -14.28 13.03 -8.90
N THR A 1684 -13.29 13.93 -8.88
CA THR A 1684 -12.19 13.81 -7.94
C THR A 1684 -12.69 13.88 -6.51
N CYS A 1685 -13.63 14.79 -6.25
CA CYS A 1685 -14.26 14.85 -4.93
C CYS A 1685 -14.94 13.53 -4.58
N ARG A 1686 -15.54 12.87 -5.56
CA ARG A 1686 -16.18 11.58 -5.33
C ARG A 1686 -15.15 10.51 -4.96
N HIS A 1687 -14.01 10.48 -5.67
CA HIS A 1687 -12.94 9.54 -5.31
C HIS A 1687 -12.45 9.79 -3.89
N GLN A 1688 -12.23 11.06 -3.54
CA GLN A 1688 -11.73 11.38 -2.21
C GLN A 1688 -12.76 11.04 -1.14
N LEU A 1689 -14.04 11.23 -1.44
CA LEU A 1689 -15.08 10.86 -0.47
C LEU A 1689 -15.15 9.35 -0.28
N LEU A 1690 -14.96 8.57 -1.35
CA LEU A 1690 -14.90 7.13 -1.19
C LEU A 1690 -13.73 6.71 -0.30
N THR A 1691 -12.56 7.31 -0.51
CA THR A 1691 -11.41 6.98 0.33
C THR A 1691 -11.66 7.39 1.79
N HIS A 1692 -12.25 8.57 2.00
CA HIS A 1692 -12.55 9.02 3.36
C HIS A 1692 -13.55 8.10 4.04
N LEU A 1693 -14.58 7.66 3.31
CA LEU A 1693 -15.56 6.74 3.86
C LEU A 1693 -14.92 5.41 4.24
N HIS A 1694 -14.01 4.91 3.41
CA HIS A 1694 -13.30 3.68 3.77
C HIS A 1694 -12.48 3.89 5.03
N ARG A 1695 -11.83 5.04 5.17
CA ARG A 1695 -11.06 5.33 6.37
C ARG A 1695 -11.97 5.31 7.60
N GLN A 1696 -13.13 5.97 7.51
CA GLN A 1696 -14.05 6.00 8.65
C GLN A 1696 -14.55 4.59 8.99
N LEU A 1697 -14.93 3.82 7.98
CA LEU A 1697 -15.43 2.47 8.22
C LEU A 1697 -14.35 1.58 8.82
N SER A 1698 -13.10 1.73 8.38
CA SER A 1698 -12.01 0.95 8.98
C SER A 1698 -11.74 1.40 10.41
N LYS A 1699 -11.96 2.68 10.71
CA LYS A 1699 -11.86 3.15 12.08
C LYS A 1699 -12.99 2.56 12.93
N ALA A 1700 -14.11 2.21 12.31
CA ALA A 1700 -15.27 1.73 13.07
C ALA A 1700 -14.94 0.49 13.89
N GLN A 1701 -14.39 -0.54 13.26
CA GLN A 1701 -14.13 -1.78 14.01
C GLN A 1701 -12.74 -1.76 14.61
N ASP A 1724 -23.54 3.26 11.18
CA ASP A 1724 -22.86 2.43 10.19
C ASP A 1724 -23.76 2.25 8.97
N VAL A 1725 -25.05 1.99 9.23
CA VAL A 1725 -26.01 1.86 8.13
C VAL A 1725 -26.04 3.11 7.24
N PRO A 1726 -26.07 4.34 7.78
CA PRO A 1726 -25.94 5.51 6.88
C PRO A 1726 -24.66 5.48 6.08
N LEU A 1727 -23.55 5.06 6.68
CA LEU A 1727 -22.30 4.98 5.94
C LEU A 1727 -22.39 3.96 4.82
N ALA A 1728 -23.01 2.81 5.08
CA ALA A 1728 -23.18 1.80 4.05
C ALA A 1728 -24.03 2.32 2.89
N ARG A 1729 -25.12 3.02 3.20
CA ARG A 1729 -25.96 3.54 2.12
C ARG A 1729 -25.26 4.65 1.35
N ILE A 1730 -24.46 5.47 2.03
CA ILE A 1730 -23.70 6.51 1.33
C ILE A 1730 -22.66 5.88 0.42
N GLN A 1731 -22.02 4.79 0.88
CA GLN A 1731 -21.10 4.06 0.02
C GLN A 1731 -21.82 3.50 -1.20
N ARG A 1732 -23.01 2.94 -1.01
CA ARG A 1732 -23.78 2.43 -2.15
C ARG A 1732 -24.11 3.56 -3.13
N LEU A 1733 -24.49 4.72 -2.61
CA LEU A 1733 -24.86 5.84 -3.47
C LEU A 1733 -23.66 6.34 -4.29
N PHE A 1734 -22.47 6.28 -3.72
CA PHE A 1734 -21.28 6.84 -4.37
C PHE A 1734 -20.49 5.81 -5.18
N SER A 1735 -20.72 4.52 -4.94
CA SER A 1735 -19.94 3.50 -5.61
C SER A 1735 -20.19 3.51 -7.12
N PHE A 1736 -19.17 3.14 -7.88
CA PHE A 1736 -19.25 3.10 -9.33
C PHE A 1736 -19.81 1.79 -9.87
N ARG A 1737 -19.99 0.78 -9.03
CA ARG A 1737 -20.37 -0.55 -9.49
C ARG A 1737 -21.73 -0.98 -8.96
N ALA A 1738 -22.43 -0.13 -8.21
CA ALA A 1738 -23.70 -0.49 -7.59
C ALA A 1738 -24.81 -0.34 -8.62
N LEU A 1739 -24.92 -1.32 -9.51
CA LEU A 1739 -25.95 -1.31 -10.54
C LEU A 1739 -26.11 -2.70 -11.15
N GLU A 1740 -27.18 -2.91 -11.91
CA GLU A 1740 -27.43 -4.20 -12.54
C GLU A 1740 -26.64 -4.27 -13.85
N SER A 1741 -26.91 -5.30 -14.66
CA SER A 1741 -26.19 -5.52 -15.90
C SER A 1741 -27.14 -5.40 -17.08
N GLY A 1742 -26.57 -5.31 -18.28
CA GLY A 1742 -27.37 -5.23 -19.48
C GLY A 1742 -26.77 -4.32 -20.54
N HIS A 1743 -27.64 -3.63 -21.27
CA HIS A 1743 -27.23 -2.73 -22.33
C HIS A 1743 -27.02 -1.33 -21.78
N PHE A 1744 -26.91 -0.36 -22.68
CA PHE A 1744 -26.71 1.04 -22.31
C PHE A 1744 -27.91 1.85 -22.81
N PRO A 1745 -28.56 2.64 -21.95
CA PRO A 1745 -28.34 2.85 -20.52
C PRO A 1745 -29.40 2.25 -19.60
N GLN A 1746 -29.86 1.01 -19.79
CA GLN A 1746 -30.95 0.49 -18.97
C GLN A 1746 -30.63 0.47 -17.48
N PRO A 1747 -29.51 -0.14 -17.02
CA PRO A 1747 -29.19 -0.02 -15.59
C PRO A 1747 -28.94 1.40 -15.16
N GLU A 1748 -28.34 2.20 -16.05
CA GLU A 1748 -28.11 3.62 -15.75
C GLU A 1748 -29.44 4.34 -15.52
N LYS A 1749 -30.41 4.08 -16.39
CA LYS A 1749 -31.71 4.75 -16.25
C LYS A 1749 -32.45 4.26 -15.01
N GLU A 1750 -32.35 2.97 -14.69
CA GLU A 1750 -33.00 2.46 -13.48
C GLU A 1750 -32.40 3.10 -12.23
N SER A 1751 -31.07 3.16 -12.16
CA SER A 1751 -30.42 3.80 -11.02
C SER A 1751 -30.76 5.28 -10.96
N PHE A 1752 -30.82 5.94 -12.12
CA PHE A 1752 -31.14 7.37 -12.14
C PHE A 1752 -32.56 7.62 -11.65
N GLN A 1753 -33.52 6.78 -12.05
CA GLN A 1753 -34.88 6.96 -11.58
C GLN A 1753 -35.00 6.69 -10.08
N GLU A 1754 -34.27 5.69 -9.59
CA GLU A 1754 -34.25 5.46 -8.15
C GLU A 1754 -33.67 6.66 -7.41
N ARG A 1755 -32.65 7.29 -7.98
CA ARG A 1755 -32.10 8.51 -7.38
C ARG A 1755 -33.09 9.66 -7.43
N LEU A 1756 -33.79 9.80 -8.57
CA LEU A 1756 -34.73 10.91 -8.74
C LEU A 1756 -35.88 10.81 -7.76
N ALA A 1757 -36.35 9.60 -7.49
CA ALA A 1757 -37.45 9.43 -6.54
C ALA A 1757 -37.06 9.90 -5.14
N LEU A 1758 -35.77 10.04 -4.87
CA LEU A 1758 -35.29 10.41 -3.54
C LEU A 1758 -35.14 11.91 -3.35
N ILE A 1759 -35.40 12.72 -4.38
CA ILE A 1759 -35.21 14.16 -4.31
C ILE A 1759 -36.18 14.77 -3.30
N PRO A 1760 -35.71 15.63 -2.39
CA PRO A 1760 -36.64 16.29 -1.47
C PRO A 1760 -37.59 17.24 -2.21
N SER A 1761 -38.79 17.39 -1.66
CA SER A 1761 -39.79 18.24 -2.29
C SER A 1761 -39.42 19.71 -2.15
N GLY A 1762 -39.92 20.51 -3.11
CA GLY A 1762 -39.70 21.94 -3.06
C GLY A 1762 -38.29 22.38 -3.35
N VAL A 1763 -37.50 21.55 -4.03
CA VAL A 1763 -36.12 21.87 -4.37
C VAL A 1763 -35.94 21.68 -5.87
N THR A 1764 -35.49 22.71 -6.55
CA THR A 1764 -35.17 22.63 -7.97
C THR A 1764 -33.66 22.65 -8.14
N VAL A 1765 -33.13 21.71 -8.91
CA VAL A 1765 -31.70 21.56 -9.11
C VAL A 1765 -31.37 21.92 -10.55
N CYS A 1766 -30.36 22.77 -10.72
CA CYS A 1766 -29.93 23.22 -12.04
C CYS A 1766 -28.45 22.94 -12.20
N VAL A 1767 -28.09 22.33 -13.33
CA VAL A 1767 -26.71 21.97 -13.62
C VAL A 1767 -26.24 22.80 -14.81
N LEU A 1768 -25.15 23.53 -14.62
CA LEU A 1768 -24.56 24.35 -15.67
C LEU A 1768 -23.16 23.81 -15.97
N ALA A 1769 -22.97 23.31 -17.19
CA ALA A 1769 -21.71 22.74 -17.60
C ALA A 1769 -21.35 23.26 -18.98
N LEU A 1770 -20.06 23.27 -19.26
CA LEU A 1770 -19.54 23.76 -20.53
C LEU A 1770 -19.13 22.58 -21.41
N ALA A 1771 -19.63 22.57 -22.63
CA ALA A 1771 -19.30 21.52 -23.59
C ALA A 1771 -18.05 21.94 -24.36
N THR A 1772 -16.97 21.18 -24.18
CA THR A 1772 -15.69 21.49 -24.78
C THR A 1772 -15.45 20.61 -25.99
N LEU A 1773 -15.21 21.23 -27.15
CA LEU A 1773 -14.91 20.47 -28.35
C LEU A 1773 -13.44 20.04 -28.34
N GLN A 1774 -12.53 21.00 -28.23
CA GLN A 1774 -11.12 20.69 -28.06
C GLN A 1774 -10.90 20.20 -26.63
N PRO A 1775 -10.23 19.07 -26.42
CA PRO A 1775 -10.10 18.53 -25.06
C PRO A 1775 -9.09 19.26 -24.19
N GLY A 1776 -8.66 20.44 -24.61
CA GLY A 1776 -7.75 21.23 -23.81
C GLY A 1776 -8.18 22.66 -23.59
N THR A 1777 -9.11 23.13 -24.41
CA THR A 1777 -9.54 24.52 -24.36
C THR A 1777 -10.95 24.62 -23.76
N VAL A 1778 -11.51 25.82 -23.77
CA VAL A 1778 -12.85 26.08 -23.25
C VAL A 1778 -13.81 26.23 -24.41
N GLY A 1779 -14.97 25.57 -24.32
CA GLY A 1779 -15.94 25.59 -25.39
C GLY A 1779 -16.88 26.80 -25.31
N ASN A 1780 -17.85 26.81 -26.21
CA ASN A 1780 -18.83 27.88 -26.32
C ASN A 1780 -20.24 27.32 -26.35
N THR A 1781 -20.46 26.21 -25.64
CA THR A 1781 -21.78 25.60 -25.56
C THR A 1781 -22.10 25.30 -24.11
N LEU A 1782 -23.28 25.73 -23.66
CA LEU A 1782 -23.70 25.58 -22.27
C LEU A 1782 -24.87 24.62 -22.20
N LEU A 1783 -24.82 23.69 -21.24
CA LEU A 1783 -25.85 22.70 -21.03
C LEU A 1783 -26.57 22.98 -19.72
N LEU A 1784 -27.90 22.95 -19.76
CA LEU A 1784 -28.73 23.28 -18.61
C LEU A 1784 -29.70 22.14 -18.36
N THR A 1785 -29.81 21.71 -17.10
CA THR A 1785 -30.70 20.62 -16.73
C THR A 1785 -31.46 20.98 -15.46
N ARG A 1786 -32.78 20.82 -15.50
CA ARG A 1786 -33.64 21.11 -14.36
C ARG A 1786 -34.23 19.81 -13.85
N LEU A 1787 -33.91 19.44 -12.61
CA LEU A 1787 -34.37 18.20 -12.01
C LEU A 1787 -35.32 18.54 -10.86
N GLU A 1788 -36.44 17.82 -10.80
CA GLU A 1788 -37.47 18.12 -9.83
C GLU A 1788 -38.18 16.83 -9.44
N LYS A 1789 -38.80 16.84 -8.26
CA LYS A 1789 -39.57 15.70 -7.82
C LYS A 1789 -40.88 15.61 -8.59
N ASP A 1790 -41.20 14.40 -9.04
CA ASP A 1790 -42.43 14.13 -9.79
C ASP A 1790 -42.50 15.00 -11.05
N SER A 1791 -41.39 15.04 -11.78
CA SER A 1791 -41.34 15.79 -13.04
C SER A 1791 -40.25 15.19 -13.90
N PRO A 1792 -40.49 14.98 -15.20
CA PRO A 1792 -39.41 14.51 -16.07
C PRO A 1792 -38.34 15.55 -16.22
N PRO A 1793 -37.08 15.16 -16.43
CA PRO A 1793 -36.01 16.14 -16.58
C PRO A 1793 -36.19 16.99 -17.83
N VAL A 1794 -35.68 18.22 -17.77
CA VAL A 1794 -35.72 19.15 -18.88
C VAL A 1794 -34.29 19.62 -19.15
N SER A 1795 -33.87 19.54 -20.42
CA SER A 1795 -32.52 19.90 -20.81
C SER A 1795 -32.56 20.75 -22.06
N VAL A 1796 -31.51 21.55 -22.25
CA VAL A 1796 -31.44 22.50 -23.35
C VAL A 1796 -29.99 22.90 -23.57
N GLN A 1797 -29.68 23.37 -24.78
CA GLN A 1797 -28.33 23.74 -25.16
C GLN A 1797 -28.31 25.17 -25.68
N ILE A 1798 -27.31 25.94 -25.27
CA ILE A 1798 -27.17 27.33 -25.68
C ILE A 1798 -25.83 27.52 -26.39
N PRO A 1799 -25.81 27.65 -27.73
CA PRO A 1799 -24.56 28.00 -28.42
C PRO A 1799 -24.29 29.49 -28.28
N THR A 1800 -23.04 29.84 -27.98
CA THR A 1800 -22.64 31.23 -27.79
C THR A 1800 -21.52 31.66 -28.74
N GLY A 1801 -21.16 30.81 -29.70
CA GLY A 1801 -20.13 31.18 -30.64
C GLY A 1801 -20.65 32.02 -31.79
N GLN A 1802 -21.96 31.97 -32.03
CA GLN A 1802 -22.53 32.67 -33.16
C GLN A 1802 -22.72 34.15 -32.87
N ASN A 1803 -22.88 34.52 -31.61
CA ASN A 1803 -23.07 35.92 -31.25
C ASN A 1803 -21.80 36.50 -30.63
N LYS A 1804 -21.74 37.82 -30.59
CA LYS A 1804 -20.65 38.50 -29.91
C LYS A 1804 -20.80 38.32 -28.40
N LEU A 1805 -19.77 38.72 -27.67
CA LEU A 1805 -19.71 38.55 -26.21
C LEU A 1805 -19.81 37.07 -25.85
N HIS A 1806 -18.79 36.32 -26.28
CA HIS A 1806 -18.76 34.88 -26.03
C HIS A 1806 -18.57 34.60 -24.54
N LEU A 1807 -18.69 33.33 -24.18
CA LEU A 1807 -18.37 32.90 -22.82
C LEU A 1807 -16.88 33.06 -22.55
N ARG A 1808 -16.05 32.72 -23.52
CA ARG A 1808 -14.61 32.92 -23.37
C ARG A 1808 -14.26 34.39 -23.25
N SER A 1809 -15.02 35.27 -23.92
CA SER A 1809 -14.82 36.70 -23.76
C SER A 1809 -15.06 37.13 -22.32
N VAL A 1810 -16.13 36.61 -21.72
CA VAL A 1810 -16.43 36.94 -20.33
C VAL A 1810 -15.35 36.41 -19.41
N LEU A 1811 -14.88 35.18 -19.64
CA LEU A 1811 -13.84 34.61 -18.79
C LEU A 1811 -12.54 35.41 -18.89
N ASN A 1812 -12.14 35.77 -20.10
CA ASN A 1812 -10.93 36.56 -20.29
C ASN A 1812 -11.07 37.94 -19.67
N GLU A 1813 -12.23 38.57 -19.80
CA GLU A 1813 -12.45 39.88 -19.19
C GLU A 1813 -12.37 39.78 -17.68
N PHE A 1814 -12.91 38.72 -17.10
CA PHE A 1814 -12.84 38.53 -15.64
C PHE A 1814 -11.40 38.38 -15.18
N ASP A 1815 -10.62 37.56 -15.89
CA ASP A 1815 -9.21 37.41 -15.53
C ASP A 1815 -8.46 38.73 -15.67
N ALA A 1816 -8.76 39.49 -16.73
CA ALA A 1816 -8.12 40.78 -16.92
C ALA A 1816 -8.47 41.74 -15.79
N ILE A 1817 -9.72 41.71 -15.32
CA ILE A 1817 -10.12 42.58 -14.23
C ILE A 1817 -9.38 42.20 -12.95
N GLN A 1818 -9.23 40.90 -12.68
CA GLN A 1818 -8.48 40.48 -11.50
C GLN A 1818 -7.02 40.94 -11.58
N LYS A 1819 -6.38 40.75 -12.74
CA LYS A 1819 -5.00 41.18 -12.87
C LYS A 1819 -4.86 42.69 -12.76
N ALA A 1820 -5.82 43.44 -13.31
CA ALA A 1820 -5.81 44.88 -13.19
C ALA A 1820 -5.98 45.33 -11.75
N GLN A 1821 -6.81 44.62 -10.98
CA GLN A 1821 -6.94 44.95 -9.56
C GLN A 1821 -5.63 44.72 -8.84
N LYS A 1822 -4.95 43.61 -9.14
CA LYS A 1822 -3.66 43.37 -8.50
C LYS A 1822 -2.64 44.44 -8.88
N GLU A 1823 -2.67 44.89 -10.14
CA GLU A 1823 -1.77 45.96 -10.57
C GLU A 1823 -2.09 47.27 -9.86
N ASN A 1824 -3.37 47.60 -9.74
CA ASN A 1824 -3.77 48.88 -9.15
C ASN A 1824 -3.60 48.88 -7.65
N SER A 1825 -3.53 47.70 -7.02
CA SER A 1825 -3.36 47.65 -5.57
C SER A 1825 -2.03 48.28 -5.15
N SER A 1826 -0.98 48.04 -5.93
CA SER A 1826 0.35 48.57 -5.61
C SER A 1826 0.53 49.94 -6.25
N CYS A 1827 0.15 50.98 -5.50
CA CYS A 1827 0.37 52.36 -5.93
C CYS A 1827 0.62 53.24 -4.70
N THR A 1828 0.93 54.52 -4.93
CA THR A 1828 1.24 55.42 -3.82
C THR A 1828 0.18 56.51 -3.69
N ASP A 1829 -0.11 57.20 -4.79
CA ASP A 1829 -1.14 58.24 -4.78
C ASP A 1829 -2.52 57.63 -4.83
N LYS A 1830 -3.46 58.22 -4.09
CA LYS A 1830 -4.76 57.58 -3.94
C LYS A 1830 -5.78 58.12 -4.93
N ARG A 1831 -5.50 59.26 -5.57
CA ARG A 1831 -6.34 59.71 -6.69
C ARG A 1831 -6.47 58.63 -7.77
N GLU A 1832 -5.33 58.17 -8.29
CA GLU A 1832 -5.36 57.16 -9.34
C GLU A 1832 -5.92 55.85 -8.82
N TRP A 1833 -5.63 55.53 -7.56
CA TRP A 1833 -6.22 54.36 -6.92
C TRP A 1833 -7.75 54.40 -7.03
N TRP A 1834 -8.34 55.52 -6.62
CA TRP A 1834 -9.79 55.64 -6.60
C TRP A 1834 -10.36 55.62 -8.01
N THR A 1835 -9.72 56.32 -8.94
CA THR A 1835 -10.20 56.32 -10.33
C THR A 1835 -10.20 54.91 -10.90
N GLY A 1836 -9.10 54.18 -10.69
CA GLY A 1836 -9.03 52.81 -11.17
C GLY A 1836 -10.08 51.92 -10.53
N ARG A 1837 -10.31 52.09 -9.24
CA ARG A 1837 -11.33 51.28 -8.57
C ARG A 1837 -12.71 51.54 -9.17
N LEU A 1838 -13.04 52.81 -9.42
CA LEU A 1838 -14.34 53.12 -10.01
C LEU A 1838 -14.49 52.50 -11.40
N ALA A 1839 -13.44 52.62 -12.23
CA ALA A 1839 -13.49 52.04 -13.56
C ALA A 1839 -13.65 50.52 -13.50
N LEU A 1840 -12.93 49.87 -12.58
CA LEU A 1840 -13.03 48.43 -12.44
C LEU A 1840 -14.43 48.01 -12.00
N ASP A 1841 -15.04 48.78 -11.10
CA ASP A 1841 -16.40 48.47 -10.66
C ASP A 1841 -17.38 48.59 -11.83
N HIS A 1842 -17.21 49.61 -12.66
CA HIS A 1842 -18.08 49.74 -13.84
C HIS A 1842 -17.91 48.55 -14.78
N ARG A 1843 -16.67 48.11 -15.00
CA ARG A 1843 -16.43 46.96 -15.86
C ARG A 1843 -17.09 45.71 -15.30
N MET A 1844 -17.00 45.51 -13.98
CA MET A 1844 -17.61 44.33 -13.37
C MET A 1844 -19.13 44.38 -13.47
N GLU A 1845 -19.72 45.57 -13.31
CA GLU A 1845 -21.17 45.68 -13.50
C GLU A 1845 -21.58 45.32 -14.93
N VAL A 1846 -20.81 45.79 -15.91
CA VAL A 1846 -21.11 45.45 -17.31
C VAL A 1846 -21.01 43.94 -17.52
N LEU A 1847 -20.00 43.31 -16.92
CA LEU A 1847 -19.85 41.86 -17.04
C LEU A 1847 -21.04 41.12 -16.43
N ILE A 1848 -21.49 41.57 -15.25
CA ILE A 1848 -22.62 40.91 -14.59
C ILE A 1848 -23.88 41.04 -15.45
N ALA A 1849 -24.11 42.22 -16.02
CA ALA A 1849 -25.27 42.38 -16.90
C ALA A 1849 -25.15 41.48 -18.13
N SER A 1850 -23.95 41.39 -18.70
CA SER A 1850 -23.74 40.56 -19.89
C SER A 1850 -23.99 39.09 -19.59
N LEU A 1851 -23.72 38.66 -18.36
CA LEU A 1851 -24.02 37.27 -17.99
C LEU A 1851 -25.48 36.94 -18.23
N GLU A 1852 -26.38 37.82 -17.79
CA GLU A 1852 -27.80 37.53 -17.90
C GLU A 1852 -28.34 37.80 -19.30
N LYS A 1853 -28.01 38.95 -19.88
CA LYS A 1853 -28.69 39.36 -21.10
C LYS A 1853 -28.09 38.77 -22.37
N SER A 1854 -26.89 38.19 -22.32
CA SER A 1854 -26.23 37.70 -23.53
C SER A 1854 -25.90 36.22 -23.52
N VAL A 1855 -25.86 35.58 -22.36
CA VAL A 1855 -25.50 34.16 -22.26
C VAL A 1855 -26.74 33.28 -22.10
N LEU A 1856 -27.51 33.50 -21.03
CA LEU A 1856 -28.67 32.65 -20.78
C LEU A 1856 -29.80 32.96 -21.76
N GLY A 1857 -29.99 34.23 -22.09
CA GLY A 1857 -31.04 34.58 -23.03
C GLY A 1857 -32.43 34.36 -22.45
N CYS A 1858 -33.32 33.81 -23.28
CA CYS A 1858 -34.70 33.59 -22.86
C CYS A 1858 -34.83 32.46 -21.84
N TRP A 1859 -33.81 31.62 -21.70
CA TRP A 1859 -33.88 30.46 -20.83
C TRP A 1859 -33.58 30.79 -19.38
N LYS A 1860 -33.66 32.06 -18.98
CA LYS A 1860 -33.53 32.42 -17.57
C LYS A 1860 -34.67 31.82 -16.75
N GLY A 1861 -35.79 31.50 -17.39
CA GLY A 1861 -36.94 31.00 -16.66
C GLY A 1861 -36.76 29.61 -16.10
N LEU A 1862 -35.81 28.84 -16.65
CA LEU A 1862 -35.57 27.49 -16.16
C LEU A 1862 -34.99 27.49 -14.74
N LEU A 1863 -34.48 28.62 -14.28
CA LEU A 1863 -33.89 28.72 -12.95
C LEU A 1863 -34.83 29.34 -11.93
N LEU A 1864 -36.12 29.49 -12.27
CA LEU A 1864 -37.10 30.08 -11.38
C LEU A 1864 -38.10 29.03 -10.90
N PRO A 1865 -38.71 29.24 -9.73
CA PRO A 1865 -39.64 28.24 -9.20
C PRO A 1865 -40.88 28.09 -10.08
N SER A 1866 -41.46 26.89 -10.02
CA SER A 1866 -42.65 26.59 -10.79
C SER A 1866 -43.88 27.17 -10.08
N SER A 1867 -45.07 26.82 -10.56
CA SER A 1867 -46.32 27.34 -10.02
C SER A 1867 -47.19 26.20 -9.51
N GLU A 1868 -47.97 26.50 -8.47
CA GLU A 1868 -48.83 25.50 -7.85
C GLU A 1868 -50.31 25.73 -8.14
N GLU A 1869 -50.69 26.97 -8.46
CA GLU A 1869 -52.08 27.23 -8.83
C GLU A 1869 -52.43 26.55 -10.14
N PRO A 1870 -53.55 25.83 -10.21
CA PRO A 1870 -53.95 25.22 -11.47
C PRO A 1870 -54.34 26.26 -12.51
N GLY A 1871 -54.14 25.93 -13.77
CA GLY A 1871 -54.49 26.79 -14.88
C GLY A 1871 -53.34 27.00 -15.84
N PRO A 1872 -52.12 27.18 -15.31
CA PRO A 1872 -50.95 27.05 -16.17
C PRO A 1872 -50.84 25.68 -16.82
N ALA A 1873 -51.21 24.61 -16.10
CA ALA A 1873 -51.17 23.28 -16.67
C ALA A 1873 -52.19 23.14 -17.80
N GLN A 1874 -53.40 23.66 -17.59
CA GLN A 1874 -54.43 23.60 -18.63
C GLN A 1874 -54.00 24.39 -19.86
N GLU A 1875 -53.47 25.59 -19.66
CA GLU A 1875 -53.00 26.40 -20.77
C GLU A 1875 -51.85 25.71 -21.49
N ALA A 1876 -50.94 25.08 -20.73
CA ALA A 1876 -49.82 24.39 -21.32
C ALA A 1876 -50.29 23.23 -22.19
N SER A 1877 -51.27 22.47 -21.71
CA SER A 1877 -51.80 21.36 -22.50
C SER A 1877 -52.46 21.85 -23.78
N ARG A 1878 -53.29 22.89 -23.67
CA ARG A 1878 -53.96 23.42 -24.86
C ARG A 1878 -52.94 23.96 -25.86
N LEU A 1879 -51.93 24.67 -25.37
CA LEU A 1879 -50.88 25.18 -26.24
C LEU A 1879 -50.09 24.05 -26.87
N GLN A 1880 -49.84 22.98 -26.12
CA GLN A 1880 -49.09 21.84 -26.64
C GLN A 1880 -49.83 21.21 -27.81
N GLU A 1881 -51.15 21.08 -27.68
CA GLU A 1881 -51.92 20.46 -28.76
C GLU A 1881 -51.79 21.25 -30.06
N LEU A 1882 -51.86 22.59 -29.97
CA LEU A 1882 -51.77 23.41 -31.18
C LEU A 1882 -50.35 23.50 -31.70
N LEU A 1883 -49.37 23.63 -30.80
CA LEU A 1883 -47.98 23.78 -31.22
C LEU A 1883 -47.41 22.50 -31.78
N GLN A 1884 -48.01 21.36 -31.48
CA GLN A 1884 -47.61 20.12 -32.13
C GLN A 1884 -47.80 20.23 -33.63
N ASP A 1885 -48.92 20.82 -34.06
CA ASP A 1885 -49.15 21.03 -35.48
C ASP A 1885 -48.31 22.19 -36.02
N CYS A 1886 -47.97 23.15 -35.15
CA CYS A 1886 -47.24 24.33 -35.60
C CYS A 1886 -45.85 23.98 -36.10
N GLY A 1887 -45.27 22.90 -35.60
CA GLY A 1887 -43.98 22.47 -36.10
C GLY A 1887 -42.95 22.13 -35.04
N TRP A 1888 -43.38 22.04 -33.78
CA TRP A 1888 -42.47 21.65 -32.71
C TRP A 1888 -42.01 20.22 -32.93
N LYS A 1889 -40.71 20.03 -33.15
CA LYS A 1889 -40.20 18.71 -33.48
C LYS A 1889 -40.32 17.75 -32.31
N TYR A 1890 -40.00 18.20 -31.09
CA TYR A 1890 -40.14 17.39 -29.89
C TYR A 1890 -41.06 18.13 -28.93
N PRO A 1891 -42.29 17.66 -28.72
CA PRO A 1891 -43.21 18.37 -27.83
C PRO A 1891 -43.07 17.96 -26.37
N ASP A 1892 -42.89 18.94 -25.48
CA ASP A 1892 -42.75 18.69 -24.06
C ASP A 1892 -43.71 19.61 -23.30
N ARG A 1893 -44.60 19.02 -22.52
CA ARG A 1893 -45.53 19.81 -21.72
C ARG A 1893 -44.82 20.47 -20.54
N THR A 1894 -43.83 19.77 -19.97
CA THR A 1894 -43.14 20.31 -18.80
C THR A 1894 -42.38 21.58 -19.15
N LEU A 1895 -41.78 21.64 -20.34
CA LEU A 1895 -41.06 22.84 -20.75
C LEU A 1895 -41.99 24.04 -20.81
N LEU A 1896 -43.17 23.87 -21.44
CA LEU A 1896 -44.13 24.95 -21.51
C LEU A 1896 -44.63 25.33 -20.12
N LYS A 1897 -44.85 24.35 -19.25
CA LYS A 1897 -45.30 24.64 -17.90
C LYS A 1897 -44.28 25.48 -17.14
N ILE A 1898 -43.00 25.11 -17.25
CA ILE A 1898 -41.95 25.85 -16.55
C ILE A 1898 -41.83 27.26 -17.11
N MET A 1899 -41.88 27.39 -18.43
CA MET A 1899 -41.72 28.72 -19.03
C MET A 1899 -42.92 29.62 -18.73
N LEU A 1900 -44.12 29.05 -18.67
CA LEU A 1900 -45.31 29.84 -18.40
C LEU A 1900 -45.56 30.07 -16.92
N SER A 1901 -44.86 29.35 -16.03
CA SER A 1901 -45.00 29.61 -14.61
C SER A 1901 -44.51 31.01 -14.24
N GLY A 1902 -43.67 31.60 -15.08
CA GLY A 1902 -43.21 32.96 -14.89
C GLY A 1902 -43.65 33.86 -16.03
N ALA A 1903 -44.90 33.70 -16.47
CA ALA A 1903 -45.37 34.41 -17.65
C ALA A 1903 -45.35 35.92 -17.46
N GLY A 1904 -45.33 36.38 -16.21
CA GLY A 1904 -45.33 37.81 -15.97
C GLY A 1904 -44.06 38.49 -16.45
N ALA A 1905 -42.92 37.84 -16.23
CA ALA A 1905 -41.64 38.49 -16.50
C ALA A 1905 -41.23 38.37 -17.97
N LEU A 1906 -41.98 37.62 -18.75
CA LEU A 1906 -41.65 37.42 -20.16
C LEU A 1906 -41.75 38.73 -20.94
N THR A 1907 -40.64 39.13 -21.55
CA THR A 1907 -40.59 40.31 -22.39
C THR A 1907 -40.98 39.94 -23.83
N PRO A 1908 -41.39 40.93 -24.63
CA PRO A 1908 -41.72 40.61 -26.04
C PRO A 1908 -40.57 39.99 -26.81
N GLN A 1909 -39.33 40.43 -26.56
CA GLN A 1909 -38.20 39.92 -27.34
C GLN A 1909 -37.90 38.46 -27.00
N ASP A 1910 -37.98 38.09 -25.72
CA ASP A 1910 -37.70 36.70 -25.37
C ASP A 1910 -38.84 35.78 -25.82
N ILE A 1911 -40.07 36.30 -25.84
CA ILE A 1911 -41.17 35.56 -26.43
C ILE A 1911 -40.92 35.33 -27.91
N GLN A 1912 -40.43 36.36 -28.61
CA GLN A 1912 -40.08 36.19 -30.02
C GLN A 1912 -38.98 35.15 -30.19
N ALA A 1913 -37.98 35.19 -29.33
CA ALA A 1913 -36.87 34.24 -29.42
C ALA A 1913 -37.36 32.81 -29.22
N LEU A 1914 -38.20 32.59 -28.20
CA LEU A 1914 -38.77 31.27 -27.98
C LEU A 1914 -39.58 30.81 -29.18
N ALA A 1915 -40.49 31.67 -29.66
CA ALA A 1915 -41.37 31.27 -30.76
C ALA A 1915 -40.57 30.94 -32.01
N TYR A 1916 -39.54 31.74 -32.29
CA TYR A 1916 -38.73 31.50 -33.48
C TYR A 1916 -37.89 30.24 -33.34
N GLY A 1917 -37.36 29.99 -32.14
CA GLY A 1917 -36.49 28.84 -31.96
C GLY A 1917 -37.25 27.52 -31.98
N LEU A 1918 -38.25 27.39 -31.11
CA LEU A 1918 -39.00 26.13 -31.05
C LEU A 1918 -39.77 25.89 -32.35
N CYS A 1919 -40.36 26.93 -32.92
CA CYS A 1919 -41.21 26.77 -34.09
C CYS A 1919 -40.62 27.47 -35.30
N PRO A 1920 -39.84 26.78 -36.13
CA PRO A 1920 -39.32 27.41 -37.35
C PRO A 1920 -40.25 27.23 -38.54
N THR A 1921 -41.23 26.34 -38.43
CA THR A 1921 -42.14 26.09 -39.53
C THR A 1921 -43.11 27.26 -39.73
N GLN A 1922 -43.89 27.56 -38.69
CA GLN A 1922 -44.84 28.68 -38.71
C GLN A 1922 -44.58 29.55 -37.49
N PRO A 1923 -43.50 30.34 -37.50
CA PRO A 1923 -43.18 31.16 -36.32
C PRO A 1923 -44.26 32.19 -35.99
N GLU A 1924 -44.97 32.70 -36.99
CA GLU A 1924 -45.92 33.77 -36.75
C GLU A 1924 -47.10 33.31 -35.90
N ARG A 1925 -47.66 32.15 -36.22
CA ARG A 1925 -48.80 31.65 -35.46
C ARG A 1925 -48.41 31.35 -34.02
N ALA A 1926 -47.25 30.75 -33.82
CA ALA A 1926 -46.80 30.42 -32.47
C ALA A 1926 -46.63 31.68 -31.63
N GLN A 1927 -46.11 32.74 -32.23
CA GLN A 1927 -45.96 34.00 -31.51
C GLN A 1927 -47.30 34.54 -31.05
N GLU A 1928 -48.32 34.49 -31.91
CA GLU A 1928 -49.64 34.97 -31.54
C GLU A 1928 -50.24 34.14 -30.43
N LEU A 1929 -50.16 32.81 -30.55
CA LEU A 1929 -50.72 31.95 -29.51
C LEU A 1929 -50.01 32.17 -28.17
N LEU A 1930 -48.68 32.30 -28.20
CA LEU A 1930 -47.93 32.56 -26.98
C LEU A 1930 -48.32 33.90 -26.37
N ASN A 1931 -48.52 34.93 -27.20
CA ASN A 1931 -48.91 36.23 -26.68
C ASN A 1931 -50.28 36.16 -26.01
N GLU A 1932 -51.24 35.46 -26.62
CA GLU A 1932 -52.54 35.32 -25.99
C GLU A 1932 -52.45 34.52 -24.69
N ALA A 1933 -51.62 33.48 -24.66
CA ALA A 1933 -51.45 32.71 -23.44
C ALA A 1933 -50.85 33.56 -22.32
N VAL A 1934 -49.85 34.37 -22.64
CA VAL A 1934 -49.24 35.25 -21.66
C VAL A 1934 -50.26 36.26 -21.17
N GLY A 1935 -51.08 36.80 -22.07
CA GLY A 1935 -52.13 37.71 -21.66
C GLY A 1935 -53.11 37.07 -20.70
N ARG A 1936 -53.50 35.82 -20.97
CA ARG A 1936 -54.42 35.13 -20.08
C ARG A 1936 -53.80 34.86 -18.71
N LEU A 1937 -52.55 34.43 -18.67
CA LEU A 1937 -51.90 34.11 -17.40
C LEU A 1937 -51.32 35.33 -16.70
N GLN A 1938 -51.41 36.51 -17.29
CA GLN A 1938 -50.85 37.70 -16.67
C GLN A 1938 -51.53 37.99 -15.34
N GLY A 1939 -50.74 38.34 -14.34
CA GLY A 1939 -51.26 38.68 -13.02
C GLY A 1939 -51.51 37.54 -12.08
N LEU A 1940 -52.16 36.48 -12.55
CA LEU A 1940 -52.56 35.36 -11.69
C LEU A 1940 -51.37 34.41 -11.47
N THR A 1941 -50.25 34.98 -11.03
CA THR A 1941 -49.05 34.21 -10.74
C THR A 1941 -48.55 34.59 -9.36
N VAL A 1942 -48.34 33.58 -8.51
CA VAL A 1942 -47.76 33.78 -7.18
C VAL A 1942 -46.69 32.73 -6.92
N PRO A 1943 -45.46 32.95 -7.38
CA PRO A 1943 -44.37 32.04 -7.01
C PRO A 1943 -44.20 32.00 -5.50
N SER A 1944 -43.89 30.81 -4.99
CA SER A 1944 -43.95 30.58 -3.55
C SER A 1944 -42.64 30.04 -3.00
N ASN A 1945 -42.66 29.56 -1.76
CA ASN A 1945 -41.47 29.03 -1.11
C ASN A 1945 -40.85 27.91 -1.94
N SER A 1946 -39.55 28.00 -2.14
CA SER A 1946 -38.79 27.03 -2.94
C SER A 1946 -37.31 27.28 -2.67
N HIS A 1947 -36.47 26.47 -3.31
CA HIS A 1947 -35.03 26.58 -3.14
C HIS A 1947 -34.34 26.07 -4.40
N LEU A 1948 -33.28 26.78 -4.80
CA LEU A 1948 -32.57 26.48 -6.03
C LEU A 1948 -31.12 26.12 -5.71
N VAL A 1949 -30.64 25.05 -6.31
CA VAL A 1949 -29.26 24.59 -6.13
C VAL A 1949 -28.56 24.66 -7.48
N LEU A 1950 -27.39 25.29 -7.50
CA LEU A 1950 -26.60 25.44 -8.72
C LEU A 1950 -25.41 24.50 -8.66
N VAL A 1951 -25.19 23.75 -9.73
CA VAL A 1951 -24.03 22.89 -9.88
C VAL A 1951 -23.23 23.42 -11.06
N LEU A 1952 -22.01 23.88 -10.78
CA LEU A 1952 -21.17 24.52 -11.78
C LEU A 1952 -19.88 23.73 -11.96
N ASP A 1953 -19.35 23.77 -13.19
CA ASP A 1953 -18.10 23.10 -13.49
C ASP A 1953 -16.92 23.97 -13.06
N LYS A 1954 -15.71 23.60 -13.46
CA LYS A 1954 -14.52 24.23 -12.91
C LYS A 1954 -14.31 25.65 -13.43
N ASP A 1955 -14.75 25.93 -14.65
CA ASP A 1955 -14.54 27.26 -15.23
C ASP A 1955 -15.67 28.23 -14.91
N LEU A 1956 -16.90 27.76 -14.81
CA LEU A 1956 -18.05 28.63 -14.53
C LEU A 1956 -18.21 28.93 -13.05
N GLN A 1957 -17.45 28.26 -12.18
CA GLN A 1957 -17.55 28.53 -10.75
C GLN A 1957 -16.99 29.89 -10.39
N LYS A 1958 -16.08 30.43 -11.19
CA LYS A 1958 -15.44 31.70 -10.87
C LYS A 1958 -16.41 32.86 -11.02
N LEU A 1959 -17.35 32.77 -11.96
CA LEU A 1959 -18.25 33.88 -12.22
C LEU A 1959 -19.29 34.02 -11.11
N PRO A 1960 -19.71 35.25 -10.82
CA PRO A 1960 -20.77 35.48 -9.81
C PRO A 1960 -22.18 35.34 -10.38
N TRP A 1961 -22.62 34.08 -10.51
CA TRP A 1961 -23.97 33.83 -11.02
C TRP A 1961 -25.05 34.30 -10.05
N GLU A 1962 -24.75 34.32 -8.75
CA GLU A 1962 -25.76 34.66 -7.75
C GLU A 1962 -26.19 36.12 -7.83
N SER A 1963 -25.38 36.99 -8.42
CA SER A 1963 -25.67 38.42 -8.44
C SER A 1963 -26.35 38.88 -9.72
N MET A 1964 -26.91 37.95 -10.49
CA MET A 1964 -27.70 38.35 -11.65
C MET A 1964 -28.95 39.09 -11.17
N PRO A 1965 -29.46 40.05 -11.95
CA PRO A 1965 -30.66 40.79 -11.51
C PRO A 1965 -31.87 39.90 -11.23
N SER A 1966 -32.07 38.85 -12.04
CA SER A 1966 -33.25 38.00 -11.85
C SER A 1966 -33.14 37.15 -10.59
N LEU A 1967 -31.92 36.74 -10.24
CA LEU A 1967 -31.71 35.89 -9.08
C LEU A 1967 -31.42 36.66 -7.81
N GLN A 1968 -31.63 37.98 -7.81
CA GLN A 1968 -31.35 38.79 -6.63
C GLN A 1968 -32.56 38.84 -5.70
N ALA A 1969 -33.45 37.85 -5.82
CA ALA A 1969 -34.64 37.81 -4.99
C ALA A 1969 -34.96 36.39 -4.54
N LEU A 1970 -34.02 35.47 -4.71
CA LEU A 1970 -34.25 34.06 -4.44
C LEU A 1970 -33.14 33.50 -3.56
N PRO A 1971 -33.43 32.44 -2.80
CA PRO A 1971 -32.38 31.75 -2.04
C PRO A 1971 -31.63 30.78 -2.95
N VAL A 1972 -30.33 30.99 -3.09
CA VAL A 1972 -29.50 30.20 -4.00
C VAL A 1972 -28.29 29.68 -3.24
N THR A 1973 -28.01 28.39 -3.39
CA THR A 1973 -26.80 27.77 -2.88
C THR A 1973 -26.21 26.88 -3.95
N ARG A 1974 -24.91 26.64 -3.85
CA ARG A 1974 -24.20 25.81 -4.82
C ARG A 1974 -23.56 24.62 -4.11
N LEU A 1975 -23.63 23.46 -4.76
CA LEU A 1975 -23.13 22.21 -4.22
C LEU A 1975 -22.21 21.56 -5.23
N PRO A 1976 -21.25 20.74 -4.76
CA PRO A 1976 -20.34 20.08 -5.71
C PRO A 1976 -21.03 19.16 -6.70
N SER A 1977 -22.07 18.43 -6.28
CA SER A 1977 -22.68 17.44 -7.16
C SER A 1977 -24.08 17.11 -6.66
N PHE A 1978 -24.81 16.37 -7.49
CA PHE A 1978 -26.19 16.00 -7.18
C PHE A 1978 -26.27 14.99 -6.05
N ARG A 1979 -25.30 14.08 -5.96
CA ARG A 1979 -25.35 13.04 -4.94
C ARG A 1979 -25.21 13.61 -3.53
N PHE A 1980 -24.65 14.81 -3.41
CA PHE A 1980 -24.50 15.41 -2.09
C PHE A 1980 -25.84 15.76 -1.46
N LEU A 1981 -26.80 16.20 -2.28
CA LEU A 1981 -28.14 16.48 -1.78
C LEU A 1981 -28.79 15.21 -1.23
N LEU A 1982 -28.65 14.10 -1.96
CA LEU A 1982 -29.16 12.83 -1.49
C LEU A 1982 -28.46 12.40 -0.20
N SER A 1983 -27.15 12.64 -0.10
CA SER A 1983 -26.43 12.31 1.12
C SER A 1983 -26.95 13.13 2.30
N TYR A 1984 -27.24 14.41 2.07
CA TYR A 1984 -27.83 15.23 3.12
C TYR A 1984 -29.18 14.69 3.54
N SER A 1985 -29.99 14.23 2.58
CA SER A 1985 -31.27 13.62 2.92
C SER A 1985 -31.08 12.37 3.77
N ILE A 1986 -30.11 11.53 3.41
CA ILE A 1986 -29.86 10.30 4.17
C ILE A 1986 -29.44 10.63 5.59
N ILE A 1987 -28.51 11.59 5.74
CA ILE A 1987 -28.05 11.97 7.07
C ILE A 1987 -29.20 12.54 7.89
N LYS A 1988 -30.05 13.35 7.27
CA LYS A 1988 -31.18 13.92 7.97
C LYS A 1988 -32.16 12.84 8.41
N GLU A 1989 -32.34 11.80 7.58
CA GLU A 1989 -33.24 10.72 7.94
C GLU A 1989 -32.67 9.87 9.07
N TYR A 1990 -31.35 9.75 9.16
CA TYR A 1990 -30.77 9.01 10.27
C TYR A 1990 -30.42 9.92 11.46
N GLY A 1991 -30.80 11.19 11.36
CA GLY A 1991 -30.70 12.10 12.49
C GLY A 1991 -29.31 12.34 13.04
N ALA A 1992 -28.33 12.53 12.15
CA ALA A 1992 -26.97 12.79 12.59
C ALA A 1992 -26.69 14.28 12.67
N SER A 1993 -26.93 15.01 11.58
CA SER A 1993 -26.66 16.44 11.55
C SER A 1993 -27.70 17.19 12.37
N PRO A 1994 -27.29 17.92 13.41
CA PRO A 1994 -28.28 18.59 14.26
C PRO A 1994 -28.72 19.95 13.73
N VAL A 1995 -27.88 20.60 12.92
CA VAL A 1995 -28.22 21.94 12.43
C VAL A 1995 -29.42 21.87 11.50
N LEU A 1996 -29.45 20.89 10.61
CA LEU A 1996 -30.55 20.76 9.65
C LEU A 1996 -31.73 20.05 10.27
N SER A 1997 -31.73 19.91 11.60
CA SER A 1997 -32.83 19.27 12.30
C SER A 1997 -33.34 20.13 13.44
N GLN A 1998 -32.48 20.99 13.99
CA GLN A 1998 -32.86 21.81 15.13
C GLN A 1998 -32.55 23.29 14.94
N GLY A 1999 -31.54 23.64 14.16
CA GLY A 1999 -31.35 25.03 13.75
C GLY A 1999 -30.25 25.76 14.48
N VAL A 2000 -29.37 26.44 13.74
CA VAL A 2000 -28.20 27.10 14.31
C VAL A 2000 -28.63 28.01 15.46
N ASP A 2001 -28.11 27.74 16.65
CA ASP A 2001 -28.44 28.46 17.86
C ASP A 2001 -27.40 29.56 18.08
N PRO A 2002 -27.82 30.82 18.16
CA PRO A 2002 -26.84 31.91 18.30
C PRO A 2002 -26.25 32.01 19.69
N ARG A 2003 -25.80 30.87 20.22
CA ARG A 2003 -25.16 30.84 21.54
C ARG A 2003 -23.77 30.23 21.51
N SER A 2004 -23.45 29.43 20.50
CA SER A 2004 -22.17 28.74 20.42
C SER A 2004 -21.37 29.35 19.27
N THR A 2005 -20.49 30.28 19.60
CA THR A 2005 -19.73 31.02 18.59
C THR A 2005 -18.27 31.07 18.99
N PHE A 2006 -17.39 30.82 18.02
CA PHE A 2006 -15.95 30.91 18.20
C PHE A 2006 -15.38 31.73 17.05
N TYR A 2007 -14.72 32.83 17.38
CA TYR A 2007 -14.18 33.73 16.36
C TYR A 2007 -12.67 33.85 16.50
N VAL A 2008 -12.00 33.96 15.35
CA VAL A 2008 -10.57 34.17 15.28
C VAL A 2008 -10.33 35.53 14.64
N LEU A 2009 -9.65 36.42 15.36
CA LEU A 2009 -9.43 37.78 14.92
C LEU A 2009 -7.95 38.10 14.93
N ASN A 2010 -7.42 38.51 13.78
CA ASN A 2010 -6.03 38.92 13.62
C ASN A 2010 -5.06 37.86 14.15
N PRO A 2011 -4.88 36.74 13.46
CA PRO A 2011 -3.88 35.77 13.88
C PRO A 2011 -2.49 36.38 13.97
N HIS A 2012 -2.03 36.94 12.85
CA HIS A 2012 -0.81 37.73 12.82
C HIS A 2012 -1.17 39.19 12.61
N ASN A 2013 -0.59 40.07 13.43
CA ASN A 2013 -1.04 41.45 13.49
C ASN A 2013 -0.61 42.27 12.27
N ASN A 2014 -1.21 41.98 11.12
CA ASN A 2014 -0.97 42.80 9.94
C ASN A 2014 -2.12 43.79 9.72
N LEU A 2015 -3.29 43.50 10.28
CA LEU A 2015 -4.44 44.38 10.20
C LEU A 2015 -4.61 45.14 11.51
N SER A 2016 -5.03 46.40 11.44
CA SER A 2016 -5.17 47.21 12.63
C SER A 2016 -6.60 47.71 12.83
N SER A 2017 -7.20 48.27 11.77
CA SER A 2017 -8.52 48.87 11.91
C SER A 2017 -9.61 47.81 12.05
N THR A 2018 -9.41 46.65 11.42
CA THR A 2018 -10.39 45.58 11.54
C THR A 2018 -10.55 45.15 12.99
N GLU A 2019 -9.43 45.02 13.71
CA GLU A 2019 -9.49 44.68 15.13
C GLU A 2019 -10.25 45.75 15.90
N GLU A 2020 -9.94 47.02 15.65
CA GLU A 2020 -10.59 48.10 16.38
C GLU A 2020 -12.10 48.08 16.15
N GLN A 2021 -12.52 47.83 14.92
CA GLN A 2021 -13.95 47.82 14.64
C GLN A 2021 -14.65 46.60 15.22
N PHE A 2022 -14.05 45.42 15.07
CA PHE A 2022 -14.75 44.18 15.39
C PHE A 2022 -14.51 43.69 16.81
N ARG A 2023 -13.71 44.40 17.60
CA ARG A 2023 -13.45 43.96 18.98
C ARG A 2023 -14.71 44.06 19.84
N ALA A 2024 -15.30 45.25 19.91
CA ALA A 2024 -16.48 45.44 20.76
C ALA A 2024 -17.69 44.70 20.20
N ASN A 2025 -17.82 44.66 18.87
CA ASN A 2025 -18.97 44.00 18.27
C ASN A 2025 -18.96 42.50 18.50
N PHE A 2026 -17.78 41.94 18.81
CA PHE A 2026 -17.63 40.52 19.07
C PHE A 2026 -17.47 40.21 20.55
N SER A 2027 -17.16 41.20 21.38
CA SER A 2027 -16.90 40.95 22.81
C SER A 2027 -18.20 40.80 23.61
N SER A 2028 -19.02 41.85 23.62
CA SER A 2028 -20.21 41.87 24.47
C SER A 2028 -21.32 41.01 23.89
N GLU A 2029 -21.19 39.69 24.00
CA GLU A 2029 -22.20 38.77 23.47
C GLU A 2029 -22.51 37.69 24.50
N ALA A 2030 -23.23 36.65 24.08
CA ALA A 2030 -23.57 35.55 24.98
C ALA A 2030 -22.95 34.27 24.44
N GLY A 2031 -22.01 33.70 25.20
CA GLY A 2031 -21.39 32.45 24.80
C GLY A 2031 -20.40 32.54 23.66
N TRP A 2032 -19.82 33.72 23.42
CA TRP A 2032 -18.89 33.90 22.31
C TRP A 2032 -17.45 33.80 22.82
N ARG A 2033 -16.97 32.57 22.89
CA ARG A 2033 -15.56 32.33 23.15
C ARG A 2033 -14.74 32.77 21.95
N GLY A 2034 -13.60 33.39 22.20
CA GLY A 2034 -12.79 33.92 21.12
C GLY A 2034 -11.33 34.00 21.51
N VAL A 2035 -10.47 34.01 20.49
CA VAL A 2035 -9.04 34.20 20.63
C VAL A 2035 -8.62 35.30 19.68
N VAL A 2036 -7.96 36.33 20.20
CA VAL A 2036 -7.53 37.47 19.40
C VAL A 2036 -6.12 37.86 19.81
N GLY A 2037 -5.25 38.10 18.83
CA GLY A 2037 -3.91 38.56 19.10
C GLY A 2037 -2.82 37.66 18.55
N GLU A 2038 -3.04 36.35 18.60
CA GLU A 2038 -2.01 35.40 18.18
C GLU A 2038 -2.59 34.29 17.32
N VAL A 2039 -1.79 33.28 17.05
CA VAL A 2039 -2.20 32.14 16.22
C VAL A 2039 -2.85 31.09 17.13
N PRO A 2040 -4.10 30.72 16.89
CA PRO A 2040 -4.72 29.66 17.71
C PRO A 2040 -4.02 28.33 17.52
N ARG A 2041 -3.92 27.56 18.59
CA ARG A 2041 -3.36 26.22 18.50
C ARG A 2041 -4.41 25.27 17.89
N PRO A 2042 -3.98 24.20 17.23
CA PRO A 2042 -4.95 23.34 16.51
C PRO A 2042 -6.02 22.72 17.39
N GLU A 2043 -5.76 22.51 18.68
CA GLU A 2043 -6.76 21.91 19.56
C GLU A 2043 -7.97 22.82 19.74
N GLN A 2044 -7.73 24.13 19.85
CA GLN A 2044 -8.83 25.06 20.05
C GLN A 2044 -9.77 25.07 18.85
N VAL A 2045 -9.22 25.19 17.64
CA VAL A 2045 -10.06 25.18 16.45
C VAL A 2045 -10.65 23.80 16.24
N GLN A 2046 -9.92 22.76 16.65
CA GLN A 2046 -10.46 21.40 16.68
C GLN A 2046 -11.80 21.35 17.40
N GLU A 2047 -11.81 21.72 18.68
CA GLU A 2047 -13.03 21.70 19.46
C GLU A 2047 -14.03 22.78 19.03
N ALA A 2048 -13.56 23.86 18.42
CA ALA A 2048 -14.45 24.92 17.95
C ALA A 2048 -15.21 24.52 16.69
N LEU A 2049 -14.66 23.63 15.89
CA LEU A 2049 -15.37 23.13 14.72
C LEU A 2049 -16.18 21.88 15.02
N THR A 2050 -15.68 20.98 15.87
CA THR A 2050 -16.40 19.76 16.14
C THR A 2050 -17.60 19.99 17.05
N LYS A 2051 -17.45 20.82 18.08
CA LYS A 2051 -18.45 20.92 19.14
C LYS A 2051 -19.29 22.20 19.07
N HIS A 2052 -18.74 23.29 18.55
CA HIS A 2052 -19.45 24.57 18.56
C HIS A 2052 -20.46 24.61 17.43
N ASP A 2053 -21.03 25.79 17.17
CA ASP A 2053 -22.06 25.94 16.16
C ASP A 2053 -21.75 27.00 15.10
N LEU A 2054 -20.95 28.01 15.41
CA LEU A 2054 -20.66 29.07 14.45
C LEU A 2054 -19.19 29.45 14.56
N TYR A 2055 -18.44 29.26 13.48
CA TYR A 2055 -17.02 29.57 13.43
C TYR A 2055 -16.80 30.72 12.46
N ILE A 2056 -16.17 31.80 12.93
CA ILE A 2056 -15.95 33.00 12.14
C ILE A 2056 -14.46 33.31 12.16
N TYR A 2057 -13.90 33.57 10.98
CA TYR A 2057 -12.46 33.85 10.84
C TYR A 2057 -12.32 35.08 9.95
N ALA A 2058 -11.66 36.11 10.47
CA ALA A 2058 -11.51 37.37 9.77
C ALA A 2058 -10.08 37.68 9.37
N GLY A 2059 -9.17 36.73 9.62
CA GLY A 2059 -7.75 36.93 9.26
C GLY A 2059 -7.57 36.82 7.76
N HIS A 2060 -6.35 37.08 7.27
CA HIS A 2060 -6.09 36.94 5.81
C HIS A 2060 -6.14 35.45 5.47
N GLY A 2061 -6.77 35.12 4.34
CA GLY A 2061 -6.85 33.71 3.89
C GLY A 2061 -7.99 32.98 4.57
N ALA A 2062 -8.14 31.69 4.27
CA ALA A 2062 -9.24 30.89 4.85
C ALA A 2062 -8.79 30.33 6.20
N GLY A 2063 -7.48 30.34 6.45
CA GLY A 2063 -6.97 29.76 7.67
C GLY A 2063 -6.34 28.40 7.52
N ALA A 2064 -5.83 28.05 6.34
CA ALA A 2064 -5.22 26.74 6.14
C ALA A 2064 -3.96 26.59 6.96
N ARG A 2065 -3.41 27.69 7.48
CA ARG A 2065 -2.21 27.62 8.31
C ARG A 2065 -2.48 26.87 9.60
N PHE A 2066 -3.66 27.04 10.20
CA PHE A 2066 -3.99 26.37 11.45
C PHE A 2066 -4.65 25.03 11.17
N LEU A 2067 -5.77 25.06 10.45
CA LEU A 2067 -6.56 23.87 10.18
C LEU A 2067 -6.44 23.54 8.69
N ASP A 2068 -5.43 22.74 8.35
CA ASP A 2068 -5.29 22.29 6.97
C ASP A 2068 -6.42 21.33 6.62
N GLY A 2069 -6.55 21.07 5.32
CA GLY A 2069 -7.67 20.27 4.84
C GLY A 2069 -7.70 18.87 5.43
N GLN A 2070 -6.52 18.27 5.60
CA GLN A 2070 -6.46 16.90 6.11
C GLN A 2070 -6.97 16.84 7.54
N ALA A 2071 -6.64 17.84 8.36
CA ALA A 2071 -7.19 17.88 9.71
C ALA A 2071 -8.71 18.02 9.69
N VAL A 2072 -9.24 18.79 8.74
CA VAL A 2072 -10.68 18.97 8.63
C VAL A 2072 -11.36 17.65 8.26
N LEU A 2073 -10.77 16.92 7.30
CA LEU A 2073 -11.39 15.68 6.85
C LEU A 2073 -11.53 14.66 7.97
N ARG A 2074 -10.64 14.73 8.96
CA ARG A 2074 -10.65 13.74 10.03
C ARG A 2074 -11.85 13.94 10.96
N LEU A 2075 -12.51 15.09 10.85
CA LEU A 2075 -13.52 15.48 11.82
C LEU A 2075 -14.93 15.10 11.36
N SER A 2076 -15.91 15.50 12.13
CA SER A 2076 -17.30 15.57 11.70
C SER A 2076 -17.75 17.02 11.87
N CYS A 2077 -18.11 17.66 10.76
CA CYS A 2077 -18.43 19.08 10.77
C CYS A 2077 -19.85 19.29 11.29
N ARG A 2078 -19.97 20.09 12.35
CA ARG A 2078 -21.26 20.31 13.01
C ARG A 2078 -21.51 21.78 13.23
N ALA A 2079 -20.95 22.65 12.39
CA ALA A 2079 -21.07 24.08 12.55
C ALA A 2079 -21.19 24.74 11.18
N VAL A 2080 -21.48 26.03 11.20
CA VAL A 2080 -21.55 26.85 9.99
C VAL A 2080 -20.32 27.76 9.99
N ALA A 2081 -19.54 27.70 8.91
CA ALA A 2081 -18.27 28.41 8.83
C ALA A 2081 -18.45 29.67 8.02
N LEU A 2082 -18.24 30.82 8.67
CA LEU A 2082 -18.27 32.12 8.00
C LEU A 2082 -16.83 32.58 7.85
N LEU A 2083 -16.23 32.27 6.70
CA LEU A 2083 -14.83 32.61 6.43
C LEU A 2083 -14.80 33.90 5.63
N PHE A 2084 -14.49 35.00 6.32
CA PHE A 2084 -14.45 36.32 5.71
C PHE A 2084 -13.01 36.70 5.37
N GLY A 2085 -12.43 35.93 4.43
CA GLY A 2085 -11.06 36.14 4.03
C GLY A 2085 -10.92 36.23 2.53
N CYS A 2086 -9.73 36.61 2.10
CA CYS A 2086 -9.46 36.77 0.68
C CYS A 2086 -9.39 35.41 -0.01
N SER A 2087 -10.25 35.21 -1.00
CA SER A 2087 -10.33 33.97 -1.77
C SER A 2087 -10.45 32.75 -0.87
N SER A 2088 -11.44 32.80 0.02
CA SER A 2088 -11.72 31.68 0.90
C SER A 2088 -12.55 30.61 0.21
N ALA A 2089 -13.54 31.01 -0.58
CA ALA A 2089 -14.39 30.08 -1.31
C ALA A 2089 -13.88 29.81 -2.72
N ALA A 2090 -12.77 30.41 -3.12
CA ALA A 2090 -12.26 30.24 -4.46
C ALA A 2090 -11.59 28.88 -4.62
N LEU A 2091 -11.75 28.30 -5.81
CA LEU A 2091 -11.11 27.03 -6.14
C LEU A 2091 -9.98 27.29 -7.13
N ALA A 2092 -8.79 26.80 -6.80
CA ALA A 2092 -7.61 27.03 -7.63
C ALA A 2092 -7.63 26.09 -8.82
N VAL A 2093 -7.56 26.65 -10.02
CA VAL A 2093 -7.55 25.87 -11.25
C VAL A 2093 -6.12 25.94 -11.80
N HIS A 2094 -5.38 24.85 -11.63
CA HIS A 2094 -4.05 24.73 -12.21
C HIS A 2094 -4.12 23.79 -13.41
N GLY A 2095 -3.91 24.35 -14.60
CA GLY A 2095 -3.96 23.54 -15.81
C GLY A 2095 -5.36 22.98 -16.05
N ASN A 2096 -5.39 21.74 -16.55
CA ASN A 2096 -6.65 21.07 -16.80
C ASN A 2096 -7.20 20.35 -15.58
N LEU A 2097 -6.49 20.38 -14.45
CA LEU A 2097 -6.95 19.70 -13.26
C LEU A 2097 -8.17 20.41 -12.68
N GLU A 2098 -8.99 19.64 -11.98
CA GLU A 2098 -10.20 20.19 -11.38
C GLU A 2098 -9.85 21.04 -10.17
N GLY A 2099 -10.85 21.79 -9.69
CA GLY A 2099 -10.61 22.73 -8.61
C GLY A 2099 -10.24 22.04 -7.31
N ALA A 2100 -9.52 22.79 -6.47
CA ALA A 2100 -9.09 22.32 -5.17
C ALA A 2100 -9.21 23.46 -4.17
N GLY A 2101 -9.75 23.16 -3.00
CA GLY A 2101 -9.90 24.17 -1.97
C GLY A 2101 -10.35 23.57 -0.66
N ILE A 2102 -10.31 24.41 0.37
CA ILE A 2102 -10.73 24.00 1.70
C ILE A 2102 -12.25 23.85 1.79
N VAL A 2103 -12.99 24.54 0.93
CA VAL A 2103 -14.45 24.43 0.93
C VAL A 2103 -14.88 23.01 0.60
N LEU A 2104 -14.15 22.35 -0.31
CA LEU A 2104 -14.46 20.97 -0.65
C LEU A 2104 -14.29 20.06 0.56
N LYS A 2105 -13.21 20.24 1.32
CA LYS A 2105 -13.02 19.45 2.53
C LYS A 2105 -14.12 19.72 3.55
N TYR A 2106 -14.52 20.99 3.70
CA TYR A 2106 -15.59 21.31 4.64
C TYR A 2106 -16.89 20.63 4.23
N ILE A 2107 -17.20 20.60 2.93
CA ILE A 2107 -18.41 19.93 2.46
C ILE A 2107 -18.30 18.42 2.67
N MET A 2108 -17.10 17.84 2.45
CA MET A 2108 -16.92 16.41 2.71
C MET A 2108 -17.14 16.08 4.18
N ALA A 2109 -16.71 16.96 5.09
CA ALA A 2109 -16.93 16.72 6.50
C ALA A 2109 -18.39 16.85 6.92
N GLY A 2110 -19.26 17.33 6.01
CA GLY A 2110 -20.67 17.46 6.32
C GLY A 2110 -21.03 18.81 6.92
N CYS A 2111 -20.65 19.88 6.24
CA CYS A 2111 -20.94 21.22 6.72
C CYS A 2111 -22.29 21.68 6.20
N PRO A 2112 -23.21 22.11 7.08
CA PRO A 2112 -24.50 22.61 6.60
C PRO A 2112 -24.38 23.83 5.70
N LEU A 2113 -23.44 24.73 5.97
CA LEU A 2113 -23.28 25.92 5.15
C LEU A 2113 -21.85 26.44 5.28
N PHE A 2114 -21.33 26.97 4.18
CA PHE A 2114 -20.00 27.57 4.15
C PHE A 2114 -20.08 28.86 3.34
N LEU A 2115 -19.55 29.95 3.92
CA LEU A 2115 -19.61 31.26 3.30
C LEU A 2115 -18.20 31.82 3.15
N GLY A 2116 -17.92 32.41 2.00
CA GLY A 2116 -16.60 32.95 1.76
C GLY A 2116 -16.58 33.79 0.50
N ASN A 2117 -15.47 34.49 0.31
CA ASN A 2117 -15.28 35.38 -0.84
C ASN A 2117 -14.83 34.60 -2.06
N LEU A 2118 -15.14 35.15 -3.23
CA LEU A 2118 -14.80 34.52 -4.50
C LEU A 2118 -13.49 35.02 -5.09
N TRP A 2119 -13.20 36.31 -4.96
CA TRP A 2119 -11.93 36.87 -5.40
C TRP A 2119 -11.32 37.71 -4.27
N ASP A 2120 -10.12 38.21 -4.52
CA ASP A 2120 -9.40 38.96 -3.50
C ASP A 2120 -10.09 40.30 -3.22
N VAL A 2121 -10.10 40.68 -1.96
CA VAL A 2121 -10.74 41.91 -1.52
C VAL A 2121 -9.70 42.83 -0.90
N THR A 2122 -9.96 44.13 -0.99
CA THR A 2122 -9.01 45.16 -0.59
C THR A 2122 -9.28 45.70 0.80
N ASP A 2123 -10.12 45.04 1.58
CA ASP A 2123 -10.42 45.42 2.96
C ASP A 2123 -11.14 46.77 3.02
N ARG A 2124 -11.59 47.16 4.21
CA ARG A 2124 -12.22 48.44 4.49
C ARG A 2124 -13.63 48.53 3.90
N ASP A 2125 -14.02 47.53 3.10
CA ASP A 2125 -15.40 47.43 2.65
C ASP A 2125 -15.98 46.06 2.98
N ILE A 2126 -15.14 45.03 2.99
CA ILE A 2126 -15.52 43.76 3.57
C ILE A 2126 -15.91 43.97 5.02
N ASP A 2127 -15.30 44.95 5.69
CA ASP A 2127 -15.72 45.34 7.02
C ASP A 2127 -17.19 45.72 7.07
N ARG A 2128 -17.61 46.62 6.18
CA ARG A 2128 -19.01 47.06 6.16
C ARG A 2128 -19.94 45.91 5.80
N TYR A 2129 -19.53 45.07 4.83
CA TYR A 2129 -20.36 43.93 4.46
C TYR A 2129 -20.56 42.98 5.65
N THR A 2130 -19.47 42.67 6.35
CA THR A 2130 -19.54 41.79 7.51
C THR A 2130 -20.43 42.39 8.58
N GLU A 2131 -20.27 43.69 8.86
CA GLU A 2131 -21.08 44.33 9.89
C GLU A 2131 -22.55 44.26 9.54
N ALA A 2132 -22.90 44.59 8.29
CA ALA A 2132 -24.31 44.58 7.89
C ALA A 2132 -24.90 43.17 7.99
N LEU A 2133 -24.19 42.18 7.43
CA LEU A 2133 -24.71 40.82 7.46
C LEU A 2133 -24.88 40.31 8.88
N LEU A 2134 -23.87 40.53 9.74
CA LEU A 2134 -23.93 40.03 11.09
C LEU A 2134 -25.06 40.70 11.88
N GLN A 2135 -25.13 42.03 11.82
CA GLN A 2135 -26.19 42.73 12.54
C GLN A 2135 -27.56 42.25 12.08
N GLY A 2136 -27.80 42.20 10.77
CA GLY A 2136 -29.09 41.77 10.27
C GLY A 2136 -29.48 40.37 10.70
N TRP A 2137 -28.61 39.39 10.45
CA TRP A 2137 -29.00 38.01 10.71
C TRP A 2137 -29.06 37.72 12.21
N LEU A 2138 -28.17 38.34 13.00
CA LEU A 2138 -28.20 38.08 14.43
C LEU A 2138 -29.31 38.84 15.14
N GLY A 2139 -29.84 39.90 14.52
CA GLY A 2139 -30.96 40.59 15.11
C GLY A 2139 -32.28 40.26 14.43
N ALA A 2140 -32.24 39.28 13.53
CA ALA A 2140 -33.46 38.87 12.82
C ALA A 2140 -34.54 38.42 13.81
N GLY A 2141 -34.21 37.51 14.72
CA GLY A 2141 -35.16 37.04 15.69
C GLY A 2141 -35.07 35.54 15.94
N PRO A 2142 -36.23 34.89 16.07
CA PRO A 2142 -36.24 33.46 16.42
C PRO A 2142 -35.69 32.56 15.32
N GLY A 2143 -36.18 32.73 14.10
CA GLY A 2143 -35.74 31.89 12.99
C GLY A 2143 -35.95 32.54 11.65
N ALA A 2144 -34.89 32.57 10.83
CA ALA A 2144 -34.95 33.22 9.53
C ALA A 2144 -33.90 32.58 8.63
N PRO A 2145 -34.11 32.58 7.31
CA PRO A 2145 -33.11 32.01 6.40
C PRO A 2145 -31.90 32.94 6.30
N LEU A 2146 -30.71 32.36 6.38
CA LEU A 2146 -29.49 33.18 6.28
C LEU A 2146 -29.29 33.71 4.87
N LEU A 2147 -29.79 33.00 3.86
CA LEU A 2147 -29.58 33.42 2.48
C LEU A 2147 -30.27 34.74 2.19
N TYR A 2148 -31.44 34.97 2.79
CA TYR A 2148 -32.14 36.23 2.59
C TYR A 2148 -31.30 37.41 3.06
N TYR A 2149 -30.72 37.31 4.25
CA TYR A 2149 -29.88 38.40 4.76
C TYR A 2149 -28.56 38.47 4.01
N VAL A 2150 -28.07 37.35 3.50
CA VAL A 2150 -26.87 37.38 2.66
C VAL A 2150 -27.12 38.21 1.41
N ASN A 2151 -28.27 37.99 0.76
CA ASN A 2151 -28.61 38.80 -0.40
C ASN A 2151 -28.92 40.24 -0.04
N GLN A 2152 -29.48 40.49 1.14
CA GLN A 2152 -29.78 41.85 1.57
C GLN A 2152 -28.54 42.65 1.98
N ALA A 2153 -27.45 41.98 2.37
CA ALA A 2153 -26.27 42.67 2.85
C ALA A 2153 -25.31 43.07 1.73
N ARG A 2154 -25.62 42.78 0.47
CA ARG A 2154 -24.73 43.11 -0.63
C ARG A 2154 -24.78 44.59 -1.03
N GLN A 2155 -25.73 45.35 -0.52
CA GLN A 2155 -25.86 46.76 -0.87
C GLN A 2155 -25.11 47.69 0.07
N ALA A 2156 -24.57 47.18 1.18
CA ALA A 2156 -23.89 48.05 2.14
C ALA A 2156 -22.62 48.70 1.58
N PRO A 2157 -21.69 47.96 0.95
CA PRO A 2157 -20.41 48.58 0.58
C PRO A 2157 -20.57 49.66 -0.47
N ARG A 2158 -19.60 50.58 -0.49
CA ARG A 2158 -19.59 51.64 -1.49
C ARG A 2158 -19.43 51.07 -2.90
N LEU A 2159 -18.53 50.11 -3.05
CA LEU A 2159 -18.38 49.40 -4.31
C LEU A 2159 -19.28 48.16 -4.29
N LYS A 2160 -20.45 48.27 -4.91
CA LYS A 2160 -21.45 47.22 -4.82
C LYS A 2160 -21.11 45.98 -5.62
N TYR A 2161 -20.38 46.12 -6.73
CA TYR A 2161 -20.08 44.99 -7.58
C TYR A 2161 -18.64 44.50 -7.46
N LEU A 2162 -17.73 45.31 -6.94
CA LEU A 2162 -16.35 44.90 -6.74
C LEU A 2162 -16.14 44.13 -5.44
N ILE A 2163 -16.84 44.54 -4.37
CA ILE A 2163 -16.70 43.91 -3.06
C ILE A 2163 -18.01 43.28 -2.60
N GLY A 2164 -19.15 43.83 -2.99
CA GLY A 2164 -20.42 43.26 -2.61
C GLY A 2164 -20.74 41.95 -3.31
N ALA A 2165 -20.15 41.72 -4.48
CA ALA A 2165 -20.40 40.52 -5.26
C ALA A 2165 -19.44 39.38 -4.92
N ALA A 2166 -18.48 39.60 -4.03
CA ALA A 2166 -17.53 38.56 -3.69
C ALA A 2166 -18.17 37.36 -2.98
N PRO A 2167 -18.99 37.53 -1.94
CA PRO A 2167 -19.41 36.36 -1.15
C PRO A 2167 -20.31 35.41 -1.93
N ILE A 2168 -20.17 34.12 -1.61
CA ILE A 2168 -21.04 33.07 -2.11
C ILE A 2168 -21.36 32.11 -0.96
N ALA A 2169 -22.29 31.19 -1.21
CA ALA A 2169 -22.74 30.26 -0.19
C ALA A 2169 -22.64 28.83 -0.71
N TYR A 2170 -22.04 27.96 0.09
CA TYR A 2170 -21.91 26.54 -0.23
C TYR A 2170 -22.66 25.72 0.81
N GLY A 2171 -23.55 24.83 0.34
CA GLY A 2171 -24.27 23.95 1.23
C GLY A 2171 -25.76 23.98 0.97
N LEU A 2172 -26.53 23.82 2.04
CA LEU A 2172 -27.98 23.81 2.01
C LEU A 2172 -28.52 24.91 2.93
N PRO A 2173 -29.74 25.38 2.70
CA PRO A 2173 -30.26 26.50 3.49
C PRO A 2173 -30.33 26.16 4.97
N VAL A 2174 -29.96 27.14 5.80
CA VAL A 2174 -29.86 26.96 7.23
C VAL A 2174 -30.59 28.11 7.92
N SER A 2175 -31.44 27.78 8.88
CA SER A 2175 -32.19 28.77 9.63
C SER A 2175 -31.96 28.54 11.12
N LEU A 2176 -32.31 29.55 11.91
CA LEU A 2176 -32.25 29.43 13.35
C LEU A 2176 -33.42 28.60 13.87
N ARG A 2177 -33.57 28.58 15.19
CA ARG A 2177 -34.63 27.78 15.82
C ARG A 2177 -36.00 28.19 15.29
ZN ZN B . 23.82 1.45 -23.98
#